data_6R4G
#
_entry.id   6R4G
#
_cell.length_a   152.432
_cell.length_b   152.432
_cell.length_c   169.268
_cell.angle_alpha   90.00
_cell.angle_beta   90.00
_cell.angle_gamma   90.00
#
_symmetry.space_group_name_H-M   'P 41 21 2'
#
loop_
_entity.id
_entity.type
_entity.pdbx_description
1 polymer 'Glutamine--fructose-6-phosphate aminotransferase [isomerizing] 1'
2 non-polymer URIDINE-DIPHOSPHATE-N-ACETYLGLUCOSAMINE
3 non-polymer 'MAGNESIUM ION'
4 non-polymer GLUCOSE-6-PHOSPHATE
5 water water
#
_entity_poly.entity_id   1
_entity_poly.type   'polypeptide(L)'
_entity_poly.pdbx_seq_one_letter_code
;MCGIFAYLNYHVPRTRREILETLIKGLQRLEYRGYDSAGVGFDGGNDKDWEANACKIQLIKKKGKVKALDEEVHKQQDMD
LDIEFDVHLGIAHTRWATHGEPSPVNSHPQRSDKNNEFIVIHNGIITNYKDLKKFLESKGYDFESETDTETIAKLVKYMY
DNRESQDTSFTTLVERVIQQLEGAFALVFKSVHFPGQAVGTRRGSPLLIGVRSEHKLSTDHIPILYRTGKDKKGSCNLSR
VDSTTCLFPVEEKAVEYYFASDASAVIEHTNRVIFLEDDDVAAVVDGRLSIHRIKRTAGHHHHHHDHPGRAVQTLQMELQ
QIMKGNFSSFMQKEIFEQPESVVNTMRGRVNFDDYTVNLGGLKDHIKEIQRCRRLILIACGTSYHAGVATRQVLEELTEL
PVMVELASDFLDRNTPVFRDDVCFFLSQSGETADTLMGLRYCKERGALTVGITNTVGSSISRETDCGVHINAGPEIGVAS
TKAYTSQFVSLVMFALMMCDDRISMQERRKEIMLGLKRLPDLIKEVLSMDDEIQKLATELYHQKSVLIMGRGYHYATCLE
GALKIKEITYMHSEGILAGELKHGPLALVDKLMPVIMIIMRDHTYAKCQNALQQVVARQGRPVVICDKEDTETIKNTKRT
IKVPHSVDCLQGILSVIPLQLLAFHLAVLRGYDVDFPRNLAKSVTVE
;
_entity_poly.pdbx_strand_id   A,B
#
# COMPACT_ATOMS: atom_id res chain seq x y z
N CYS A 2 9.38 -8.96 30.32
CA CYS A 2 10.01 -8.64 29.05
C CYS A 2 11.30 -9.44 28.87
N GLY A 3 12.13 -9.47 29.92
CA GLY A 3 13.36 -10.23 29.90
C GLY A 3 13.50 -11.13 31.11
N ILE A 4 13.48 -12.44 30.88
CA ILE A 4 13.53 -13.44 31.95
C ILE A 4 14.88 -14.16 31.91
N PHE A 5 15.46 -14.39 33.07
CA PHE A 5 16.68 -15.17 33.17
C PHE A 5 16.78 -15.78 34.56
N ALA A 6 17.05 -17.08 34.61
CA ALA A 6 17.28 -17.79 35.86
C ALA A 6 18.43 -18.75 35.67
N TYR A 7 19.24 -18.92 36.72
CA TYR A 7 20.43 -19.76 36.68
C TYR A 7 20.38 -20.73 37.85
N LEU A 8 20.42 -22.02 37.55
CA LEU A 8 20.36 -23.08 38.55
C LEU A 8 21.63 -23.90 38.47
N ASN A 9 22.46 -23.82 39.51
CA ASN A 9 23.68 -24.61 39.60
C ASN A 9 23.40 -25.76 40.57
N TYR A 10 23.43 -26.99 40.08
CA TYR A 10 23.17 -28.18 40.88
C TYR A 10 24.47 -28.96 41.03
N HIS A 11 25.03 -28.94 42.24
CA HIS A 11 26.31 -29.58 42.54
C HIS A 11 27.42 -29.04 41.63
N VAL A 12 27.28 -27.79 41.21
CA VAL A 12 28.36 -27.03 40.60
C VAL A 12 28.65 -25.88 41.58
N PRO A 13 29.63 -26.01 42.47
CA PRO A 13 29.84 -24.98 43.50
C PRO A 13 30.06 -23.61 42.88
N ARG A 14 29.26 -22.64 43.36
CA ARG A 14 29.41 -21.25 42.95
C ARG A 14 29.28 -20.37 44.18
N THR A 15 30.06 -19.29 44.20
CA THR A 15 29.91 -18.31 45.26
C THR A 15 28.75 -17.38 44.95
N ARG A 16 28.23 -16.75 46.00
CA ARG A 16 27.14 -15.80 45.81
C ARG A 16 27.53 -14.71 44.81
N ARG A 17 28.77 -14.22 44.89
CA ARG A 17 29.26 -13.28 43.90
C ARG A 17 29.11 -13.84 42.50
N GLU A 18 29.63 -15.05 42.27
CA GLU A 18 29.55 -15.66 40.95
C GLU A 18 28.10 -15.81 40.50
N ILE A 19 27.21 -16.19 41.42
CA ILE A 19 25.80 -16.33 41.06
C ILE A 19 25.22 -15.00 40.62
N LEU A 20 25.38 -13.96 41.46
CA LEU A 20 24.84 -12.65 41.13
C LEU A 20 25.44 -12.12 39.83
N GLU A 21 26.74 -12.30 39.63
CA GLU A 21 27.36 -11.90 38.38
C GLU A 21 26.70 -12.59 37.20
N THR A 22 26.37 -13.87 37.35
CA THR A 22 25.71 -14.60 36.27
C THR A 22 24.32 -14.03 36.00
N LEU A 23 23.58 -13.69 37.05
CA LEU A 23 22.25 -13.10 36.86
C LEU A 23 22.36 -11.74 36.18
N ILE A 24 23.21 -10.87 36.70
CA ILE A 24 23.38 -9.54 36.12
C ILE A 24 23.77 -9.66 34.66
N LYS A 25 24.71 -10.55 34.34
CA LYS A 25 25.17 -10.69 32.97
C LYS A 25 24.03 -11.13 32.06
N GLY A 26 23.17 -12.03 32.53
CA GLY A 26 22.04 -12.45 31.74
C GLY A 26 21.10 -11.31 31.40
N LEU A 27 20.83 -10.45 32.39
CA LEU A 27 19.94 -9.32 32.15
C LEU A 27 20.52 -8.34 31.13
N GLN A 28 21.85 -8.22 31.10
CA GLN A 28 22.47 -7.34 30.12
C GLN A 28 22.23 -7.83 28.70
N ARG A 29 22.22 -9.15 28.51
CA ARG A 29 21.89 -9.70 27.21
C ARG A 29 20.43 -9.42 26.84
N LEU A 30 19.55 -9.37 27.84
CA LEU A 30 18.14 -9.11 27.61
C LEU A 30 17.79 -7.64 27.67
N GLU A 31 18.64 -6.81 28.28
CA GLU A 31 18.35 -5.40 28.40
C GLU A 31 18.43 -4.73 27.04
N TYR A 32 17.41 -3.94 26.71
CA TYR A 32 17.39 -3.12 25.51
C TYR A 32 17.31 -1.66 25.92
N ARG A 33 17.52 -0.77 24.95
CA ARG A 33 17.47 0.66 25.19
C ARG A 33 16.19 1.04 25.92
N GLY A 34 16.34 1.64 27.09
CA GLY A 34 15.21 2.11 27.85
C GLY A 34 14.40 1.00 28.49
N TYR A 35 15.03 0.23 29.36
CA TYR A 35 14.34 -0.65 30.29
C TYR A 35 14.42 -0.02 31.68
N ASP A 36 13.27 0.17 32.32
CA ASP A 36 13.20 1.04 33.49
C ASP A 36 13.37 0.30 34.81
N SER A 37 12.96 -0.96 34.90
CA SER A 37 13.02 -1.68 36.17
C SER A 37 13.64 -3.07 35.98
N ALA A 38 14.41 -3.49 36.99
CA ALA A 38 15.03 -4.80 36.99
C ALA A 38 15.28 -5.22 38.43
N GLY A 39 15.42 -6.53 38.63
CA GLY A 39 15.65 -7.05 39.96
C GLY A 39 16.14 -8.49 39.91
N VAL A 40 16.57 -8.97 41.08
CA VAL A 40 17.08 -10.33 41.21
C VAL A 40 16.58 -10.93 42.52
N GLY A 41 16.37 -12.24 42.51
CA GLY A 41 16.00 -12.97 43.70
C GLY A 41 16.94 -14.12 43.96
N PHE A 42 17.40 -14.28 45.20
CA PHE A 42 18.39 -15.28 45.53
C PHE A 42 18.28 -15.63 47.00
N ASP A 43 19.03 -16.66 47.41
CA ASP A 43 19.04 -17.11 48.79
C ASP A 43 19.89 -16.16 49.62
N GLY A 44 19.26 -15.50 50.59
CA GLY A 44 19.98 -14.66 51.52
C GLY A 44 20.56 -15.46 52.67
N GLY A 45 21.18 -14.75 53.60
CA GLY A 45 21.78 -15.37 54.77
C GLY A 45 23.26 -15.64 54.57
N ASN A 46 24.07 -15.26 55.56
CA ASN A 46 25.52 -15.39 55.47
C ASN A 46 26.06 -16.51 56.37
N ASP A 47 25.28 -17.57 56.52
CA ASP A 47 25.75 -18.74 57.27
C ASP A 47 26.75 -19.51 56.40
N LYS A 48 27.90 -19.82 56.99
CA LYS A 48 28.94 -20.53 56.25
C LYS A 48 28.39 -21.78 55.60
N ASP A 49 28.70 -21.97 54.32
CA ASP A 49 28.15 -23.06 53.53
C ASP A 49 26.64 -22.93 53.39
N TRP A 50 26.08 -23.60 52.41
CA TRP A 50 24.67 -23.46 52.05
C TRP A 50 23.81 -24.41 52.87
N GLU A 51 22.61 -24.71 52.39
CA GLU A 51 21.70 -25.66 53.02
C GLU A 51 20.98 -25.01 54.20
N ALA A 52 21.70 -24.22 55.00
CA ALA A 52 21.09 -23.45 56.07
C ALA A 52 20.59 -22.09 55.61
N ASN A 53 21.04 -21.62 54.44
CA ASN A 53 20.62 -20.34 53.89
C ASN A 53 19.57 -20.49 52.81
N ALA A 54 18.94 -21.66 52.69
CA ALA A 54 17.96 -21.90 51.64
C ALA A 54 16.56 -21.43 52.01
N CYS A 55 16.30 -21.17 53.30
CA CYS A 55 15.01 -20.71 53.75
C CYS A 55 14.93 -19.19 53.89
N LYS A 56 15.79 -18.47 53.17
CA LYS A 56 15.84 -17.00 53.23
C LYS A 56 16.02 -16.47 51.82
N ILE A 57 14.89 -16.21 51.15
CA ILE A 57 14.92 -15.63 49.82
C ILE A 57 15.06 -14.12 49.96
N GLN A 58 16.11 -13.56 49.35
CA GLN A 58 16.36 -12.12 49.38
C GLN A 58 16.10 -11.53 48.00
N LEU A 59 15.47 -10.36 47.98
CA LEU A 59 15.17 -9.65 46.75
C LEU A 59 15.94 -8.34 46.71
N ILE A 60 16.52 -8.05 45.55
CA ILE A 60 17.16 -6.76 45.29
C ILE A 60 16.59 -6.27 43.97
N LYS A 61 15.64 -5.34 44.05
CA LYS A 61 15.00 -4.76 42.88
C LYS A 61 15.29 -3.27 42.84
N LYS A 62 15.26 -2.70 41.63
CA LYS A 62 15.61 -1.30 41.48
C LYS A 62 14.99 -0.74 40.22
N LYS A 63 14.67 0.55 40.26
CA LYS A 63 14.18 1.27 39.10
C LYS A 63 15.36 1.89 38.36
N GLY A 64 15.53 1.51 37.10
CA GLY A 64 16.58 2.05 36.26
C GLY A 64 17.13 0.96 35.36
N LYS A 65 18.33 1.18 34.87
CA LYS A 65 18.99 0.22 34.00
C LYS A 65 19.73 -0.83 34.83
N VAL A 66 20.08 -1.94 34.17
CA VAL A 66 20.74 -3.03 34.87
C VAL A 66 22.04 -2.56 35.50
N LYS A 67 22.70 -1.56 34.90
CA LYS A 67 23.91 -1.00 35.49
C LYS A 67 23.64 -0.53 36.91
N ALA A 68 22.53 0.20 37.12
CA ALA A 68 22.20 0.66 38.47
C ALA A 68 21.93 -0.52 39.39
N LEU A 69 21.29 -1.57 38.88
CA LEU A 69 21.04 -2.76 39.70
C LEU A 69 22.34 -3.41 40.13
N ASP A 70 23.25 -3.62 39.18
CA ASP A 70 24.53 -4.24 39.51
C ASP A 70 25.27 -3.45 40.58
N GLU A 71 25.17 -2.12 40.52
CA GLU A 71 25.76 -1.29 41.57
C GLU A 71 25.05 -1.51 42.90
N GLU A 72 23.73 -1.60 42.88
CA GLU A 72 22.97 -1.85 44.11
C GLU A 72 23.34 -3.20 44.71
N VAL A 73 23.59 -4.20 43.86
CA VAL A 73 23.94 -5.53 44.34
C VAL A 73 25.18 -5.47 45.20
N HIS A 74 26.21 -4.77 44.73
CA HIS A 74 27.46 -4.62 45.47
C HIS A 74 27.40 -3.49 46.49
N LYS A 75 26.30 -2.74 46.53
CA LYS A 75 26.09 -1.70 47.55
C LYS A 75 25.31 -2.23 48.75
N GLN A 76 25.47 -3.50 49.09
CA GLN A 76 24.78 -4.13 50.21
C GLN A 76 25.78 -4.40 51.32
N GLN A 77 25.60 -3.75 52.47
CA GLN A 77 26.54 -3.88 53.57
C GLN A 77 26.32 -5.17 54.35
N ASP A 78 25.09 -5.65 54.45
CA ASP A 78 24.79 -6.83 55.24
C ASP A 78 25.18 -8.12 54.53
N MET A 79 25.32 -8.10 53.21
CA MET A 79 25.50 -9.32 52.44
C MET A 79 26.97 -9.70 52.36
N ASP A 80 27.22 -11.01 52.33
CA ASP A 80 28.56 -11.56 52.15
C ASP A 80 28.58 -12.33 50.84
N LEU A 81 29.38 -11.85 49.89
CA LEU A 81 29.42 -12.40 48.54
C LEU A 81 30.37 -13.59 48.42
N ASP A 82 30.87 -14.12 49.54
CA ASP A 82 31.86 -15.20 49.52
C ASP A 82 31.30 -16.56 49.89
N ILE A 83 30.04 -16.65 50.31
CA ILE A 83 29.46 -17.94 50.66
C ILE A 83 29.37 -18.79 49.40
N GLU A 84 29.65 -20.08 49.53
CA GLU A 84 29.62 -21.02 48.42
C GLU A 84 28.37 -21.88 48.50
N PHE A 85 27.71 -22.06 47.36
CA PHE A 85 26.50 -22.86 47.25
C PHE A 85 26.76 -24.02 46.30
N ASP A 86 26.68 -25.25 46.81
CA ASP A 86 26.73 -26.41 45.94
C ASP A 86 25.47 -26.49 45.08
N VAL A 87 24.33 -26.10 45.64
CA VAL A 87 23.05 -26.07 44.93
C VAL A 87 22.41 -24.70 45.19
N HIS A 88 21.95 -24.06 44.12
CA HIS A 88 21.30 -22.77 44.28
C HIS A 88 20.49 -22.44 43.03
N LEU A 89 19.42 -21.68 43.22
CA LEU A 89 18.60 -21.17 42.13
C LEU A 89 18.47 -19.66 42.28
N GLY A 90 18.85 -18.93 41.24
CA GLY A 90 18.68 -17.50 41.19
C GLY A 90 17.84 -17.10 39.99
N ILE A 91 17.04 -16.06 40.15
CA ILE A 91 16.16 -15.58 39.09
C ILE A 91 16.32 -14.08 38.95
N ALA A 92 16.03 -13.57 37.76
CA ALA A 92 16.27 -12.17 37.45
C ALA A 92 15.31 -11.73 36.35
N HIS A 93 15.08 -10.42 36.29
CA HIS A 93 14.11 -9.88 35.35
C HIS A 93 14.45 -8.43 35.02
N THR A 94 14.26 -8.06 33.75
CA THR A 94 14.33 -6.67 33.32
C THR A 94 13.07 -6.35 32.53
N ARG A 95 12.61 -5.11 32.63
CA ARG A 95 11.26 -4.78 32.19
C ARG A 95 11.18 -3.33 31.73
N TRP A 96 10.17 -3.08 30.90
CA TRP A 96 9.68 -1.72 30.62
C TRP A 96 8.30 -1.64 31.26
N ALA A 97 8.21 -0.93 32.37
CA ALA A 97 7.00 -0.88 33.18
C ALA A 97 5.77 -0.67 32.32
N THR A 98 4.69 -1.38 32.67
CA THR A 98 3.43 -1.30 31.96
C THR A 98 2.28 -1.10 32.94
N HIS A 99 1.83 -2.18 33.57
CA HIS A 99 0.75 -2.12 34.54
C HIS A 99 1.28 -1.51 35.84
N GLY A 100 1.39 -0.18 35.83
CA GLY A 100 1.85 0.55 36.99
C GLY A 100 2.86 1.62 36.64
N GLU A 101 3.70 1.98 37.61
CA GLU A 101 4.74 2.98 37.41
C GLU A 101 6.07 2.41 37.87
N PRO A 102 7.16 2.72 37.19
CA PRO A 102 8.47 2.19 37.61
C PRO A 102 8.78 2.53 39.06
N SER A 103 8.99 1.49 39.86
CA SER A 103 9.33 1.64 41.27
C SER A 103 9.90 0.30 41.74
N PRO A 104 10.84 0.30 42.69
CA PRO A 104 11.41 -0.97 43.14
C PRO A 104 10.36 -2.02 43.49
N VAL A 105 9.28 -1.63 44.16
CA VAL A 105 8.24 -2.59 44.52
C VAL A 105 7.60 -3.18 43.27
N ASN A 106 7.26 -2.34 42.30
CA ASN A 106 6.59 -2.81 41.09
C ASN A 106 7.51 -3.61 40.18
N SER A 107 8.81 -3.68 40.48
CA SER A 107 9.73 -4.47 39.69
C SER A 107 9.60 -5.95 40.07
N HIS A 108 10.20 -6.80 39.24
CA HIS A 108 10.21 -8.24 39.48
C HIS A 108 11.54 -8.66 40.07
N PRO A 109 11.59 -9.79 40.80
CA PRO A 109 10.49 -10.73 41.09
C PRO A 109 9.43 -10.19 42.03
N GLN A 110 8.20 -10.67 41.87
CA GLN A 110 7.12 -10.40 42.82
C GLN A 110 7.06 -11.51 43.85
N ARG A 111 6.75 -11.14 45.09
CA ARG A 111 6.75 -12.06 46.21
C ARG A 111 5.33 -12.37 46.65
N SER A 112 5.19 -13.48 47.37
CA SER A 112 3.89 -13.93 47.85
C SER A 112 3.56 -13.41 49.25
N ASP A 113 4.54 -12.92 49.99
CA ASP A 113 4.31 -12.43 51.35
C ASP A 113 5.56 -11.68 51.79
N LYS A 114 5.50 -11.10 52.99
CA LYS A 114 6.60 -10.31 53.51
C LYS A 114 7.81 -11.15 53.87
N ASN A 115 7.71 -12.49 53.85
CA ASN A 115 8.83 -13.37 54.10
C ASN A 115 9.34 -14.05 52.84
N ASN A 116 8.71 -13.80 51.68
CA ASN A 116 9.21 -14.29 50.40
C ASN A 116 9.23 -15.82 50.36
N GLU A 117 8.09 -16.42 50.68
CA GLU A 117 7.96 -17.88 50.57
C GLU A 117 7.89 -18.31 49.12
N PHE A 118 7.27 -17.51 48.26
CA PHE A 118 7.23 -17.75 46.83
C PHE A 118 7.53 -16.44 46.10
N ILE A 119 8.37 -16.52 45.08
CA ILE A 119 8.65 -15.40 44.20
C ILE A 119 8.53 -15.88 42.77
N VAL A 120 8.24 -14.94 41.87
CA VAL A 120 8.01 -15.27 40.47
C VAL A 120 8.48 -14.11 39.60
N ILE A 121 8.97 -14.45 38.41
CA ILE A 121 9.24 -13.49 37.35
C ILE A 121 8.34 -13.82 36.17
N HIS A 122 7.81 -12.80 35.52
CA HIS A 122 6.73 -12.97 34.56
C HIS A 122 6.93 -12.10 33.34
N ASN A 123 6.67 -12.67 32.16
CA ASN A 123 6.60 -11.92 30.92
C ASN A 123 5.20 -12.09 30.35
N GLY A 124 4.49 -10.98 30.18
CA GLY A 124 3.16 -11.04 29.59
C GLY A 124 2.11 -10.25 30.34
N ILE A 125 0.85 -10.63 30.19
CA ILE A 125 -0.25 -9.93 30.85
C ILE A 125 -1.30 -10.96 31.28
N ILE A 126 -1.75 -10.86 32.53
CA ILE A 126 -2.83 -11.69 33.03
C ILE A 126 -4.11 -10.89 32.87
N THR A 127 -4.95 -11.31 31.92
CA THR A 127 -6.16 -10.55 31.61
C THR A 127 -7.14 -10.57 32.78
N ASN A 128 -7.32 -11.73 33.41
CA ASN A 128 -8.28 -11.89 34.50
C ASN A 128 -7.66 -11.63 35.87
N TYR A 129 -6.57 -10.87 35.94
CA TYR A 129 -5.92 -10.64 37.22
C TYR A 129 -6.80 -9.85 38.18
N LYS A 130 -7.82 -9.17 37.67
CA LYS A 130 -8.76 -8.47 38.55
C LYS A 130 -9.55 -9.46 39.40
N ASP A 131 -10.22 -10.41 38.76
CA ASP A 131 -10.98 -11.41 39.50
C ASP A 131 -10.08 -12.16 40.48
N LEU A 132 -8.89 -12.54 40.04
CA LEU A 132 -7.97 -13.27 40.91
C LEU A 132 -7.58 -12.43 42.12
N LYS A 133 -7.29 -11.14 41.91
CA LYS A 133 -6.87 -10.29 43.01
C LYS A 133 -7.98 -10.15 44.06
N LYS A 134 -9.22 -9.94 43.60
CA LYS A 134 -10.34 -9.84 44.53
C LYS A 134 -10.51 -11.13 45.32
N PHE A 135 -10.40 -12.28 44.65
CA PHE A 135 -10.57 -13.56 45.32
C PHE A 135 -9.52 -13.74 46.42
N LEU A 136 -8.25 -13.51 46.08
CA LEU A 136 -7.18 -13.70 47.06
C LEU A 136 -7.34 -12.77 48.25
N GLU A 137 -7.84 -11.55 48.03
CA GLU A 137 -8.05 -10.63 49.15
C GLU A 137 -9.17 -11.11 50.05
N SER A 138 -10.21 -11.70 49.48
CA SER A 138 -11.28 -12.26 50.30
C SER A 138 -10.79 -13.43 51.15
N LYS A 139 -9.83 -14.20 50.64
CA LYS A 139 -9.22 -15.27 51.40
C LYS A 139 -8.16 -14.78 52.37
N GLY A 140 -7.87 -13.48 52.37
CA GLY A 140 -6.97 -12.90 53.34
C GLY A 140 -5.56 -12.63 52.86
N TYR A 141 -5.37 -12.27 51.60
CA TYR A 141 -4.05 -11.98 51.05
C TYR A 141 -3.99 -10.50 50.68
N ASP A 142 -3.11 -9.77 51.37
CA ASP A 142 -2.94 -8.34 51.12
C ASP A 142 -1.90 -8.11 50.03
N PHE A 143 -2.20 -7.19 49.13
CA PHE A 143 -1.33 -6.87 48.00
C PHE A 143 -0.53 -5.61 48.28
N GLU A 144 0.56 -5.44 47.54
CA GLU A 144 1.48 -4.34 47.77
C GLU A 144 1.98 -3.67 46.49
N SER A 145 1.64 -4.19 45.31
CA SER A 145 2.12 -3.62 44.06
C SER A 145 0.93 -3.41 43.11
N GLU A 146 1.19 -2.67 42.04
CA GLU A 146 0.19 -2.36 41.03
C GLU A 146 0.32 -3.26 39.80
N THR A 147 0.91 -4.44 39.95
CA THR A 147 1.20 -5.33 38.84
C THR A 147 0.27 -6.53 38.87
N ASP A 148 -0.04 -7.05 37.67
CA ASP A 148 -0.77 -8.30 37.57
C ASP A 148 0.10 -9.49 37.98
N THR A 149 1.42 -9.32 37.98
CA THR A 149 2.31 -10.43 38.33
C THR A 149 2.13 -10.85 39.79
N GLU A 150 1.88 -9.88 40.68
CA GLU A 150 1.79 -10.20 42.10
C GLU A 150 0.67 -11.20 42.37
N THR A 151 -0.41 -11.15 41.59
CA THR A 151 -1.48 -12.14 41.76
C THR A 151 -0.96 -13.55 41.55
N ILE A 152 0.04 -13.73 40.68
CA ILE A 152 0.63 -15.05 40.47
C ILE A 152 1.36 -15.50 41.72
N ALA A 153 2.16 -14.60 42.33
CA ALA A 153 2.89 -14.97 43.54
C ALA A 153 1.92 -15.26 44.69
N LYS A 154 0.83 -14.49 44.78
CA LYS A 154 -0.13 -14.72 45.85
C LYS A 154 -0.94 -15.98 45.63
N LEU A 155 -1.21 -16.33 44.36
CA LEU A 155 -2.07 -17.49 44.09
C LEU A 155 -1.33 -18.79 44.34
N VAL A 156 -0.04 -18.86 43.99
CA VAL A 156 0.73 -20.08 44.23
C VAL A 156 0.81 -20.38 45.72
N LYS A 157 0.92 -19.33 46.54
CA LYS A 157 0.90 -19.53 47.99
C LYS A 157 -0.47 -19.97 48.47
N TYR A 158 -1.53 -19.52 47.80
CA TYR A 158 -2.87 -19.98 48.14
C TYR A 158 -3.01 -21.48 47.91
N MET A 159 -2.48 -21.96 46.78
CA MET A 159 -2.52 -23.40 46.49
C MET A 159 -1.66 -24.18 47.50
N TYR A 160 -0.56 -23.58 47.94
CA TYR A 160 0.28 -24.26 48.93
C TYR A 160 -0.40 -24.33 50.29
N ASP A 161 -1.08 -23.25 50.69
CA ASP A 161 -1.78 -23.23 51.97
C ASP A 161 -3.01 -24.14 51.99
N ASN A 162 -3.43 -24.67 50.84
CA ASN A 162 -4.59 -25.55 50.77
C ASN A 162 -4.26 -26.91 50.19
N ARG A 163 -2.97 -27.27 50.13
CA ARG A 163 -2.59 -28.57 49.61
C ARG A 163 -3.19 -29.68 50.47
N GLU A 164 -3.43 -30.83 49.82
CA GLU A 164 -4.07 -31.95 50.50
C GLU A 164 -3.06 -32.76 51.31
N SER A 165 -1.85 -32.91 50.80
CA SER A 165 -0.80 -33.66 51.47
C SER A 165 0.41 -32.75 51.72
N GLN A 166 1.24 -33.15 52.67
CA GLN A 166 2.42 -32.36 53.03
C GLN A 166 3.50 -32.41 51.96
N ASP A 167 3.33 -33.23 50.92
CA ASP A 167 4.37 -33.42 49.90
C ASP A 167 3.78 -33.28 48.51
N THR A 168 2.92 -32.29 48.31
CA THR A 168 2.42 -31.99 46.98
C THR A 168 3.50 -31.27 46.18
N SER A 169 3.76 -31.74 44.97
CA SER A 169 4.91 -31.29 44.21
C SER A 169 4.78 -29.80 43.85
N PHE A 170 5.94 -29.17 43.66
CA PHE A 170 5.96 -27.80 43.17
C PHE A 170 5.24 -27.70 41.83
N THR A 171 5.39 -28.72 40.98
CA THR A 171 4.72 -28.72 39.68
C THR A 171 3.21 -28.66 39.84
N THR A 172 2.64 -29.53 40.67
CA THR A 172 1.19 -29.54 40.87
C THR A 172 0.68 -28.17 41.27
N LEU A 173 1.37 -27.50 42.19
CA LEU A 173 0.94 -26.18 42.63
C LEU A 173 0.89 -25.21 41.45
N VAL A 174 1.94 -25.17 40.64
CA VAL A 174 1.96 -24.28 39.49
C VAL A 174 0.84 -24.65 38.52
N GLU A 175 0.65 -25.95 38.28
CA GLU A 175 -0.43 -26.39 37.39
C GLU A 175 -1.76 -25.81 37.83
N ARG A 176 -2.03 -25.81 39.13
CA ARG A 176 -3.28 -25.25 39.64
C ARG A 176 -3.33 -23.74 39.47
N VAL A 177 -2.17 -23.08 39.44
CA VAL A 177 -2.13 -21.63 39.26
C VAL A 177 -2.50 -21.27 37.82
N ILE A 178 -1.77 -21.83 36.85
CA ILE A 178 -1.98 -21.45 35.46
C ILE A 178 -3.41 -21.76 35.00
N GLN A 179 -4.05 -22.75 35.62
CA GLN A 179 -5.44 -23.04 35.28
C GLN A 179 -6.35 -21.85 35.56
N GLN A 180 -6.01 -21.05 36.57
CA GLN A 180 -6.79 -19.87 36.91
C GLN A 180 -6.36 -18.63 36.14
N LEU A 181 -5.21 -18.66 35.49
CA LEU A 181 -4.71 -17.51 34.76
C LEU A 181 -5.33 -17.45 33.36
N GLU A 182 -5.56 -16.22 32.90
CA GLU A 182 -6.01 -15.97 31.54
C GLU A 182 -5.08 -14.94 30.90
N GLY A 183 -4.77 -15.17 29.63
CA GLY A 183 -3.88 -14.28 28.89
C GLY A 183 -2.60 -15.00 28.50
N ALA A 184 -1.53 -14.21 28.39
CA ALA A 184 -0.23 -14.72 28.00
C ALA A 184 0.76 -14.57 29.15
N PHE A 185 1.67 -15.53 29.27
CA PHE A 185 2.63 -15.50 30.36
C PHE A 185 3.78 -16.45 30.07
N ALA A 186 4.97 -16.06 30.55
CA ALA A 186 6.10 -16.95 30.75
C ALA A 186 6.56 -16.75 32.18
N LEU A 187 6.72 -17.85 32.91
CA LEU A 187 6.89 -17.78 34.36
C LEU A 187 8.04 -18.68 34.81
N VAL A 188 8.72 -18.22 35.87
CA VAL A 188 9.70 -19.02 36.59
C VAL A 188 9.45 -18.81 38.08
N PHE A 189 9.33 -19.90 38.82
CA PHE A 189 8.97 -19.87 40.23
C PHE A 189 10.13 -20.30 41.10
N LYS A 190 10.22 -19.71 42.29
CA LYS A 190 11.17 -20.12 43.31
C LYS A 190 10.48 -20.05 44.66
N SER A 191 10.81 -21.01 45.54
CA SER A 191 10.14 -21.10 46.83
C SER A 191 11.07 -21.65 47.89
N VAL A 192 10.89 -21.18 49.12
CA VAL A 192 11.65 -21.72 50.25
C VAL A 192 11.21 -23.14 50.54
N HIS A 193 9.97 -23.49 50.23
CA HIS A 193 9.45 -24.82 50.49
C HIS A 193 9.95 -25.85 49.49
N PHE A 194 10.67 -25.43 48.45
CA PHE A 194 11.26 -26.33 47.46
C PHE A 194 12.66 -25.82 47.13
N PRO A 195 13.57 -25.91 48.09
CA PRO A 195 14.90 -25.32 47.90
C PRO A 195 15.65 -25.96 46.73
N GLY A 196 16.22 -25.12 45.88
CA GLY A 196 16.99 -25.57 44.74
C GLY A 196 16.16 -26.03 43.55
N GLN A 197 14.84 -26.03 43.66
CA GLN A 197 13.97 -26.47 42.58
C GLN A 197 13.43 -25.27 41.82
N ALA A 198 13.25 -25.46 40.51
CA ALA A 198 12.67 -24.45 39.64
C ALA A 198 11.48 -25.04 38.89
N VAL A 199 10.50 -24.19 38.59
CA VAL A 199 9.37 -24.55 37.76
C VAL A 199 9.17 -23.44 36.74
N GLY A 200 9.14 -23.81 35.47
CA GLY A 200 8.92 -22.85 34.40
C GLY A 200 7.78 -23.29 33.51
N THR A 201 6.92 -22.35 33.14
CA THR A 201 5.77 -22.64 32.31
C THR A 201 5.45 -21.41 31.47
N ARG A 202 4.83 -21.64 30.32
CA ARG A 202 4.52 -20.58 29.38
C ARG A 202 3.17 -20.80 28.74
N ARG A 203 2.57 -19.71 28.28
CA ARG A 203 1.38 -19.75 27.44
C ARG A 203 1.38 -18.49 26.60
N GLY A 204 1.73 -18.62 25.32
CA GLY A 204 1.77 -17.47 24.44
C GLY A 204 2.92 -16.53 24.68
N SER A 205 4.02 -17.01 25.29
CA SER A 205 5.18 -16.18 25.55
C SER A 205 6.40 -17.10 25.57
N PRO A 206 7.48 -16.75 24.85
CA PRO A 206 8.60 -17.70 24.70
C PRO A 206 9.35 -17.93 26.01
N LEU A 207 9.75 -19.19 26.21
CA LEU A 207 10.56 -19.57 27.36
C LEU A 207 11.34 -20.82 26.99
N LEU A 208 12.65 -20.81 27.25
CA LEU A 208 13.51 -21.93 26.91
C LEU A 208 14.41 -22.25 28.08
N ILE A 209 15.05 -23.43 28.00
CA ILE A 209 15.92 -23.93 29.06
C ILE A 209 17.23 -24.35 28.43
N GLY A 210 18.34 -23.80 28.91
CA GLY A 210 19.67 -24.23 28.53
C GLY A 210 20.23 -25.18 29.58
N VAL A 211 21.02 -26.15 29.11
CA VAL A 211 21.60 -27.17 29.97
C VAL A 211 23.08 -27.31 29.66
N ARG A 212 23.89 -27.50 30.70
CA ARG A 212 25.31 -27.73 30.55
C ARG A 212 25.77 -28.66 31.66
N SER A 213 26.65 -29.59 31.29
CA SER A 213 27.24 -30.52 32.25
C SER A 213 28.42 -31.20 31.60
N GLU A 214 29.54 -31.29 32.33
CA GLU A 214 30.69 -32.01 31.81
C GLU A 214 30.44 -33.50 31.67
N HIS A 215 29.33 -34.01 32.20
CA HIS A 215 28.98 -35.41 32.12
C HIS A 215 27.94 -35.63 31.02
N LYS A 216 27.88 -36.88 30.56
CA LYS A 216 26.86 -37.24 29.58
C LYS A 216 25.47 -37.01 30.18
N LEU A 217 24.54 -36.61 29.33
CA LEU A 217 23.16 -36.41 29.73
C LEU A 217 22.33 -37.64 29.39
N SER A 218 21.26 -37.84 30.15
CA SER A 218 20.47 -39.06 30.02
C SER A 218 19.80 -39.17 28.66
N THR A 219 19.49 -38.05 28.02
CA THR A 219 18.74 -38.07 26.78
C THR A 219 18.88 -36.73 26.07
N ASP A 220 18.47 -36.72 24.80
CA ASP A 220 18.34 -35.50 24.02
C ASP A 220 16.90 -35.27 23.57
N HIS A 221 15.94 -36.00 24.13
CA HIS A 221 14.53 -35.84 23.79
C HIS A 221 13.73 -36.12 25.06
N ILE A 222 13.38 -35.06 25.77
CA ILE A 222 12.68 -35.16 27.05
C ILE A 222 11.25 -35.59 26.78
N PRO A 223 10.81 -36.76 27.24
CA PRO A 223 9.42 -37.15 27.06
C PRO A 223 8.50 -36.44 28.05
N ILE A 224 7.25 -36.32 27.66
CA ILE A 224 6.26 -35.59 28.44
C ILE A 224 5.59 -36.54 29.42
N LEU A 225 5.36 -36.06 30.63
CA LEU A 225 4.70 -36.82 31.69
C LEU A 225 3.31 -36.24 31.93
N TYR A 226 2.32 -37.12 32.05
CA TYR A 226 0.93 -36.72 32.18
C TYR A 226 0.40 -37.09 33.56
N ARG A 227 -0.66 -36.40 33.95
CA ARG A 227 -1.30 -36.63 35.25
C ARG A 227 -2.46 -37.63 35.11
N THR A 244 15.60 -41.91 31.22
CA THR A 244 14.46 -42.42 30.47
C THR A 244 13.38 -41.36 30.31
N THR A 245 12.85 -40.89 31.43
CA THR A 245 11.72 -39.96 31.44
C THR A 245 12.10 -38.54 31.82
N CYS A 246 13.35 -38.28 32.15
CA CYS A 246 13.78 -36.93 32.50
C CYS A 246 15.25 -36.76 32.14
N LEU A 247 15.67 -35.50 32.05
CA LEU A 247 17.03 -35.14 31.69
C LEU A 247 17.85 -34.96 32.96
N PHE A 248 19.06 -35.53 32.97
CA PHE A 248 19.94 -35.42 34.12
C PHE A 248 21.33 -35.93 33.72
N PRO A 249 22.37 -35.46 34.40
CA PRO A 249 23.70 -36.05 34.17
C PRO A 249 23.73 -37.52 34.59
N VAL A 250 24.32 -38.36 33.74
CA VAL A 250 24.23 -39.81 33.89
C VAL A 250 24.93 -40.25 35.17
N GLU A 251 26.25 -40.21 35.19
CA GLU A 251 27.03 -40.83 36.26
C GLU A 251 27.37 -39.87 37.39
N GLU A 252 26.96 -38.62 37.33
CA GLU A 252 27.22 -37.68 38.41
C GLU A 252 26.06 -36.69 38.51
N LYS A 253 26.11 -35.85 39.54
CA LYS A 253 25.04 -34.90 39.81
C LYS A 253 25.26 -33.55 39.14
N ALA A 254 26.51 -33.16 38.92
CA ALA A 254 26.82 -31.81 38.47
C ALA A 254 26.08 -31.47 37.18
N VAL A 255 25.40 -30.33 37.19
CA VAL A 255 24.68 -29.84 36.02
C VAL A 255 24.27 -28.39 36.27
N GLU A 256 24.10 -27.63 35.19
CA GLU A 256 23.65 -26.24 35.27
C GLU A 256 22.48 -26.04 34.33
N TYR A 257 21.45 -25.36 34.81
CA TYR A 257 20.26 -25.05 34.01
C TYR A 257 20.11 -23.55 33.87
N TYR A 258 19.68 -23.12 32.69
CA TYR A 258 19.46 -21.71 32.38
C TYR A 258 18.06 -21.55 31.80
N PHE A 259 17.18 -20.91 32.54
CA PHE A 259 15.88 -20.48 32.01
C PHE A 259 16.02 -19.08 31.44
N ALA A 260 15.39 -18.85 30.28
CA ALA A 260 15.47 -17.54 29.66
C ALA A 260 14.33 -17.37 28.66
N SER A 261 13.94 -16.12 28.45
CA SER A 261 12.94 -15.78 27.44
C SER A 261 13.55 -15.54 26.07
N ASP A 262 14.88 -15.58 25.96
CA ASP A 262 15.56 -15.37 24.69
C ASP A 262 16.91 -16.06 24.76
N ALA A 263 17.29 -16.71 23.65
CA ALA A 263 18.54 -17.45 23.62
C ALA A 263 19.75 -16.56 23.85
N SER A 264 19.61 -15.24 23.68
CA SER A 264 20.74 -14.34 23.81
C SER A 264 21.40 -14.45 25.19
N ALA A 265 20.62 -14.74 26.22
CA ALA A 265 21.13 -14.83 27.58
C ALA A 265 21.68 -16.22 27.92
N VAL A 266 21.60 -17.17 27.00
CA VAL A 266 22.04 -18.53 27.25
C VAL A 266 23.24 -18.92 26.40
N ILE A 267 23.38 -18.35 25.20
CA ILE A 267 24.31 -18.90 24.20
C ILE A 267 25.76 -18.83 24.68
N GLU A 268 26.10 -17.89 25.55
CA GLU A 268 27.47 -17.80 26.03
C GLU A 268 27.81 -18.90 27.02
N HIS A 269 26.81 -19.50 27.66
CA HIS A 269 27.04 -20.61 28.58
C HIS A 269 26.87 -21.97 27.93
N THR A 270 25.95 -22.10 26.98
CA THR A 270 25.68 -23.37 26.33
C THR A 270 24.84 -23.12 25.09
N ASN A 271 24.94 -24.03 24.12
CA ASN A 271 24.14 -23.98 22.91
C ASN A 271 23.11 -25.09 22.85
N ARG A 272 22.95 -25.85 23.93
CA ARG A 272 21.95 -26.92 24.02
C ARG A 272 20.75 -26.38 24.79
N VAL A 273 19.62 -26.26 24.10
CA VAL A 273 18.43 -25.62 24.66
C VAL A 273 17.20 -26.49 24.41
N ILE A 274 16.20 -26.31 25.26
CA ILE A 274 14.89 -26.91 25.09
C ILE A 274 13.88 -25.77 25.01
N PHE A 275 13.10 -25.75 23.92
CA PHE A 275 12.06 -24.75 23.75
C PHE A 275 10.75 -25.29 24.34
N LEU A 276 10.22 -24.61 25.35
CA LEU A 276 8.95 -25.00 25.92
C LEU A 276 7.81 -24.59 25.01
N GLU A 277 6.66 -25.22 25.22
CA GLU A 277 5.47 -24.95 24.43
C GLU A 277 4.30 -24.65 25.36
N ASP A 278 3.24 -24.08 24.78
CA ASP A 278 2.11 -23.62 25.56
C ASP A 278 1.62 -24.70 26.52
N ASP A 279 1.55 -24.35 27.79
CA ASP A 279 1.04 -25.17 28.88
C ASP A 279 2.04 -26.22 29.35
N ASP A 280 3.24 -26.27 28.77
CA ASP A 280 4.30 -27.09 29.36
C ASP A 280 4.64 -26.58 30.74
N VAL A 281 4.85 -27.51 31.68
CA VAL A 281 5.31 -27.18 33.02
C VAL A 281 6.61 -27.94 33.22
N ALA A 282 7.73 -27.26 33.03
CA ALA A 282 9.05 -27.83 33.22
C ALA A 282 9.51 -27.61 34.64
N ALA A 283 9.97 -28.67 35.29
CA ALA A 283 10.39 -28.61 36.69
C ALA A 283 11.76 -29.24 36.83
N VAL A 284 12.57 -28.66 37.73
CA VAL A 284 13.88 -29.21 38.08
C VAL A 284 13.79 -29.66 39.54
N VAL A 285 13.83 -30.96 39.76
CA VAL A 285 13.76 -31.54 41.10
C VAL A 285 14.95 -32.46 41.28
N ASP A 286 15.71 -32.24 42.35
CA ASP A 286 16.94 -33.00 42.61
C ASP A 286 17.90 -32.92 41.43
N GLY A 287 17.95 -31.75 40.79
CA GLY A 287 18.84 -31.55 39.67
C GLY A 287 18.43 -32.23 38.38
N ARG A 288 17.23 -32.79 38.32
CA ARG A 288 16.74 -33.48 37.15
C ARG A 288 15.56 -32.72 36.55
N LEU A 289 15.55 -32.59 35.22
CA LEU A 289 14.58 -31.78 34.51
C LEU A 289 13.52 -32.69 33.90
N SER A 290 12.26 -32.43 34.23
CA SER A 290 11.13 -33.13 33.62
C SER A 290 10.11 -32.09 33.17
N ILE A 291 9.31 -32.47 32.17
CA ILE A 291 8.31 -31.59 31.58
C ILE A 291 6.95 -32.29 31.68
N HIS A 292 6.04 -31.68 32.43
CA HIS A 292 4.74 -32.27 32.71
C HIS A 292 3.65 -31.57 31.93
N ARG A 293 2.55 -32.29 31.72
CA ARG A 293 1.37 -31.75 31.05
C ARG A 293 0.12 -32.39 31.64
N ILE A 294 -1.00 -31.70 31.48
CA ILE A 294 -2.26 -32.17 32.04
C ILE A 294 -3.01 -33.09 31.07
N LYS A 295 -2.78 -32.95 29.77
CA LYS A 295 -3.48 -33.74 28.77
C LYS A 295 -3.43 -35.23 29.08
N HIS A 307 5.60 -41.49 21.82
CA HIS A 307 4.89 -40.40 22.48
C HIS A 307 5.59 -39.06 22.21
N PRO A 308 4.89 -37.95 22.42
CA PRO A 308 5.50 -36.65 22.17
C PRO A 308 6.50 -36.27 23.26
N GLY A 309 7.41 -35.37 22.89
CA GLY A 309 8.40 -34.89 23.83
C GLY A 309 9.03 -33.61 23.31
N ARG A 310 9.92 -33.06 24.13
CA ARG A 310 10.65 -31.85 23.80
C ARG A 310 12.11 -32.20 23.54
N ALA A 311 12.65 -31.69 22.44
CA ALA A 311 13.99 -32.05 22.00
C ALA A 311 15.03 -31.11 22.59
N VAL A 312 16.18 -31.67 22.92
CA VAL A 312 17.38 -30.90 23.25
C VAL A 312 18.13 -30.70 21.94
N GLN A 313 18.20 -29.45 21.48
CA GLN A 313 18.78 -29.14 20.18
C GLN A 313 19.93 -28.14 20.34
N THR A 314 20.73 -28.05 19.29
CA THR A 314 21.92 -27.20 19.26
C THR A 314 21.62 -25.93 18.46
N LEU A 315 21.80 -24.78 19.11
CA LEU A 315 21.64 -23.50 18.44
C LEU A 315 22.94 -23.09 17.77
N GLN A 316 22.83 -22.58 16.54
CA GLN A 316 24.00 -22.08 15.81
C GLN A 316 24.39 -20.67 16.26
N MET A 317 23.69 -20.10 17.22
CA MET A 317 23.92 -18.73 17.64
C MET A 317 25.26 -18.60 18.37
N GLU A 318 25.81 -17.39 18.34
CA GLU A 318 27.07 -17.09 18.99
C GLU A 318 26.98 -15.73 19.67
N LEU A 319 27.69 -15.61 20.81
CA LEU A 319 27.64 -14.38 21.59
C LEU A 319 28.03 -13.17 20.75
N GLN A 320 29.06 -13.32 19.90
CA GLN A 320 29.53 -12.19 19.10
C GLN A 320 28.41 -11.61 18.24
N GLN A 321 27.39 -12.42 17.90
CA GLN A 321 26.35 -11.96 17.01
C GLN A 321 25.40 -10.95 17.66
N ILE A 322 25.38 -10.87 18.99
CA ILE A 322 24.49 -9.94 19.69
C ILE A 322 25.26 -8.77 20.28
N MET A 323 26.48 -8.53 19.81
CA MET A 323 27.31 -7.43 20.27
C MET A 323 27.41 -6.36 19.18
N LYS A 324 27.56 -5.11 19.61
CA LYS A 324 27.74 -4.02 18.66
C LYS A 324 29.10 -4.09 17.98
N GLY A 325 30.11 -4.61 18.68
CA GLY A 325 31.45 -4.61 18.13
C GLY A 325 32.01 -3.20 18.12
N ASN A 326 32.59 -2.80 16.99
CA ASN A 326 33.13 -1.47 16.83
C ASN A 326 32.09 -0.45 16.39
N PHE A 327 30.88 -0.89 16.05
CA PHE A 327 29.83 0.02 15.64
C PHE A 327 29.24 0.71 16.86
N SER A 328 28.84 1.98 16.67
CA SER A 328 28.27 2.77 17.74
C SER A 328 26.80 2.46 17.99
N SER A 329 26.16 1.68 17.12
CA SER A 329 24.76 1.31 17.32
C SER A 329 24.49 0.01 16.57
N PHE A 330 23.45 -0.70 17.02
CA PHE A 330 23.06 -1.93 16.35
C PHE A 330 22.51 -1.66 14.96
N MET A 331 21.83 -0.53 14.76
CA MET A 331 21.33 -0.20 13.43
C MET A 331 22.48 -0.08 12.44
N GLN A 332 23.56 0.59 12.84
CA GLN A 332 24.71 0.73 11.95
C GLN A 332 25.35 -0.63 11.66
N LYS A 333 25.59 -1.42 12.71
CA LYS A 333 26.15 -2.75 12.53
C LYS A 333 25.35 -3.57 11.53
N GLU A 334 24.03 -3.63 11.74
CA GLU A 334 23.20 -4.54 10.95
C GLU A 334 23.01 -4.04 9.53
N ILE A 335 23.16 -2.74 9.27
CA ILE A 335 23.15 -2.25 7.90
C ILE A 335 24.45 -2.60 7.21
N PHE A 336 25.58 -2.27 7.83
CA PHE A 336 26.88 -2.42 7.18
C PHE A 336 27.35 -3.86 7.10
N GLU A 337 26.80 -4.76 7.92
CA GLU A 337 27.16 -6.16 7.85
C GLU A 337 26.29 -6.95 6.88
N GLN A 338 25.43 -6.26 6.12
CA GLN A 338 24.56 -6.97 5.18
C GLN A 338 25.33 -7.75 4.12
N PRO A 339 26.55 -7.37 3.71
CA PRO A 339 27.33 -8.29 2.87
C PRO A 339 27.55 -9.64 3.50
N GLU A 340 27.67 -9.70 4.83
CA GLU A 340 27.89 -10.96 5.53
C GLU A 340 26.58 -11.71 5.73
N SER A 341 25.54 -11.03 6.18
CA SER A 341 24.28 -11.71 6.49
C SER A 341 23.67 -12.30 5.22
N VAL A 342 23.81 -11.61 4.09
CA VAL A 342 23.35 -12.17 2.82
C VAL A 342 24.09 -13.46 2.53
N VAL A 343 25.41 -13.49 2.77
CA VAL A 343 26.18 -14.71 2.56
C VAL A 343 25.76 -15.78 3.56
N ASN A 344 25.43 -15.39 4.78
CA ASN A 344 24.94 -16.37 5.76
C ASN A 344 23.61 -16.96 5.31
N THR A 345 22.76 -16.16 4.66
CA THR A 345 21.47 -16.65 4.20
C THR A 345 21.62 -17.71 3.12
N MET A 346 22.66 -17.61 2.29
CA MET A 346 22.84 -18.49 1.15
C MET A 346 23.74 -19.68 1.44
N ARG A 347 24.45 -19.69 2.56
CA ARG A 347 25.45 -20.72 2.80
C ARG A 347 24.80 -22.09 2.85
N GLY A 348 25.44 -23.05 2.18
CA GLY A 348 24.91 -24.40 2.10
C GLY A 348 23.65 -24.56 1.29
N ARG A 349 23.20 -23.52 0.61
CA ARG A 349 21.94 -23.54 -0.12
C ARG A 349 22.08 -23.23 -1.60
N VAL A 350 23.23 -22.74 -2.04
CA VAL A 350 23.42 -22.32 -3.44
C VAL A 350 24.74 -22.90 -3.94
N ASN A 351 24.74 -23.35 -5.18
CA ASN A 351 25.94 -23.86 -5.84
C ASN A 351 26.02 -23.21 -7.22
N PHE A 352 27.02 -22.35 -7.41
CA PHE A 352 27.10 -21.56 -8.63
C PHE A 352 27.79 -22.30 -9.77
N ASP A 353 28.31 -23.51 -9.52
CA ASP A 353 28.90 -24.30 -10.60
C ASP A 353 27.82 -25.00 -11.41
N ASP A 354 26.97 -25.77 -10.73
CA ASP A 354 25.86 -26.46 -11.38
C ASP A 354 24.56 -25.70 -11.29
N TYR A 355 24.57 -24.49 -10.73
CA TYR A 355 23.38 -23.63 -10.66
C TYR A 355 22.21 -24.38 -10.03
N THR A 356 22.42 -24.81 -8.79
CA THR A 356 21.40 -25.52 -8.02
C THR A 356 21.15 -24.78 -6.71
N VAL A 357 19.90 -24.84 -6.25
CA VAL A 357 19.47 -24.23 -5.00
C VAL A 357 18.82 -25.31 -4.16
N ASN A 358 19.27 -25.45 -2.91
CA ASN A 358 18.74 -26.47 -2.01
C ASN A 358 18.45 -25.82 -0.65
N LEU A 359 17.17 -25.55 -0.40
CA LEU A 359 16.72 -25.11 0.92
C LEU A 359 16.32 -26.35 1.72
N GLY A 360 17.17 -26.70 2.70
CA GLY A 360 16.95 -27.94 3.42
C GLY A 360 15.58 -28.05 4.05
N GLY A 361 15.06 -26.93 4.55
CA GLY A 361 13.76 -26.94 5.21
C GLY A 361 12.60 -27.33 4.33
N LEU A 362 12.78 -27.33 3.00
CA LEU A 362 11.70 -27.63 2.07
C LEU A 362 11.93 -28.92 1.30
N LYS A 363 12.86 -29.78 1.76
CA LYS A 363 13.11 -31.03 1.07
C LYS A 363 11.89 -31.93 1.07
N ASP A 364 11.27 -32.12 2.24
CA ASP A 364 10.14 -33.01 2.40
C ASP A 364 8.81 -32.37 2.00
N HIS A 365 8.83 -31.22 1.33
CA HIS A 365 7.59 -30.56 0.93
C HIS A 365 7.65 -29.88 -0.42
N ILE A 366 8.82 -29.80 -1.08
CA ILE A 366 8.93 -29.00 -2.30
C ILE A 366 8.04 -29.55 -3.39
N LYS A 367 7.92 -30.89 -3.48
CA LYS A 367 7.13 -31.48 -4.55
C LYS A 367 5.65 -31.23 -4.34
N GLU A 368 5.18 -31.31 -3.08
CA GLU A 368 3.78 -31.04 -2.79
C GLU A 368 3.45 -29.57 -3.06
N ILE A 369 4.34 -28.66 -2.68
CA ILE A 369 4.12 -27.24 -2.94
C ILE A 369 3.87 -27.01 -4.43
N GLN A 370 4.65 -27.66 -5.29
CA GLN A 370 4.53 -27.46 -6.72
C GLN A 370 3.20 -27.96 -7.28
N ARG A 371 2.46 -28.76 -6.53
CA ARG A 371 1.13 -29.20 -6.95
C ARG A 371 0.02 -28.26 -6.48
N CYS A 372 0.37 -27.19 -5.77
CA CYS A 372 -0.62 -26.22 -5.32
C CYS A 372 -0.87 -25.18 -6.40
N ARG A 373 -1.95 -24.41 -6.23
CA ARG A 373 -2.44 -23.53 -7.28
C ARG A 373 -2.35 -22.05 -6.94
N ARG A 374 -1.84 -21.68 -5.77
CA ARG A 374 -1.74 -20.27 -5.44
C ARG A 374 -0.82 -20.09 -4.25
N LEU A 375 -0.03 -19.01 -4.28
CA LEU A 375 0.84 -18.61 -3.19
C LEU A 375 0.25 -17.38 -2.50
N ILE A 376 0.15 -17.43 -1.18
CA ILE A 376 -0.31 -16.30 -0.39
C ILE A 376 0.78 -15.94 0.60
N LEU A 377 1.31 -14.73 0.48
CA LEU A 377 2.33 -14.22 1.40
C LEU A 377 1.62 -13.33 2.43
N ILE A 378 1.78 -13.68 3.71
CA ILE A 378 1.10 -13.00 4.81
C ILE A 378 2.15 -12.55 5.81
N ALA A 379 2.14 -11.26 6.14
CA ALA A 379 3.17 -10.68 7.01
C ALA A 379 2.71 -9.29 7.43
N CYS A 380 3.53 -8.67 8.29
CA CYS A 380 3.30 -7.31 8.77
C CYS A 380 4.52 -6.44 8.50
N GLY A 381 4.26 -5.14 8.32
CA GLY A 381 5.33 -4.17 8.24
C GLY A 381 6.35 -4.51 7.17
N THR A 382 7.63 -4.43 7.54
CA THR A 382 8.70 -4.64 6.58
C THR A 382 8.68 -6.06 6.02
N SER A 383 8.33 -7.05 6.85
CA SER A 383 8.17 -8.40 6.34
C SER A 383 7.17 -8.45 5.19
N TYR A 384 6.09 -7.67 5.29
CA TYR A 384 5.15 -7.56 4.18
C TYR A 384 5.82 -6.93 2.96
N HIS A 385 6.67 -5.93 3.18
CA HIS A 385 7.41 -5.32 2.08
C HIS A 385 8.31 -6.32 1.38
N ALA A 386 8.86 -7.29 2.12
CA ALA A 386 9.68 -8.33 1.51
C ALA A 386 8.87 -9.13 0.51
N GLY A 387 7.59 -9.36 0.81
CA GLY A 387 6.74 -10.05 -0.14
C GLY A 387 6.43 -9.22 -1.36
N VAL A 388 6.14 -7.94 -1.17
CA VAL A 388 5.96 -7.03 -2.30
C VAL A 388 7.21 -6.99 -3.15
N ALA A 389 8.37 -7.09 -2.51
CA ALA A 389 9.65 -6.97 -3.22
C ALA A 389 9.97 -8.19 -4.08
N THR A 390 9.38 -9.34 -3.78
CA THR A 390 9.63 -10.57 -4.52
C THR A 390 8.41 -11.11 -5.23
N ARG A 391 7.28 -10.41 -5.19
CA ARG A 391 6.06 -10.93 -5.80
C ARG A 391 6.25 -11.20 -7.29
N GLN A 392 6.90 -10.27 -7.99
CA GLN A 392 6.98 -10.39 -9.45
C GLN A 392 7.80 -11.62 -9.85
N VAL A 393 8.94 -11.84 -9.21
CA VAL A 393 9.79 -12.96 -9.59
C VAL A 393 9.15 -14.29 -9.18
N LEU A 394 8.38 -14.30 -8.09
CA LEU A 394 7.63 -15.50 -7.73
C LEU A 394 6.59 -15.83 -8.78
N GLU A 395 5.86 -14.82 -9.25
CA GLU A 395 4.91 -15.03 -10.35
C GLU A 395 5.63 -15.51 -11.60
N GLU A 396 6.78 -14.93 -11.90
CA GLU A 396 7.52 -15.28 -13.11
C GLU A 396 7.98 -16.74 -13.07
N LEU A 397 8.58 -17.15 -11.96
CA LEU A 397 9.24 -18.46 -11.91
C LEU A 397 8.32 -19.59 -11.46
N THR A 398 7.31 -19.31 -10.66
CA THR A 398 6.32 -20.34 -10.32
C THR A 398 5.16 -20.38 -11.31
N GLU A 399 4.88 -19.27 -11.97
CA GLU A 399 3.73 -19.13 -12.88
C GLU A 399 2.40 -19.28 -12.16
N LEU A 400 2.39 -19.25 -10.84
CA LEU A 400 1.17 -19.31 -10.06
C LEU A 400 0.74 -17.91 -9.64
N PRO A 401 -0.54 -17.69 -9.41
CA PRO A 401 -0.96 -16.41 -8.81
C PRO A 401 -0.36 -16.26 -7.41
N VAL A 402 0.07 -15.04 -7.10
CA VAL A 402 0.73 -14.74 -5.84
C VAL A 402 -0.02 -13.58 -5.19
N MET A 403 -0.65 -13.84 -4.05
CA MET A 403 -1.31 -12.82 -3.27
C MET A 403 -0.40 -12.40 -2.12
N VAL A 404 -0.30 -11.10 -1.88
CA VAL A 404 0.49 -10.55 -0.78
C VAL A 404 -0.46 -9.78 0.13
N GLU A 405 -0.56 -10.22 1.39
CA GLU A 405 -1.56 -9.73 2.31
C GLU A 405 -0.93 -9.15 3.56
N LEU A 406 -1.46 -8.01 4.00
CA LEU A 406 -1.18 -7.49 5.33
C LEU A 406 -1.97 -8.31 6.35
N ALA A 407 -1.27 -8.87 7.33
CA ALA A 407 -1.88 -9.86 8.21
C ALA A 407 -3.14 -9.31 8.89
N SER A 408 -3.05 -8.10 9.42
CA SER A 408 -4.20 -7.53 10.13
C SER A 408 -5.43 -7.48 9.23
N ASP A 409 -5.26 -7.00 7.99
CA ASP A 409 -6.38 -6.93 7.06
C ASP A 409 -6.80 -8.31 6.61
N PHE A 410 -5.84 -9.21 6.39
CA PHE A 410 -6.15 -10.60 6.03
C PHE A 410 -7.15 -11.20 7.01
N LEU A 411 -7.00 -10.91 8.30
CA LEU A 411 -7.91 -11.45 9.30
C LEU A 411 -9.25 -10.72 9.30
N ASP A 412 -9.22 -9.39 9.18
CA ASP A 412 -10.46 -8.62 9.22
C ASP A 412 -11.46 -9.10 8.16
N ARG A 413 -10.96 -9.47 6.98
CA ARG A 413 -11.84 -9.80 5.87
C ARG A 413 -12.27 -11.26 5.83
N ASN A 414 -11.69 -12.12 6.68
CA ASN A 414 -11.93 -13.56 6.61
C ASN A 414 -11.67 -14.06 5.19
N THR A 415 -10.42 -13.86 4.77
CA THR A 415 -10.05 -14.12 3.39
C THR A 415 -10.30 -15.59 3.04
N PRO A 416 -10.89 -15.88 1.88
CA PRO A 416 -11.07 -17.28 1.47
C PRO A 416 -9.72 -17.96 1.24
N VAL A 417 -9.51 -19.07 1.95
CA VAL A 417 -8.32 -19.89 1.82
C VAL A 417 -8.76 -21.32 1.54
N PHE A 418 -7.96 -22.04 0.76
CA PHE A 418 -8.31 -23.36 0.28
C PHE A 418 -7.17 -24.35 0.53
N ARG A 419 -7.50 -25.64 0.38
CA ARG A 419 -6.55 -26.70 0.71
C ARG A 419 -5.37 -26.73 -0.26
N ASP A 420 -5.57 -26.28 -1.50
CA ASP A 420 -4.49 -26.25 -2.48
C ASP A 420 -3.79 -24.91 -2.53
N ASP A 421 -3.98 -24.07 -1.50
CA ASP A 421 -3.18 -22.86 -1.32
C ASP A 421 -1.93 -23.21 -0.54
N VAL A 422 -0.82 -22.56 -0.89
CA VAL A 422 0.40 -22.58 -0.09
C VAL A 422 0.58 -21.17 0.49
N CYS A 423 0.60 -21.09 1.81
CA CYS A 423 0.62 -19.81 2.51
C CYS A 423 1.95 -19.60 3.20
N PHE A 424 2.60 -18.48 2.89
CA PHE A 424 3.89 -18.13 3.47
C PHE A 424 3.68 -17.10 4.57
N PHE A 425 4.48 -17.21 5.63
CA PHE A 425 4.40 -16.31 6.77
C PHE A 425 5.80 -15.79 7.07
N LEU A 426 6.01 -14.50 6.79
CA LEU A 426 7.31 -13.86 6.89
C LEU A 426 7.38 -13.12 8.22
N SER A 427 8.34 -13.51 9.07
CA SER A 427 8.43 -12.94 10.41
C SER A 427 9.84 -13.14 10.94
N GLN A 428 10.58 -12.04 11.10
CA GLN A 428 11.88 -12.09 11.73
C GLN A 428 11.80 -12.70 13.13
N SER A 429 10.87 -12.20 13.94
CA SER A 429 10.73 -12.67 15.31
C SER A 429 10.01 -14.01 15.40
N GLY A 430 9.12 -14.30 14.46
CA GLY A 430 8.30 -15.49 14.55
C GLY A 430 7.24 -15.44 15.64
N GLU A 431 6.95 -14.25 16.17
CA GLU A 431 6.02 -14.11 17.27
C GLU A 431 4.94 -13.05 17.03
N THR A 432 4.99 -12.33 15.92
CA THR A 432 4.01 -11.28 15.66
C THR A 432 2.59 -11.85 15.71
N ALA A 433 1.72 -11.14 16.43
CA ALA A 433 0.38 -11.67 16.73
C ALA A 433 -0.41 -11.95 15.47
N ASP A 434 -0.62 -10.92 14.65
CA ASP A 434 -1.50 -11.06 13.49
C ASP A 434 -0.97 -12.09 12.51
N THR A 435 0.36 -12.14 12.32
CA THR A 435 0.93 -13.15 11.44
C THR A 435 0.73 -14.54 12.02
N LEU A 436 0.88 -14.70 13.33
CA LEU A 436 0.67 -16.00 13.94
C LEU A 436 -0.79 -16.42 13.86
N MET A 437 -1.72 -15.49 14.08
CA MET A 437 -3.13 -15.84 13.97
C MET A 437 -3.51 -16.15 12.54
N GLY A 438 -2.92 -15.43 11.58
CA GLY A 438 -3.11 -15.80 10.19
C GLY A 438 -2.64 -17.20 9.89
N LEU A 439 -1.50 -17.59 10.46
CA LEU A 439 -1.00 -18.95 10.31
C LEU A 439 -2.03 -19.96 10.78
N ARG A 440 -2.56 -19.78 11.99
CA ARG A 440 -3.55 -20.71 12.50
C ARG A 440 -4.83 -20.67 11.67
N TYR A 441 -5.21 -19.51 11.15
CA TYR A 441 -6.36 -19.41 10.27
C TYR A 441 -6.18 -20.33 9.06
N CYS A 442 -5.04 -20.23 8.38
CA CYS A 442 -4.83 -21.02 7.17
C CYS A 442 -4.68 -22.50 7.48
N LYS A 443 -4.14 -22.85 8.64
CA LYS A 443 -4.07 -24.25 9.02
C LYS A 443 -5.46 -24.83 9.23
N GLU A 444 -6.36 -24.06 9.84
CA GLU A 444 -7.72 -24.54 10.04
C GLU A 444 -8.39 -24.91 8.72
N ARG A 445 -8.04 -24.22 7.64
CA ARG A 445 -8.66 -24.45 6.34
C ARG A 445 -7.86 -25.42 5.48
N GLY A 446 -6.87 -26.11 6.05
CA GLY A 446 -6.19 -27.16 5.34
C GLY A 446 -5.14 -26.70 4.34
N ALA A 447 -4.69 -25.46 4.44
CA ALA A 447 -3.67 -24.95 3.54
C ALA A 447 -2.29 -25.40 3.98
N LEU A 448 -1.41 -25.57 3.00
CA LEU A 448 0.00 -25.83 3.28
C LEU A 448 0.67 -24.54 3.74
N THR A 449 1.28 -24.57 4.92
CA THR A 449 1.84 -23.37 5.53
C THR A 449 3.36 -23.44 5.53
N VAL A 450 4.01 -22.33 5.20
CA VAL A 450 5.46 -22.24 5.09
C VAL A 450 5.92 -21.00 5.84
N GLY A 451 6.97 -21.14 6.64
CA GLY A 451 7.51 -20.04 7.42
C GLY A 451 8.80 -19.52 6.83
N ILE A 452 8.92 -18.20 6.79
CA ILE A 452 10.17 -17.53 6.42
C ILE A 452 10.55 -16.70 7.64
N THR A 453 11.34 -17.29 8.54
CA THR A 453 11.56 -16.73 9.86
C THR A 453 13.06 -16.59 10.13
N ASN A 454 13.36 -15.89 11.22
CA ASN A 454 14.75 -15.64 11.64
C ASN A 454 14.97 -15.98 13.10
N THR A 455 14.07 -16.74 13.72
CA THR A 455 14.17 -17.08 15.14
C THR A 455 13.82 -18.55 15.30
N VAL A 456 14.83 -19.37 15.59
CA VAL A 456 14.60 -20.79 15.85
C VAL A 456 13.80 -20.94 17.13
N GLY A 457 12.85 -21.88 17.12
CA GLY A 457 11.99 -22.12 18.26
C GLY A 457 10.83 -21.17 18.40
N SER A 458 10.66 -20.22 17.49
CA SER A 458 9.58 -19.25 17.60
C SER A 458 8.25 -19.89 17.23
N SER A 459 7.17 -19.21 17.63
CA SER A 459 5.83 -19.75 17.43
C SER A 459 5.55 -20.00 15.95
N ILE A 460 5.91 -19.05 15.09
CA ILE A 460 5.62 -19.21 13.67
C ILE A 460 6.51 -20.28 13.05
N SER A 461 7.74 -20.43 13.54
CA SER A 461 8.62 -21.47 13.02
C SER A 461 8.13 -22.86 13.42
N ARG A 462 7.69 -23.02 14.68
CA ARG A 462 7.21 -24.31 15.14
C ARG A 462 5.93 -24.70 14.43
N GLU A 463 4.97 -23.78 14.35
CA GLU A 463 3.61 -24.14 13.93
C GLU A 463 3.46 -24.26 12.42
N THR A 464 4.40 -23.74 11.64
CA THR A 464 4.36 -23.93 10.19
C THR A 464 4.74 -25.37 9.84
N ASP A 465 4.10 -25.90 8.80
CA ASP A 465 4.44 -27.25 8.35
C ASP A 465 5.92 -27.35 8.01
N CYS A 466 6.45 -26.35 7.32
CA CYS A 466 7.86 -26.29 6.96
C CYS A 466 8.24 -24.83 6.82
N GLY A 467 9.48 -24.57 6.43
CA GLY A 467 9.91 -23.21 6.22
C GLY A 467 11.41 -23.12 6.06
N VAL A 468 11.90 -21.89 6.14
CA VAL A 468 13.30 -21.56 5.95
C VAL A 468 13.72 -20.61 7.05
N HIS A 469 14.80 -20.94 7.75
CA HIS A 469 15.45 -20.01 8.66
C HIS A 469 16.44 -19.18 7.85
N ILE A 470 16.14 -17.89 7.68
CA ILE A 470 16.92 -17.05 6.79
C ILE A 470 18.36 -16.90 7.23
N ASN A 471 18.68 -17.28 8.48
CA ASN A 471 20.06 -17.32 8.96
C ASN A 471 20.75 -15.97 8.79
N ALA A 472 20.04 -14.90 9.12
CA ALA A 472 20.62 -13.56 9.08
C ALA A 472 21.33 -13.19 10.38
N GLY A 473 21.23 -14.01 11.41
CA GLY A 473 21.74 -13.67 12.71
C GLY A 473 20.72 -12.86 13.48
N PRO A 474 20.87 -12.78 14.79
CA PRO A 474 19.93 -11.98 15.59
C PRO A 474 19.89 -10.54 15.10
N GLU A 475 18.68 -9.99 15.01
CA GLU A 475 18.49 -8.59 14.65
C GLU A 475 18.13 -7.86 15.94
N ILE A 476 19.11 -7.11 16.48
CA ILE A 476 18.92 -6.39 17.72
C ILE A 476 18.40 -4.97 17.51
N GLY A 477 18.59 -4.40 16.33
CA GLY A 477 18.18 -3.03 16.09
C GLY A 477 16.67 -2.86 16.18
N VAL A 478 16.27 -1.60 16.30
CA VAL A 478 14.85 -1.28 16.40
C VAL A 478 14.13 -1.62 15.10
N ALA A 479 14.75 -1.31 13.97
CA ALA A 479 14.13 -1.48 12.67
C ALA A 479 14.73 -2.67 11.94
N SER A 480 13.94 -3.25 11.04
CA SER A 480 14.40 -4.37 10.24
C SER A 480 15.30 -3.88 9.12
N THR A 481 16.57 -4.31 9.14
CA THR A 481 17.51 -4.00 8.06
C THR A 481 17.95 -5.27 7.35
N LYS A 482 18.84 -6.08 7.96
CA LYS A 482 19.30 -7.29 7.31
C LYS A 482 18.20 -8.33 7.19
N ALA A 483 17.21 -8.29 8.08
CA ALA A 483 16.10 -9.23 7.99
C ALA A 483 15.34 -9.04 6.68
N TYR A 484 15.11 -7.79 6.29
CA TYR A 484 14.42 -7.52 5.03
C TYR A 484 15.20 -8.09 3.85
N THR A 485 16.51 -7.87 3.83
CA THR A 485 17.32 -8.33 2.70
C THR A 485 17.55 -9.84 2.74
N SER A 486 17.60 -10.45 3.92
CA SER A 486 17.74 -11.89 4.00
C SER A 486 16.42 -12.58 3.64
N GLN A 487 15.29 -12.01 4.07
CA GLN A 487 14.00 -12.50 3.59
C GLN A 487 13.92 -12.41 2.07
N PHE A 488 14.27 -11.23 1.53
CA PHE A 488 14.34 -11.04 0.08
C PHE A 488 15.07 -12.19 -0.59
N VAL A 489 16.31 -12.45 -0.17
CA VAL A 489 17.12 -13.48 -0.81
C VAL A 489 16.51 -14.85 -0.60
N SER A 490 15.90 -15.09 0.57
CA SER A 490 15.34 -16.41 0.84
C SER A 490 14.18 -16.72 -0.11
N LEU A 491 13.32 -15.74 -0.37
CA LEU A 491 12.21 -15.96 -1.29
C LEU A 491 12.70 -16.16 -2.71
N VAL A 492 13.73 -15.42 -3.11
CA VAL A 492 14.32 -15.63 -4.43
C VAL A 492 14.85 -17.05 -4.55
N MET A 493 15.55 -17.53 -3.52
CA MET A 493 16.05 -18.90 -3.55
C MET A 493 14.92 -19.91 -3.67
N PHE A 494 13.81 -19.67 -2.98
CA PHE A 494 12.64 -20.53 -3.12
C PHE A 494 12.12 -20.50 -4.55
N ALA A 495 11.99 -19.31 -5.12
CA ALA A 495 11.54 -19.20 -6.51
C ALA A 495 12.46 -19.97 -7.44
N LEU A 496 13.76 -19.95 -7.18
CA LEU A 496 14.71 -20.68 -8.01
C LEU A 496 14.51 -22.18 -7.90
N MET A 497 14.05 -22.67 -6.75
CA MET A 497 13.76 -24.10 -6.62
C MET A 497 12.52 -24.47 -7.41
N MET A 498 11.52 -23.60 -7.44
CA MET A 498 10.24 -23.94 -8.06
C MET A 498 10.34 -24.11 -9.57
N CYS A 499 11.40 -23.62 -10.20
CA CYS A 499 11.55 -23.69 -11.65
C CYS A 499 12.79 -24.47 -12.07
N ASP A 500 13.36 -25.28 -11.17
CA ASP A 500 14.57 -26.03 -11.49
C ASP A 500 14.36 -27.12 -12.53
N ASP A 501 13.11 -27.38 -12.94
CA ASP A 501 12.82 -28.42 -13.93
C ASP A 501 12.34 -27.84 -15.25
N ARG A 502 12.43 -26.53 -15.44
CA ARG A 502 11.95 -25.87 -16.64
C ARG A 502 13.14 -25.55 -17.55
N ILE A 503 13.19 -26.21 -18.70
CA ILE A 503 14.26 -25.95 -19.67
C ILE A 503 14.25 -24.48 -20.06
N SER A 504 13.07 -23.95 -20.38
CA SER A 504 12.96 -22.58 -20.87
C SER A 504 13.47 -21.55 -19.87
N MET A 505 13.62 -21.93 -18.60
CA MET A 505 14.03 -20.98 -17.56
C MET A 505 15.45 -21.21 -17.07
N GLN A 506 16.20 -22.14 -17.67
CA GLN A 506 17.55 -22.41 -17.21
C GLN A 506 18.43 -21.17 -17.28
N GLU A 507 18.34 -20.41 -18.37
CA GLU A 507 19.17 -19.21 -18.51
C GLU A 507 18.78 -18.15 -17.50
N ARG A 508 17.48 -17.93 -17.31
CA ARG A 508 17.03 -16.94 -16.32
C ARG A 508 17.54 -17.29 -14.93
N ARG A 509 17.57 -18.58 -14.60
CA ARG A 509 18.07 -19.00 -13.29
C ARG A 509 19.55 -18.70 -13.15
N LYS A 510 20.33 -18.96 -14.20
CA LYS A 510 21.75 -18.66 -14.17
C LYS A 510 21.99 -17.16 -13.97
N GLU A 511 21.24 -16.34 -14.72
CA GLU A 511 21.37 -14.89 -14.55
C GLU A 511 21.12 -14.49 -13.11
N ILE A 512 20.04 -14.99 -12.51
CA ILE A 512 19.70 -14.62 -11.14
C ILE A 512 20.78 -15.12 -10.18
N MET A 513 21.27 -16.34 -10.38
CA MET A 513 22.20 -16.91 -9.42
C MET A 513 23.58 -16.28 -9.52
N LEU A 514 24.02 -15.94 -10.74
CA LEU A 514 25.22 -15.14 -10.87
C LEU A 514 25.03 -13.76 -10.25
N GLY A 515 23.78 -13.28 -10.20
CA GLY A 515 23.52 -12.06 -9.48
C GLY A 515 23.68 -12.24 -7.98
N LEU A 516 23.21 -13.36 -7.44
CA LEU A 516 23.41 -13.66 -6.03
C LEU A 516 24.89 -13.83 -5.72
N LYS A 517 25.63 -14.47 -6.63
CA LYS A 517 27.07 -14.63 -6.45
C LYS A 517 27.75 -13.28 -6.25
N ARG A 518 27.42 -12.31 -7.11
CA ARG A 518 28.02 -10.99 -7.06
C ARG A 518 27.38 -10.07 -6.03
N LEU A 519 26.26 -10.49 -5.45
CA LEU A 519 25.49 -9.58 -4.59
C LEU A 519 26.30 -9.07 -3.40
N PRO A 520 27.02 -9.90 -2.64
CA PRO A 520 27.76 -9.37 -1.49
C PRO A 520 28.71 -8.24 -1.85
N ASP A 521 29.42 -8.35 -2.96
CA ASP A 521 30.36 -7.31 -3.35
C ASP A 521 29.63 -6.06 -3.83
N LEU A 522 28.47 -6.21 -4.47
CA LEU A 522 27.69 -5.04 -4.88
C LEU A 522 27.18 -4.27 -3.67
N ILE A 523 26.81 -4.98 -2.61
CA ILE A 523 26.39 -4.31 -1.38
C ILE A 523 27.54 -3.48 -0.82
N LYS A 524 28.73 -4.09 -0.72
CA LYS A 524 29.91 -3.34 -0.30
C LYS A 524 30.09 -2.08 -1.15
N GLU A 525 29.79 -2.18 -2.45
CA GLU A 525 29.91 -1.02 -3.32
C GLU A 525 28.92 0.08 -2.91
N VAL A 526 27.69 -0.30 -2.57
CA VAL A 526 26.71 0.68 -2.14
C VAL A 526 27.14 1.31 -0.82
N LEU A 527 27.57 0.49 0.14
CA LEU A 527 27.99 1.01 1.44
C LEU A 527 29.15 1.98 1.29
N SER A 528 30.03 1.78 0.31
CA SER A 528 31.13 2.69 0.08
C SER A 528 30.66 4.09 -0.33
N MET A 529 29.40 4.24 -0.72
CA MET A 529 28.83 5.55 -1.03
C MET A 529 28.19 6.22 0.18
N ASP A 530 28.52 5.75 1.39
CA ASP A 530 27.92 6.33 2.58
C ASP A 530 28.15 7.83 2.65
N ASP A 531 29.32 8.30 2.23
CA ASP A 531 29.58 9.74 2.23
C ASP A 531 28.55 10.49 1.40
N GLU A 532 28.17 9.93 0.25
CA GLU A 532 27.16 10.58 -0.57
C GLU A 532 25.80 10.60 0.12
N ILE A 533 25.50 9.59 0.92
CA ILE A 533 24.21 9.55 1.61
C ILE A 533 24.17 10.61 2.70
N GLN A 534 25.28 10.79 3.43
CA GLN A 534 25.33 11.83 4.44
C GLN A 534 25.09 13.20 3.83
N LYS A 535 25.69 13.47 2.67
CA LYS A 535 25.42 14.72 1.96
C LYS A 535 23.93 14.88 1.68
N LEU A 536 23.24 13.77 1.39
CA LEU A 536 21.80 13.84 1.20
C LEU A 536 21.08 14.05 2.52
N ALA A 537 21.54 13.41 3.58
CA ALA A 537 20.94 13.63 4.90
C ALA A 537 21.05 15.09 5.31
N THR A 538 22.16 15.75 4.95
CA THR A 538 22.29 17.17 5.21
C THR A 538 21.23 17.97 4.48
N GLU A 539 20.97 17.63 3.21
CA GLU A 539 19.97 18.37 2.44
C GLU A 539 18.59 18.25 3.07
N LEU A 540 18.23 17.07 3.55
CA LEU A 540 16.91 16.82 4.11
C LEU A 540 16.83 17.05 5.61
N TYR A 541 17.92 17.54 6.22
CA TYR A 541 17.95 17.70 7.67
C TYR A 541 16.75 18.49 8.17
N HIS A 542 16.48 19.63 7.56
CA HIS A 542 15.43 20.54 8.01
C HIS A 542 14.07 20.25 7.38
N GLN A 543 13.97 19.25 6.52
CA GLN A 543 12.71 18.99 5.82
C GLN A 543 11.77 18.19 6.69
N LYS A 544 10.46 18.37 6.45
CA LYS A 544 9.43 17.69 7.21
C LYS A 544 8.70 16.62 6.42
N SER A 545 8.91 16.56 5.11
CA SER A 545 8.31 15.51 4.27
C SER A 545 9.28 15.13 3.17
N VAL A 546 9.06 13.95 2.61
CA VAL A 546 9.80 13.50 1.44
C VAL A 546 8.99 12.39 0.75
N LEU A 547 8.78 12.55 -0.54
CA LEU A 547 8.09 11.53 -1.34
C LEU A 547 9.12 10.65 -2.02
N ILE A 548 8.95 9.34 -1.87
CA ILE A 548 9.82 8.35 -2.49
C ILE A 548 9.00 7.62 -3.55
N MET A 549 9.41 7.76 -4.80
CA MET A 549 8.62 7.29 -5.94
C MET A 549 9.35 6.14 -6.63
N GLY A 550 8.60 5.07 -6.92
CA GLY A 550 9.15 3.92 -7.61
C GLY A 550 8.01 3.04 -8.09
N ARG A 551 8.37 2.09 -8.96
CA ARG A 551 7.39 1.16 -9.50
C ARG A 551 8.08 -0.15 -9.83
N GLY A 552 7.28 -1.16 -10.16
CA GLY A 552 7.81 -2.46 -10.51
C GLY A 552 8.59 -3.06 -9.35
N TYR A 553 9.80 -3.54 -9.65
CA TYR A 553 10.64 -4.15 -8.63
C TYR A 553 10.96 -3.20 -7.48
N HIS A 554 10.73 -1.90 -7.66
CA HIS A 554 11.11 -0.92 -6.66
C HIS A 554 9.89 -0.25 -6.02
N TYR A 555 8.70 -0.80 -6.23
CA TYR A 555 7.55 -0.41 -5.41
C TYR A 555 7.84 -0.72 -3.94
N ALA A 556 8.33 -1.92 -3.66
CA ALA A 556 8.66 -2.29 -2.29
C ALA A 556 9.76 -1.39 -1.75
N THR A 557 10.72 -1.00 -2.60
CA THR A 557 11.82 -0.17 -2.15
C THR A 557 11.32 1.15 -1.57
N CYS A 558 10.41 1.82 -2.28
CA CYS A 558 9.94 3.12 -1.80
C CYS A 558 8.99 2.98 -0.62
N LEU A 559 8.28 1.85 -0.52
CA LEU A 559 7.47 1.61 0.67
C LEU A 559 8.34 1.32 1.89
N GLU A 560 9.37 0.49 1.72
CA GLU A 560 10.26 0.17 2.84
C GLU A 560 11.07 1.39 3.26
N GLY A 561 11.55 2.17 2.30
CA GLY A 561 12.30 3.37 2.65
C GLY A 561 11.44 4.38 3.39
N ALA A 562 10.21 4.60 2.92
CA ALA A 562 9.31 5.51 3.61
C ALA A 562 9.05 5.04 5.03
N LEU A 563 8.94 3.73 5.24
CA LEU A 563 8.69 3.23 6.59
C LEU A 563 9.92 3.44 7.48
N LYS A 564 11.12 3.15 6.96
CA LYS A 564 12.33 3.36 7.74
C LYS A 564 12.46 4.81 8.18
N ILE A 565 12.26 5.75 7.24
CA ILE A 565 12.40 7.16 7.57
C ILE A 565 11.31 7.59 8.56
N LYS A 566 10.11 7.02 8.47
CA LYS A 566 9.09 7.29 9.48
C LYS A 566 9.51 6.75 10.84
N GLU A 567 9.97 5.50 10.87
CA GLU A 567 10.20 4.81 12.14
C GLU A 567 11.45 5.32 12.85
N ILE A 568 12.48 5.70 12.10
CA ILE A 568 13.77 6.04 12.66
C ILE A 568 13.98 7.56 12.71
N THR A 569 13.51 8.27 11.69
CA THR A 569 13.74 9.71 11.57
C THR A 569 12.59 10.55 12.09
N TYR A 570 11.38 9.99 12.17
CA TYR A 570 10.21 10.68 12.69
C TYR A 570 9.77 11.83 11.77
N MET A 571 10.06 11.74 10.48
CA MET A 571 9.54 12.68 9.51
C MET A 571 8.57 11.97 8.58
N HIS A 572 7.77 12.77 7.86
CA HIS A 572 6.69 12.23 7.05
C HIS A 572 7.21 11.86 5.66
N SER A 573 7.77 10.66 5.58
CA SER A 573 8.14 10.06 4.30
C SER A 573 7.03 9.14 3.84
N GLU A 574 6.71 9.20 2.55
CA GLU A 574 5.64 8.40 1.98
C GLU A 574 6.10 7.78 0.67
N GLY A 575 5.80 6.50 0.50
CA GLY A 575 6.09 5.81 -0.74
C GLY A 575 4.93 5.93 -1.70
N ILE A 576 5.23 6.31 -2.95
CA ILE A 576 4.21 6.57 -3.95
C ILE A 576 4.52 5.73 -5.18
N LEU A 577 3.57 4.87 -5.58
CA LEU A 577 3.70 4.12 -6.81
C LEU A 577 3.75 5.09 -7.99
N ALA A 578 4.84 5.02 -8.76
CA ALA A 578 5.05 6.00 -9.83
C ALA A 578 3.88 6.04 -10.80
N GLY A 579 3.35 4.86 -11.18
CA GLY A 579 2.25 4.81 -12.12
C GLY A 579 0.96 5.44 -11.63
N GLU A 580 0.92 5.86 -10.37
CA GLU A 580 -0.25 6.51 -9.80
C GLU A 580 -0.14 8.03 -9.73
N LEU A 581 1.03 8.59 -10.08
CA LEU A 581 1.24 10.02 -9.96
C LEU A 581 0.13 10.82 -10.64
N LYS A 582 -0.09 10.56 -11.93
CA LYS A 582 -1.06 11.33 -12.69
C LYS A 582 -2.50 11.05 -12.30
N HIS A 583 -2.74 10.21 -11.28
CA HIS A 583 -4.08 9.97 -10.78
C HIS A 583 -4.39 10.74 -9.50
N GLY A 584 -3.50 11.64 -9.09
CA GLY A 584 -3.76 12.51 -7.96
C GLY A 584 -2.52 12.96 -7.20
N PRO A 585 -1.72 12.01 -6.73
CA PRO A 585 -0.58 12.37 -5.86
C PRO A 585 0.38 13.37 -6.47
N LEU A 586 0.47 13.44 -7.80
CA LEU A 586 1.40 14.37 -8.43
C LEU A 586 1.14 15.82 -8.02
N ALA A 587 -0.05 16.12 -7.48
CA ALA A 587 -0.36 17.48 -7.06
C ALA A 587 0.55 17.98 -5.95
N LEU A 588 1.18 17.08 -5.19
CA LEU A 588 2.07 17.51 -4.12
C LEU A 588 3.39 18.07 -4.65
N VAL A 589 3.77 17.74 -5.87
CA VAL A 589 5.07 18.16 -6.39
C VAL A 589 5.08 19.66 -6.61
N ASP A 590 6.10 20.33 -6.07
CA ASP A 590 6.41 21.72 -6.37
C ASP A 590 7.88 21.93 -6.03
N LYS A 591 8.32 23.19 -6.07
CA LYS A 591 9.74 23.47 -5.84
C LYS A 591 10.17 23.19 -4.40
N LEU A 592 9.24 23.03 -3.47
CA LEU A 592 9.58 22.87 -2.07
C LEU A 592 9.49 21.42 -1.58
N MET A 593 8.71 20.58 -2.25
CA MET A 593 8.50 19.22 -1.77
C MET A 593 9.71 18.35 -2.09
N PRO A 594 10.43 17.82 -1.11
CA PRO A 594 11.52 16.89 -1.42
C PRO A 594 10.99 15.60 -2.04
N VAL A 595 11.70 15.12 -3.05
CA VAL A 595 11.30 13.92 -3.78
C VAL A 595 12.53 13.07 -4.05
N ILE A 596 12.38 11.76 -3.83
CA ILE A 596 13.40 10.78 -4.18
C ILE A 596 12.77 9.81 -5.16
N MET A 597 13.39 9.65 -6.33
CA MET A 597 12.88 8.78 -7.38
C MET A 597 13.86 7.66 -7.65
N ILE A 598 13.34 6.46 -7.83
CA ILE A 598 14.15 5.27 -8.07
C ILE A 598 13.98 4.89 -9.54
N ILE A 599 15.07 4.95 -10.29
CA ILE A 599 15.06 4.74 -11.74
C ILE A 599 16.17 3.74 -12.06
N MET A 600 15.79 2.50 -12.38
CA MET A 600 16.75 1.46 -12.68
C MET A 600 16.61 1.01 -14.13
N ARG A 601 17.65 0.32 -14.60
CA ARG A 601 17.72 -0.16 -15.98
C ARG A 601 17.06 -1.53 -16.09
N ASP A 602 15.73 -1.53 -16.01
CA ASP A 602 14.96 -2.74 -16.24
C ASP A 602 13.84 -2.43 -17.23
N HIS A 603 12.85 -3.32 -17.33
CA HIS A 603 11.82 -3.15 -18.35
C HIS A 603 10.95 -1.92 -18.10
N THR A 604 10.95 -1.37 -16.88
CA THR A 604 10.16 -0.18 -16.58
C THR A 604 10.97 1.10 -16.70
N TYR A 605 12.13 1.05 -17.34
CA TYR A 605 13.02 2.21 -17.38
C TYR A 605 12.35 3.40 -18.05
N ALA A 606 11.80 3.19 -19.25
CA ALA A 606 11.19 4.30 -19.97
C ALA A 606 10.02 4.88 -19.19
N LYS A 607 9.23 4.04 -18.54
CA LYS A 607 8.12 4.54 -17.73
C LYS A 607 8.62 5.42 -16.60
N CYS A 608 9.70 5.00 -15.93
CA CYS A 608 10.26 5.81 -14.86
C CYS A 608 10.82 7.12 -15.39
N GLN A 609 11.42 7.10 -16.59
CA GLN A 609 11.80 8.35 -17.24
C GLN A 609 10.59 9.25 -17.43
N ASN A 610 9.46 8.65 -17.79
CA ASN A 610 8.24 9.42 -17.95
C ASN A 610 7.87 10.13 -16.64
N ALA A 611 7.80 9.37 -15.55
CA ALA A 611 7.47 9.96 -14.26
C ALA A 611 8.44 11.09 -13.91
N LEU A 612 9.73 10.90 -14.20
CA LEU A 612 10.71 11.94 -13.90
C LEU A 612 10.37 13.22 -14.64
N GLN A 613 10.04 13.12 -15.94
CA GLN A 613 9.67 14.30 -16.69
C GLN A 613 8.41 14.94 -16.15
N GLN A 614 7.47 14.13 -15.63
CA GLN A 614 6.27 14.68 -15.03
C GLN A 614 6.60 15.48 -13.77
N VAL A 615 7.52 14.98 -12.95
CA VAL A 615 7.89 15.68 -11.73
C VAL A 615 8.61 16.98 -12.06
N VAL A 616 9.63 16.91 -12.92
CA VAL A 616 10.40 18.09 -13.28
C VAL A 616 9.51 19.13 -13.94
N ALA A 617 8.50 18.69 -14.70
CA ALA A 617 7.60 19.63 -15.35
C ALA A 617 6.81 20.45 -14.34
N ARG A 618 6.70 19.99 -13.10
CA ARG A 618 5.96 20.69 -12.06
C ARG A 618 6.90 21.28 -11.01
N GLN A 619 8.07 21.73 -11.44
CA GLN A 619 9.07 22.38 -10.58
C GLN A 619 9.67 21.43 -9.56
N GLY A 620 9.47 20.13 -9.70
CA GLY A 620 10.13 19.18 -8.82
C GLY A 620 11.61 19.06 -9.15
N ARG A 621 12.44 19.00 -8.10
CA ARG A 621 13.89 18.84 -8.21
C ARG A 621 14.28 17.61 -7.42
N PRO A 622 14.00 16.41 -7.95
CA PRO A 622 14.15 15.20 -7.14
C PRO A 622 15.58 14.69 -7.09
N VAL A 623 15.84 13.90 -6.06
CA VAL A 623 17.03 13.08 -5.97
C VAL A 623 16.72 11.75 -6.62
N VAL A 624 17.67 11.18 -7.36
CA VAL A 624 17.45 9.98 -8.13
C VAL A 624 18.45 8.91 -7.68
N ILE A 625 17.93 7.74 -7.34
CA ILE A 625 18.73 6.54 -7.12
C ILE A 625 18.68 5.74 -8.40
N CYS A 626 19.80 5.66 -9.12
CA CYS A 626 19.85 5.00 -10.41
C CYS A 626 21.08 4.12 -10.49
N ASP A 627 21.19 3.38 -11.60
CA ASP A 627 22.32 2.49 -11.80
C ASP A 627 23.59 3.29 -12.09
N LYS A 628 24.73 2.69 -11.73
CA LYS A 628 26.01 3.40 -11.79
C LYS A 628 26.30 3.92 -13.19
N GLU A 629 25.80 3.26 -14.23
CA GLU A 629 26.11 3.61 -15.61
C GLU A 629 25.00 4.41 -16.28
N ASP A 630 23.95 4.77 -15.55
CA ASP A 630 22.86 5.55 -16.13
C ASP A 630 23.31 6.97 -16.42
N THR A 631 24.14 7.15 -17.45
CA THR A 631 24.69 8.45 -17.77
C THR A 631 23.62 9.43 -18.27
N GLU A 632 22.48 8.92 -18.75
CA GLU A 632 21.46 9.80 -19.30
C GLU A 632 20.86 10.69 -18.22
N THR A 633 20.53 10.13 -17.06
CA THR A 633 19.84 10.87 -16.01
C THR A 633 20.78 11.57 -15.05
N ILE A 634 22.03 11.11 -14.94
CA ILE A 634 22.96 11.70 -13.99
C ILE A 634 23.28 13.14 -14.36
N LYS A 635 23.21 13.48 -15.64
CA LYS A 635 23.53 14.84 -16.08
C LYS A 635 22.32 15.77 -16.07
N ASN A 636 21.11 15.23 -15.91
CA ASN A 636 19.90 16.05 -15.87
C ASN A 636 19.44 16.39 -14.47
N THR A 637 19.76 15.56 -13.47
CA THR A 637 19.21 15.69 -12.14
C THR A 637 20.15 16.45 -11.21
N LYS A 638 19.56 17.08 -10.19
CA LYS A 638 20.31 17.71 -9.10
C LYS A 638 21.31 16.74 -8.48
N ARG A 639 20.83 15.86 -7.59
CA ARG A 639 21.67 14.92 -6.86
C ARG A 639 21.24 13.50 -7.20
N THR A 640 22.21 12.61 -7.38
CA THR A 640 21.92 11.24 -7.78
C THR A 640 22.81 10.26 -7.04
N ILE A 641 22.20 9.26 -6.42
CA ILE A 641 22.92 8.10 -5.88
C ILE A 641 23.03 7.07 -6.99
N LYS A 642 24.26 6.62 -7.27
CA LYS A 642 24.54 5.74 -8.40
C LYS A 642 24.92 4.37 -7.85
N VAL A 643 23.95 3.46 -7.79
CA VAL A 643 24.20 2.12 -7.27
C VAL A 643 24.63 1.20 -8.41
N PRO A 644 25.31 0.10 -8.14
CA PRO A 644 25.76 -0.77 -9.23
C PRO A 644 24.62 -1.56 -9.83
N HIS A 645 24.77 -1.89 -11.11
CA HIS A 645 23.75 -2.61 -11.84
C HIS A 645 23.81 -4.10 -11.50
N SER A 646 22.63 -4.70 -11.38
CA SER A 646 22.51 -6.13 -11.10
C SER A 646 21.28 -6.65 -11.83
N VAL A 647 21.00 -7.93 -11.66
CA VAL A 647 19.80 -8.51 -12.26
C VAL A 647 18.58 -7.79 -11.72
N ASP A 648 17.56 -7.65 -12.58
CA ASP A 648 16.42 -6.79 -12.25
C ASP A 648 15.72 -7.24 -10.98
N CYS A 649 15.57 -8.54 -10.78
CA CYS A 649 14.82 -9.05 -9.63
C CYS A 649 15.65 -9.05 -8.35
N LEU A 650 16.88 -8.53 -8.37
CA LEU A 650 17.67 -8.35 -7.17
C LEU A 650 18.02 -6.89 -6.88
N GLN A 651 17.75 -5.97 -7.81
CA GLN A 651 18.12 -4.57 -7.60
C GLN A 651 17.49 -3.99 -6.35
N GLY A 652 16.32 -4.47 -5.95
CA GLY A 652 15.67 -3.94 -4.76
C GLY A 652 16.56 -3.97 -3.54
N ILE A 653 17.43 -4.98 -3.44
CA ILE A 653 18.33 -5.07 -2.30
C ILE A 653 19.31 -3.91 -2.32
N LEU A 654 19.90 -3.62 -3.49
CA LEU A 654 20.90 -2.56 -3.57
C LEU A 654 20.28 -1.18 -3.46
N SER A 655 19.03 -1.01 -3.92
CA SER A 655 18.42 0.31 -3.95
C SER A 655 17.77 0.70 -2.62
N VAL A 656 17.48 -0.27 -1.75
CA VAL A 656 16.91 0.06 -0.45
C VAL A 656 17.97 0.45 0.55
N ILE A 657 19.22 0.01 0.36
CA ILE A 657 20.27 0.28 1.34
C ILE A 657 20.53 1.77 1.49
N PRO A 658 20.62 2.56 0.41
CA PRO A 658 20.77 4.01 0.60
C PRO A 658 19.66 4.62 1.43
N LEU A 659 18.44 4.09 1.34
CA LEU A 659 17.34 4.59 2.16
C LEU A 659 17.47 4.13 3.60
N GLN A 660 17.99 2.91 3.84
CA GLN A 660 18.36 2.52 5.18
C GLN A 660 19.36 3.50 5.77
N LEU A 661 20.44 3.78 5.04
CA LEU A 661 21.47 4.69 5.53
C LEU A 661 20.93 6.11 5.68
N LEU A 662 20.07 6.54 4.76
CA LEU A 662 19.52 7.89 4.84
C LEU A 662 18.75 8.08 6.14
N ALA A 663 17.94 7.09 6.52
CA ALA A 663 17.22 7.18 7.79
C ALA A 663 18.19 7.23 8.96
N PHE A 664 19.23 6.40 8.92
CA PHE A 664 20.22 6.38 9.99
C PHE A 664 20.88 7.74 10.16
N HIS A 665 21.41 8.30 9.07
CA HIS A 665 22.15 9.55 9.17
C HIS A 665 21.23 10.72 9.55
N LEU A 666 20.03 10.76 8.98
CA LEU A 666 19.09 11.82 9.34
C LEU A 666 18.80 11.80 10.85
N ALA A 667 18.51 10.62 11.38
CA ALA A 667 18.25 10.52 12.82
C ALA A 667 19.44 10.98 13.63
N VAL A 668 20.66 10.62 13.22
CA VAL A 668 21.85 11.01 13.98
C VAL A 668 22.02 12.52 13.94
N LEU A 669 21.80 13.14 12.78
CA LEU A 669 21.94 14.59 12.69
C LEU A 669 20.99 15.31 13.63
N ARG A 670 19.83 14.74 13.90
CA ARG A 670 18.81 15.35 14.73
C ARG A 670 18.93 14.98 16.20
N GLY A 671 19.99 14.28 16.59
CA GLY A 671 20.22 13.95 17.98
C GLY A 671 19.46 12.76 18.49
N TYR A 672 18.86 11.96 17.62
CA TYR A 672 18.08 10.82 18.06
C TYR A 672 18.97 9.62 18.31
N ASP A 673 18.55 8.78 19.25
CA ASP A 673 19.17 7.48 19.50
C ASP A 673 18.49 6.45 18.61
N VAL A 674 19.21 5.96 17.58
CA VAL A 674 18.61 5.05 16.63
C VAL A 674 18.27 3.70 17.24
N ASP A 675 18.91 3.33 18.35
CA ASP A 675 18.61 2.09 19.04
C ASP A 675 17.56 2.26 20.14
N PHE A 676 17.02 3.46 20.31
CA PHE A 676 16.01 3.71 21.33
C PHE A 676 14.64 3.72 20.64
N PRO A 677 13.74 2.78 20.94
CA PRO A 677 12.46 2.75 20.24
C PRO A 677 11.52 3.86 20.72
N ARG A 678 10.67 4.31 19.81
CA ARG A 678 9.67 5.33 20.13
C ARG A 678 8.26 4.80 20.19
N ASN A 679 7.89 3.89 19.30
CA ASN A 679 6.54 3.32 19.32
C ASN A 679 6.23 2.73 20.69
N LEU A 680 7.02 1.75 21.12
CA LEU A 680 6.88 1.17 22.45
C LEU A 680 5.42 0.83 22.78
N CYS B 2 -6.53 16.88 -22.41
CA CYS B 2 -6.53 17.19 -23.84
C CYS B 2 -7.94 17.15 -24.41
N GLY B 3 -8.36 18.26 -25.01
CA GLY B 3 -9.69 18.35 -25.58
C GLY B 3 -9.64 18.99 -26.96
N ILE B 4 -10.57 18.55 -27.80
CA ILE B 4 -10.67 19.00 -29.19
C ILE B 4 -12.03 19.61 -29.42
N PHE B 5 -12.07 20.70 -30.19
CA PHE B 5 -13.33 21.35 -30.54
C PHE B 5 -13.11 22.20 -31.78
N ALA B 6 -13.98 22.04 -32.77
CA ALA B 6 -13.93 22.84 -33.99
C ALA B 6 -15.35 23.16 -34.44
N TYR B 7 -15.51 24.34 -35.01
CA TYR B 7 -16.82 24.86 -35.41
C TYR B 7 -16.79 25.16 -36.90
N LEU B 8 -17.64 24.48 -37.66
CA LEU B 8 -17.75 24.66 -39.11
C LEU B 8 -19.18 25.10 -39.42
N ASN B 9 -19.34 26.36 -39.78
CA ASN B 9 -20.65 26.91 -40.16
C ASN B 9 -20.69 27.06 -41.68
N TYR B 10 -21.43 26.18 -42.35
CA TYR B 10 -21.52 26.19 -43.80
C TYR B 10 -22.80 26.90 -44.19
N HIS B 11 -22.67 28.03 -44.87
CA HIS B 11 -23.81 28.85 -45.29
C HIS B 11 -24.68 29.25 -44.11
N VAL B 12 -24.07 29.41 -42.94
CA VAL B 12 -24.73 29.96 -41.76
C VAL B 12 -23.91 31.16 -41.32
N PRO B 13 -24.28 32.39 -41.73
CA PRO B 13 -23.42 33.55 -41.45
C PRO B 13 -23.09 33.73 -39.97
N ARG B 14 -21.79 33.70 -39.66
CA ARG B 14 -21.30 33.97 -38.31
C ARG B 14 -20.16 34.98 -38.40
N THR B 15 -20.25 36.04 -37.61
CA THR B 15 -19.17 37.01 -37.57
C THR B 15 -17.97 36.42 -36.84
N ARG B 16 -16.81 37.06 -37.02
CA ARG B 16 -15.59 36.56 -36.41
C ARG B 16 -15.66 36.56 -34.89
N ARG B 17 -16.53 37.38 -34.30
CA ARG B 17 -16.73 37.34 -32.85
C ARG B 17 -17.62 36.16 -32.44
N GLU B 18 -18.55 35.76 -33.31
CA GLU B 18 -19.42 34.63 -33.00
C GLU B 18 -18.67 33.32 -33.09
N ILE B 19 -17.72 33.20 -34.01
CA ILE B 19 -16.97 31.96 -34.16
C ILE B 19 -15.97 31.81 -33.02
N LEU B 20 -15.21 32.88 -32.73
CA LEU B 20 -14.26 32.83 -31.63
C LEU B 20 -14.94 32.57 -30.31
N GLU B 21 -16.07 33.25 -30.05
CA GLU B 21 -16.83 32.99 -28.84
C GLU B 21 -17.35 31.56 -28.81
N THR B 22 -17.56 30.95 -29.98
CA THR B 22 -18.00 29.56 -30.04
C THR B 22 -16.83 28.61 -29.79
N LEU B 23 -15.63 28.96 -30.28
CA LEU B 23 -14.46 28.11 -30.05
C LEU B 23 -14.08 28.11 -28.58
N ILE B 24 -14.05 29.29 -27.96
CA ILE B 24 -13.74 29.37 -26.53
C ILE B 24 -14.81 28.68 -25.71
N LYS B 25 -16.08 28.84 -26.08
CA LYS B 25 -17.16 28.21 -25.34
C LYS B 25 -17.07 26.69 -25.40
N GLY B 26 -16.53 26.16 -26.50
CA GLY B 26 -16.35 24.72 -26.61
C GLY B 26 -15.20 24.19 -25.79
N LEU B 27 -14.12 24.97 -25.66
CA LEU B 27 -13.00 24.56 -24.84
C LEU B 27 -13.38 24.55 -23.36
N GLN B 28 -14.15 25.54 -22.92
CA GLN B 28 -14.61 25.57 -21.53
C GLN B 28 -15.37 24.30 -21.19
N ARG B 29 -16.11 23.74 -22.15
CA ARG B 29 -16.79 22.46 -21.92
C ARG B 29 -15.81 21.31 -21.80
N LEU B 30 -14.58 21.47 -22.30
CA LEU B 30 -13.57 20.43 -22.27
C LEU B 30 -12.41 20.76 -21.35
N GLU B 31 -12.44 21.91 -20.68
CA GLU B 31 -11.28 22.35 -19.91
C GLU B 31 -10.89 21.34 -18.84
N TYR B 32 -11.85 20.61 -18.28
CA TYR B 32 -11.55 19.67 -17.21
C TYR B 32 -10.69 18.50 -17.68
N ARG B 33 -10.56 18.28 -19.00
CA ARG B 33 -9.67 17.26 -19.53
C ARG B 33 -8.25 17.76 -19.74
N GLY B 34 -7.95 18.98 -19.29
CA GLY B 34 -6.65 19.60 -19.49
C GLY B 34 -6.75 21.09 -19.49
N TYR B 35 -5.87 21.78 -18.75
CA TYR B 35 -5.95 23.23 -18.62
C TYR B 35 -4.58 23.86 -18.41
N ASP B 36 -3.54 23.28 -19.00
CA ASP B 36 -2.20 23.85 -18.92
C ASP B 36 -1.93 24.86 -20.02
N SER B 37 -2.64 24.77 -21.14
CA SER B 37 -2.51 25.72 -22.24
C SER B 37 -3.69 25.51 -23.18
N ALA B 38 -3.87 26.46 -24.09
CA ALA B 38 -4.97 26.42 -25.03
C ALA B 38 -4.58 27.18 -26.29
N GLY B 39 -5.42 27.04 -27.32
CA GLY B 39 -5.18 27.72 -28.58
C GLY B 39 -6.38 27.60 -29.49
N VAL B 40 -6.33 28.38 -30.57
CA VAL B 40 -7.38 28.38 -31.58
C VAL B 40 -6.74 28.62 -32.94
N GLY B 41 -7.42 28.15 -33.98
CA GLY B 41 -6.98 28.33 -35.35
C GLY B 41 -8.11 28.70 -36.28
N PHE B 42 -8.10 29.94 -36.79
CA PHE B 42 -9.17 30.47 -37.61
C PHE B 42 -8.58 31.18 -38.82
N ASP B 43 -9.47 31.68 -39.69
CA ASP B 43 -9.03 32.40 -40.88
C ASP B 43 -8.76 33.86 -40.55
N GLY B 44 -7.66 34.38 -41.10
CA GLY B 44 -7.26 35.75 -40.89
C GLY B 44 -7.71 36.66 -42.03
N GLY B 45 -7.06 37.81 -42.12
CA GLY B 45 -7.38 38.78 -43.16
C GLY B 45 -8.61 39.60 -42.82
N ASN B 46 -8.64 40.85 -43.31
CA ASN B 46 -9.76 41.75 -43.02
C ASN B 46 -10.43 42.19 -44.32
N ASP B 47 -10.87 41.22 -45.12
CA ASP B 47 -11.57 41.50 -46.37
C ASP B 47 -13.06 41.31 -46.15
N LYS B 48 -13.85 42.30 -46.58
CA LYS B 48 -15.30 42.20 -46.43
C LYS B 48 -15.84 40.94 -47.08
N ASP B 49 -15.31 40.57 -48.25
CA ASP B 49 -15.68 39.34 -48.92
C ASP B 49 -14.95 38.18 -48.24
N TRP B 50 -15.71 37.33 -47.54
CA TRP B 50 -15.10 36.24 -46.78
C TRP B 50 -14.35 35.26 -47.69
N GLU B 51 -14.65 35.24 -48.98
CA GLU B 51 -14.00 34.29 -49.88
C GLU B 51 -12.52 34.59 -50.06
N ALA B 52 -12.13 35.86 -49.96
CA ALA B 52 -10.74 36.27 -50.11
C ALA B 52 -9.96 36.24 -48.80
N ASN B 53 -10.43 35.47 -47.82
CA ASN B 53 -9.76 35.37 -46.52
C ASN B 53 -9.40 33.94 -46.14
N ALA B 54 -9.95 32.93 -46.81
CA ALA B 54 -9.70 31.54 -46.44
C ALA B 54 -8.28 31.10 -46.74
N CYS B 55 -7.46 31.95 -47.38
CA CYS B 55 -6.07 31.62 -47.68
C CYS B 55 -5.11 32.08 -46.60
N LYS B 56 -5.62 32.63 -45.50
CA LYS B 56 -4.79 33.15 -44.41
C LYS B 56 -5.26 32.53 -43.11
N ILE B 57 -4.37 31.82 -42.43
CA ILE B 57 -4.69 31.14 -41.16
C ILE B 57 -4.05 31.92 -40.02
N GLN B 58 -4.82 32.15 -38.97
CA GLN B 58 -4.35 32.86 -37.78
C GLN B 58 -4.36 31.91 -36.59
N LEU B 59 -3.26 31.85 -35.87
CA LEU B 59 -3.13 31.04 -34.67
C LEU B 59 -2.98 31.94 -33.45
N ILE B 60 -3.79 31.69 -32.42
CA ILE B 60 -3.73 32.40 -31.16
C ILE B 60 -3.61 31.34 -30.06
N LYS B 61 -2.41 31.14 -29.57
CA LYS B 61 -2.14 30.15 -28.51
C LYS B 61 -1.48 30.85 -27.34
N LYS B 62 -1.86 30.45 -26.13
CA LYS B 62 -1.33 31.07 -24.93
C LYS B 62 -1.27 30.05 -23.80
N LYS B 63 -0.35 30.29 -22.87
CA LYS B 63 -0.18 29.43 -21.71
C LYS B 63 -1.20 29.77 -20.63
N GLY B 64 -1.72 28.74 -19.98
CA GLY B 64 -2.69 28.88 -18.92
C GLY B 64 -4.01 28.22 -19.27
N LYS B 65 -5.02 28.49 -18.46
CA LYS B 65 -6.35 27.93 -18.68
C LYS B 65 -6.97 28.58 -19.92
N VAL B 66 -8.24 28.29 -20.16
CA VAL B 66 -8.93 28.87 -21.32
C VAL B 66 -9.18 30.35 -21.11
N LYS B 67 -9.36 30.78 -19.86
CA LYS B 67 -9.58 32.20 -19.60
C LYS B 67 -8.36 33.02 -20.01
N ALA B 68 -7.16 32.45 -19.92
CA ALA B 68 -5.97 33.14 -20.42
C ALA B 68 -6.01 33.27 -21.94
N LEU B 69 -6.64 32.32 -22.63
CA LEU B 69 -6.76 32.40 -24.08
C LEU B 69 -7.90 33.32 -24.49
N ASP B 70 -9.03 33.26 -23.81
CA ASP B 70 -10.15 34.12 -24.14
C ASP B 70 -9.76 35.60 -24.08
N GLU B 71 -8.87 35.95 -23.16
CA GLU B 71 -8.40 37.32 -23.07
C GLU B 71 -7.33 37.63 -24.11
N GLU B 72 -6.59 36.61 -24.54
CA GLU B 72 -5.60 36.82 -25.60
C GLU B 72 -6.27 36.99 -26.96
N VAL B 73 -7.37 36.27 -27.19
CA VAL B 73 -8.11 36.42 -28.43
C VAL B 73 -8.66 37.83 -28.56
N HIS B 74 -9.25 38.34 -27.48
CA HIS B 74 -9.80 39.69 -27.46
C HIS B 74 -8.66 40.71 -27.36
N LYS B 75 -9.04 41.98 -27.37
CA LYS B 75 -8.11 43.11 -27.31
C LYS B 75 -6.90 42.87 -28.22
N GLN B 76 -7.20 42.49 -29.47
CA GLN B 76 -6.19 42.38 -30.51
C GLN B 76 -6.41 43.49 -31.53
N GLN B 77 -5.34 44.19 -31.89
CA GLN B 77 -5.45 45.38 -32.72
C GLN B 77 -5.49 45.05 -34.21
N ASP B 78 -5.22 43.81 -34.60
CA ASP B 78 -5.18 43.43 -36.01
C ASP B 78 -6.39 42.64 -36.47
N MET B 79 -7.03 41.89 -35.58
CA MET B 79 -8.16 41.03 -35.95
C MET B 79 -9.46 41.82 -35.79
N ASP B 80 -10.09 42.13 -36.92
CA ASP B 80 -11.40 42.78 -36.90
C ASP B 80 -12.48 41.73 -36.68
N LEU B 81 -13.19 41.83 -35.56
CA LEU B 81 -14.18 40.84 -35.16
C LEU B 81 -15.54 41.07 -35.78
N ASP B 82 -15.62 41.78 -36.91
CA ASP B 82 -16.89 42.13 -37.53
C ASP B 82 -17.07 41.52 -38.92
N ILE B 83 -16.08 40.79 -39.44
CA ILE B 83 -16.20 40.22 -40.77
C ILE B 83 -17.22 39.08 -40.73
N GLU B 84 -18.14 39.09 -41.68
CA GLU B 84 -19.17 38.06 -41.77
C GLU B 84 -18.66 36.90 -42.63
N PHE B 85 -18.68 35.70 -42.07
CA PHE B 85 -18.23 34.49 -42.76
C PHE B 85 -19.43 33.60 -43.04
N ASP B 86 -19.74 33.40 -44.31
CA ASP B 86 -20.79 32.45 -44.69
C ASP B 86 -20.30 31.01 -44.60
N VAL B 87 -19.02 30.77 -44.86
CA VAL B 87 -18.40 29.47 -44.74
C VAL B 87 -17.06 29.65 -44.04
N HIS B 88 -16.87 28.95 -42.92
CA HIS B 88 -15.65 29.10 -42.14
C HIS B 88 -15.43 27.85 -41.31
N LEU B 89 -14.16 27.56 -41.03
CA LEU B 89 -13.77 26.45 -40.19
C LEU B 89 -12.78 26.94 -39.14
N GLY B 90 -13.10 26.74 -37.87
CA GLY B 90 -12.22 27.11 -36.78
C GLY B 90 -11.96 25.94 -35.86
N ILE B 91 -10.68 25.68 -35.55
CA ILE B 91 -10.29 24.57 -34.70
C ILE B 91 -9.70 25.12 -33.41
N ALA B 92 -9.93 24.39 -32.32
CA ALA B 92 -9.46 24.79 -31.00
C ALA B 92 -9.00 23.55 -30.25
N HIS B 93 -8.24 23.78 -29.16
CA HIS B 93 -7.69 22.68 -28.40
C HIS B 93 -7.07 23.15 -27.08
N THR B 94 -7.44 22.49 -25.99
CA THR B 94 -6.80 22.69 -24.69
C THR B 94 -5.91 21.49 -24.40
N ARG B 95 -4.77 21.74 -23.75
CA ARG B 95 -3.70 20.77 -23.64
C ARG B 95 -3.39 20.45 -22.19
N TRP B 96 -3.18 19.17 -21.90
CA TRP B 96 -2.65 18.71 -20.61
C TRP B 96 -1.17 18.43 -20.82
N ALA B 97 -0.34 19.39 -20.44
CA ALA B 97 1.11 19.31 -20.65
C ALA B 97 1.72 18.43 -19.57
N THR B 98 1.75 17.12 -19.83
CA THR B 98 2.39 16.19 -18.90
C THR B 98 3.90 16.29 -18.95
N HIS B 99 4.45 16.64 -20.12
CA HIS B 99 5.88 16.81 -20.31
C HIS B 99 6.17 18.25 -20.73
N GLY B 100 7.44 18.63 -20.58
CA GLY B 100 7.91 19.93 -21.04
C GLY B 100 7.09 21.09 -20.50
N GLU B 101 7.31 22.28 -21.09
CA GLU B 101 6.62 23.49 -20.66
C GLU B 101 5.29 23.65 -21.40
N PRO B 102 4.25 24.22 -20.75
CA PRO B 102 2.98 24.50 -21.44
C PRO B 102 3.00 25.81 -22.21
N SER B 103 4.04 26.00 -23.01
CA SER B 103 4.23 27.23 -23.76
C SER B 103 3.32 27.28 -24.98
N PRO B 104 3.11 28.47 -25.54
CA PRO B 104 2.30 28.55 -26.76
C PRO B 104 2.87 27.76 -27.92
N VAL B 105 4.20 27.66 -28.01
CA VAL B 105 4.82 26.93 -29.11
C VAL B 105 4.46 25.44 -29.03
N ASN B 106 4.39 24.91 -27.80
CA ASN B 106 4.04 23.51 -27.60
C ASN B 106 2.53 23.28 -27.58
N SER B 107 1.72 24.33 -27.63
CA SER B 107 0.28 24.18 -27.64
C SER B 107 -0.22 23.97 -29.07
N HIS B 108 -1.45 23.49 -29.16
CA HIS B 108 -2.10 23.25 -30.45
C HIS B 108 -3.07 24.37 -30.77
N PRO B 109 -3.43 24.55 -32.05
CA PRO B 109 -3.01 23.76 -33.23
C PRO B 109 -1.56 24.00 -33.64
N GLN B 110 -0.85 22.93 -33.99
CA GLN B 110 0.47 23.05 -34.58
C GLN B 110 0.34 23.55 -36.02
N ARG B 111 1.49 23.77 -36.65
CA ARG B 111 1.52 24.27 -38.02
C ARG B 111 2.61 23.55 -38.80
N SER B 112 2.47 23.59 -40.13
CA SER B 112 3.43 22.93 -41.01
C SER B 112 4.49 23.89 -41.54
N ASP B 113 4.24 25.19 -41.51
CA ASP B 113 5.21 26.17 -42.01
C ASP B 113 4.83 27.54 -41.46
N LYS B 114 5.71 28.51 -41.70
CA LYS B 114 5.51 29.86 -41.18
C LYS B 114 4.28 30.53 -41.79
N ASN B 115 3.75 30.00 -42.89
CA ASN B 115 2.56 30.54 -43.52
C ASN B 115 1.28 29.82 -43.12
N ASN B 116 1.39 28.72 -42.37
CA ASN B 116 0.23 27.97 -41.89
C ASN B 116 -0.59 27.43 -43.06
N GLU B 117 0.03 26.51 -43.80
CA GLU B 117 -0.68 25.81 -44.86
C GLU B 117 -1.47 24.62 -44.31
N PHE B 118 -1.03 24.04 -43.20
CA PHE B 118 -1.73 22.92 -42.58
C PHE B 118 -1.56 23.06 -41.06
N ILE B 119 -2.68 23.14 -40.36
CA ILE B 119 -2.70 23.17 -38.90
C ILE B 119 -3.54 22.01 -38.40
N VAL B 120 -3.10 21.39 -37.30
CA VAL B 120 -3.73 20.19 -36.78
C VAL B 120 -3.78 20.27 -35.26
N ILE B 121 -4.83 19.68 -34.69
CA ILE B 121 -4.98 19.53 -33.24
C ILE B 121 -5.04 18.04 -32.94
N HIS B 122 -4.27 17.62 -31.94
CA HIS B 122 -4.02 16.20 -31.69
C HIS B 122 -4.26 15.87 -30.23
N ASN B 123 -4.94 14.74 -29.99
CA ASN B 123 -5.14 14.18 -28.66
C ASN B 123 -4.53 12.79 -28.64
N GLY B 124 -3.46 12.61 -27.87
CA GLY B 124 -2.80 11.32 -27.76
C GLY B 124 -1.30 11.43 -27.86
N ILE B 125 -0.66 10.37 -28.36
CA ILE B 125 0.79 10.34 -28.53
C ILE B 125 1.11 9.57 -29.81
N ILE B 126 2.11 10.06 -30.54
CA ILE B 126 2.66 9.35 -31.69
C ILE B 126 3.92 8.64 -31.21
N THR B 127 3.88 7.31 -31.20
CA THR B 127 4.97 6.53 -30.62
C THR B 127 6.21 6.49 -31.50
N ASN B 128 6.19 7.10 -32.69
CA ASN B 128 7.34 7.10 -33.59
C ASN B 128 7.59 8.49 -34.15
N TYR B 129 7.27 9.54 -33.39
CA TYR B 129 7.48 10.89 -33.87
C TYR B 129 8.95 11.23 -34.04
N LYS B 130 9.85 10.46 -33.39
CA LYS B 130 11.28 10.70 -33.56
C LYS B 130 11.75 10.26 -34.95
N ASP B 131 11.29 9.11 -35.42
CA ASP B 131 11.64 8.66 -36.76
C ASP B 131 10.99 9.55 -37.82
N LEU B 132 9.81 10.09 -37.53
CA LEU B 132 9.16 11.00 -38.48
C LEU B 132 9.81 12.36 -38.48
N LYS B 133 10.37 12.79 -37.36
CA LYS B 133 11.03 14.10 -37.30
C LYS B 133 12.33 14.08 -38.09
N LYS B 134 13.09 12.98 -38.01
CA LYS B 134 14.33 12.88 -38.76
C LYS B 134 14.06 12.85 -40.26
N PHE B 135 13.12 12.02 -40.70
CA PHE B 135 12.79 11.94 -42.12
C PHE B 135 12.38 13.30 -42.68
N LEU B 136 11.54 14.03 -41.94
CA LEU B 136 11.07 15.32 -42.42
C LEU B 136 12.18 16.37 -42.40
N GLU B 137 13.08 16.30 -41.42
CA GLU B 137 14.19 17.24 -41.38
C GLU B 137 15.14 17.06 -42.56
N SER B 138 15.27 15.83 -43.06
CA SER B 138 16.15 15.59 -44.20
C SER B 138 15.57 16.15 -45.49
N LYS B 139 14.24 16.13 -45.63
CA LYS B 139 13.59 16.63 -46.83
C LYS B 139 13.47 18.15 -46.87
N GLY B 140 13.92 18.85 -45.83
CA GLY B 140 13.91 20.29 -45.81
C GLY B 140 12.83 20.93 -44.98
N TYR B 141 12.35 20.27 -43.93
CA TYR B 141 11.31 20.80 -43.06
C TYR B 141 11.93 21.17 -41.71
N ASP B 142 11.79 22.44 -41.34
CA ASP B 142 12.36 22.93 -40.08
C ASP B 142 11.31 22.85 -38.99
N PHE B 143 11.72 22.32 -37.83
CA PHE B 143 10.83 22.17 -36.68
C PHE B 143 11.05 23.31 -35.69
N GLU B 144 10.01 23.60 -34.91
CA GLU B 144 10.05 24.68 -33.92
C GLU B 144 9.71 24.23 -32.52
N SER B 145 8.79 23.28 -32.37
CA SER B 145 8.34 22.81 -31.06
C SER B 145 8.95 21.46 -30.74
N GLU B 146 8.80 21.06 -29.47
CA GLU B 146 9.30 19.78 -29.00
C GLU B 146 8.18 18.76 -28.82
N THR B 147 7.00 19.02 -29.38
CA THR B 147 5.87 18.12 -29.26
C THR B 147 5.87 17.09 -30.38
N ASP B 148 5.09 16.02 -30.18
CA ASP B 148 4.91 15.00 -31.19
C ASP B 148 3.82 15.34 -32.20
N THR B 149 3.06 16.41 -31.96
CA THR B 149 2.01 16.81 -32.89
C THR B 149 2.57 17.53 -34.10
N GLU B 150 3.71 18.22 -33.96
CA GLU B 150 4.29 18.94 -35.08
C GLU B 150 4.68 18.00 -36.20
N THR B 151 5.08 16.77 -35.88
CA THR B 151 5.40 15.80 -36.91
C THR B 151 4.19 15.43 -37.76
N ILE B 152 2.98 15.67 -37.25
CA ILE B 152 1.78 15.41 -38.04
C ILE B 152 1.50 16.56 -38.98
N ALA B 153 1.75 17.80 -38.54
CA ALA B 153 1.56 18.95 -39.41
C ALA B 153 2.60 18.99 -40.52
N LYS B 154 3.86 18.72 -40.17
CA LYS B 154 4.94 18.72 -41.16
C LYS B 154 4.82 17.57 -42.15
N LEU B 155 4.04 16.54 -41.82
CA LEU B 155 3.91 15.37 -42.69
C LEU B 155 2.77 15.50 -43.69
N VAL B 156 1.64 16.09 -43.27
CA VAL B 156 0.53 16.29 -44.21
C VAL B 156 0.96 17.24 -45.33
N LYS B 157 1.91 18.13 -45.04
CA LYS B 157 2.46 19.00 -46.08
C LYS B 157 3.44 18.24 -46.98
N TYR B 158 4.13 17.24 -46.43
CA TYR B 158 5.01 16.41 -47.25
C TYR B 158 4.21 15.59 -48.25
N MET B 159 3.06 15.06 -47.83
CA MET B 159 2.19 14.34 -48.75
C MET B 159 1.51 15.28 -49.73
N TYR B 160 1.36 16.56 -49.37
CA TYR B 160 0.80 17.54 -50.30
C TYR B 160 1.83 18.04 -51.30
N ASP B 161 3.09 18.15 -50.88
CA ASP B 161 4.16 18.58 -51.77
C ASP B 161 4.66 17.45 -52.68
N ASN B 162 4.11 16.25 -52.55
CA ASN B 162 4.50 15.12 -53.38
C ASN B 162 3.27 14.35 -53.84
N ARG B 163 2.21 15.07 -54.18
CA ARG B 163 0.98 14.44 -54.64
C ARG B 163 1.07 14.14 -56.14
N GLU B 164 0.31 13.12 -56.56
CA GLU B 164 0.38 12.68 -57.95
C GLU B 164 -0.48 13.55 -58.85
N SER B 165 -1.67 13.94 -58.41
CA SER B 165 -2.58 14.75 -59.18
C SER B 165 -2.75 16.12 -58.54
N GLN B 166 -3.13 17.09 -59.36
CA GLN B 166 -3.30 18.46 -58.89
C GLN B 166 -4.47 18.61 -57.93
N ASP B 167 -5.37 17.63 -57.86
CA ASP B 167 -6.58 17.74 -57.04
C ASP B 167 -6.75 16.46 -56.22
N THR B 168 -5.73 16.14 -55.41
CA THR B 168 -5.84 15.04 -54.47
C THR B 168 -6.65 15.48 -53.26
N SER B 169 -7.71 14.72 -52.96
CA SER B 169 -8.61 15.12 -51.89
C SER B 169 -7.87 15.28 -50.57
N PHE B 170 -8.41 16.16 -49.72
CA PHE B 170 -7.85 16.31 -48.38
C PHE B 170 -7.84 14.98 -47.64
N THR B 171 -8.84 14.13 -47.91
CA THR B 171 -8.87 12.80 -47.30
C THR B 171 -7.64 11.99 -47.71
N THR B 172 -7.31 12.00 -48.99
CA THR B 172 -6.15 11.25 -49.47
C THR B 172 -4.88 11.67 -48.74
N LEU B 173 -4.69 12.97 -48.55
CA LEU B 173 -3.51 13.45 -47.83
C LEU B 173 -3.50 12.92 -46.40
N VAL B 174 -4.63 13.05 -45.70
CA VAL B 174 -4.70 12.58 -44.32
C VAL B 174 -4.57 11.06 -44.26
N GLU B 175 -5.11 10.35 -45.26
CA GLU B 175 -5.02 8.90 -45.26
C GLU B 175 -3.57 8.44 -45.35
N ARG B 176 -2.76 9.12 -46.18
CA ARG B 176 -1.35 8.77 -46.26
C ARG B 176 -0.59 9.12 -44.98
N VAL B 177 -1.07 10.11 -44.24
CA VAL B 177 -0.41 10.52 -43.00
C VAL B 177 -0.60 9.45 -41.92
N ILE B 178 -1.86 9.13 -41.63
CA ILE B 178 -2.15 8.17 -40.56
C ILE B 178 -1.47 6.84 -40.81
N GLN B 179 -1.21 6.50 -42.07
CA GLN B 179 -0.50 5.27 -42.39
C GLN B 179 0.94 5.31 -41.93
N GLN B 180 1.50 6.50 -41.70
CA GLN B 180 2.85 6.64 -41.18
C GLN B 180 2.87 6.99 -39.69
N LEU B 181 1.71 7.17 -39.07
CA LEU B 181 1.62 7.48 -37.66
C LEU B 181 1.38 6.21 -36.85
N GLU B 182 2.07 6.10 -35.73
CA GLU B 182 1.88 5.00 -34.78
C GLU B 182 1.31 5.54 -33.47
N GLY B 183 0.75 4.63 -32.68
CA GLY B 183 0.15 5.00 -31.42
C GLY B 183 -1.31 5.39 -31.55
N ALA B 184 -1.79 6.23 -30.64
CA ALA B 184 -3.17 6.69 -30.64
C ALA B 184 -3.22 8.18 -30.95
N PHE B 185 -4.33 8.61 -31.56
CA PHE B 185 -4.48 10.00 -31.95
C PHE B 185 -5.92 10.27 -32.35
N ALA B 186 -6.35 11.52 -32.14
CA ALA B 186 -7.62 12.03 -32.65
C ALA B 186 -7.32 13.38 -33.27
N LEU B 187 -7.46 13.48 -34.59
CA LEU B 187 -6.96 14.61 -35.35
C LEU B 187 -8.09 15.37 -36.03
N VAL B 188 -7.88 16.68 -36.19
CA VAL B 188 -8.79 17.55 -36.93
C VAL B 188 -7.91 18.52 -37.71
N PHE B 189 -7.92 18.40 -39.04
CA PHE B 189 -7.05 19.18 -39.89
C PHE B 189 -7.76 20.40 -40.46
N LYS B 190 -6.96 21.40 -40.83
CA LYS B 190 -7.45 22.57 -41.55
C LYS B 190 -6.31 23.08 -42.43
N SER B 191 -6.64 23.41 -43.68
CA SER B 191 -5.64 23.84 -44.64
C SER B 191 -6.19 25.00 -45.46
N VAL B 192 -5.28 25.83 -45.97
CA VAL B 192 -5.66 26.94 -46.83
C VAL B 192 -6.00 26.43 -48.24
N HIS B 193 -5.34 25.35 -48.68
CA HIS B 193 -5.63 24.80 -50.00
C HIS B 193 -7.03 24.23 -50.06
N PHE B 194 -7.55 23.72 -48.95
CA PHE B 194 -8.90 23.18 -48.87
C PHE B 194 -9.75 24.10 -48.00
N PRO B 195 -10.16 25.25 -48.50
CA PRO B 195 -10.88 26.22 -47.65
C PRO B 195 -12.21 25.64 -47.15
N GLY B 196 -12.42 25.74 -45.84
CA GLY B 196 -13.64 25.28 -45.23
C GLY B 196 -13.75 23.78 -45.05
N GLN B 197 -12.81 23.00 -45.58
CA GLN B 197 -12.87 21.55 -45.50
C GLN B 197 -12.18 21.07 -44.24
N ALA B 198 -12.88 20.25 -43.45
CA ALA B 198 -12.33 19.65 -42.25
C ALA B 198 -12.21 18.14 -42.43
N VAL B 199 -11.23 17.56 -41.76
CA VAL B 199 -10.98 16.12 -41.81
C VAL B 199 -10.77 15.64 -40.39
N GLY B 200 -11.56 14.65 -39.98
CA GLY B 200 -11.48 14.10 -38.64
C GLY B 200 -11.31 12.59 -38.61
N THR B 201 -10.15 12.13 -38.14
CA THR B 201 -9.87 10.71 -38.03
C THR B 201 -9.46 10.40 -36.60
N ARG B 202 -9.52 9.12 -36.25
CA ARG B 202 -9.18 8.69 -34.90
C ARG B 202 -8.59 7.30 -34.93
N ARG B 203 -7.91 6.94 -33.84
CA ARG B 203 -7.37 5.60 -33.64
C ARG B 203 -6.99 5.43 -32.19
N GLY B 204 -7.86 4.82 -31.39
CA GLY B 204 -7.62 4.70 -29.98
C GLY B 204 -7.88 5.97 -29.19
N SER B 205 -8.61 6.93 -29.77
CA SER B 205 -8.93 8.17 -29.10
C SER B 205 -10.33 8.58 -29.53
N PRO B 206 -11.16 9.13 -28.64
CA PRO B 206 -12.52 9.51 -29.04
C PRO B 206 -12.52 10.67 -30.03
N LEU B 207 -13.56 10.68 -30.87
CA LEU B 207 -13.78 11.79 -31.80
C LEU B 207 -15.15 11.65 -32.46
N LEU B 208 -16.06 12.57 -32.13
CA LEU B 208 -17.40 12.58 -32.70
C LEU B 208 -17.61 13.88 -33.46
N ILE B 209 -18.67 13.90 -34.28
CA ILE B 209 -19.00 15.04 -35.12
C ILE B 209 -20.47 15.38 -34.89
N GLY B 210 -20.73 16.58 -34.35
CA GLY B 210 -22.09 17.05 -34.20
C GLY B 210 -22.60 17.75 -35.44
N VAL B 211 -23.92 17.76 -35.58
CA VAL B 211 -24.58 18.39 -36.72
C VAL B 211 -25.84 19.10 -36.25
N ARG B 212 -26.04 20.32 -36.74
CA ARG B 212 -27.27 21.08 -36.50
C ARG B 212 -27.70 21.69 -37.81
N SER B 213 -29.00 21.58 -38.12
CA SER B 213 -29.55 22.11 -39.35
C SER B 213 -31.06 22.17 -39.28
N GLU B 214 -31.63 23.36 -39.52
CA GLU B 214 -33.08 23.50 -39.53
C GLU B 214 -33.74 22.69 -40.64
N HIS B 215 -32.97 22.21 -41.61
CA HIS B 215 -33.49 21.43 -42.72
C HIS B 215 -33.33 19.94 -42.43
N LYS B 216 -34.08 19.14 -43.19
CA LYS B 216 -34.00 17.70 -43.05
C LYS B 216 -32.63 17.20 -43.47
N LEU B 217 -32.17 16.13 -42.81
CA LEU B 217 -30.91 15.51 -43.15
C LEU B 217 -31.13 14.35 -44.12
N SER B 218 -30.14 14.16 -45.00
CA SER B 218 -30.32 13.20 -46.10
C SER B 218 -30.45 11.78 -45.58
N THR B 219 -29.73 11.44 -44.52
CA THR B 219 -29.73 10.07 -44.01
C THR B 219 -29.48 10.08 -42.51
N ASP B 220 -29.62 8.89 -41.91
CA ASP B 220 -29.33 8.68 -40.50
C ASP B 220 -28.39 7.49 -40.32
N HIS B 221 -27.49 7.28 -41.27
CA HIS B 221 -26.49 6.22 -41.19
C HIS B 221 -25.49 6.38 -42.32
N ILE B 222 -24.42 7.14 -42.08
CA ILE B 222 -23.45 7.42 -43.14
C ILE B 222 -22.73 6.12 -43.52
N PRO B 223 -22.66 5.77 -44.81
CA PRO B 223 -21.96 4.53 -45.19
C PRO B 223 -20.46 4.76 -45.29
N ILE B 224 -19.69 3.83 -44.72
CA ILE B 224 -18.23 3.90 -44.81
C ILE B 224 -17.81 3.55 -46.23
N LEU B 225 -16.77 4.23 -46.71
CA LEU B 225 -16.27 4.05 -48.06
C LEU B 225 -14.87 3.47 -48.03
N TYR B 226 -14.49 2.79 -49.12
CA TYR B 226 -13.18 2.18 -49.22
C TYR B 226 -12.56 2.47 -50.59
N THR B 244 -26.48 10.01 -52.46
CA THR B 244 -26.89 8.89 -51.64
C THR B 244 -25.71 8.30 -50.89
N THR B 245 -24.81 9.18 -50.43
CA THR B 245 -23.61 8.75 -49.72
C THR B 245 -23.20 9.67 -48.58
N CYS B 246 -23.55 10.95 -48.60
CA CYS B 246 -23.09 11.91 -47.60
C CYS B 246 -24.26 12.41 -46.76
N LEU B 247 -23.93 12.88 -45.57
CA LEU B 247 -24.90 13.49 -44.67
C LEU B 247 -24.90 15.00 -44.90
N PHE B 248 -26.05 15.54 -45.28
CA PHE B 248 -26.14 16.95 -45.65
C PHE B 248 -27.60 17.37 -45.61
N PRO B 249 -27.87 18.66 -45.49
CA PRO B 249 -29.27 19.12 -45.53
C PRO B 249 -29.90 18.93 -46.90
N VAL B 250 -31.18 18.55 -46.89
CA VAL B 250 -31.94 18.44 -48.13
C VAL B 250 -32.52 19.81 -48.48
N GLU B 251 -32.57 20.11 -49.77
CA GLU B 251 -33.15 21.35 -50.30
C GLU B 251 -32.28 22.59 -50.09
N GLU B 252 -31.57 22.68 -48.96
CA GLU B 252 -30.73 23.85 -48.69
C GLU B 252 -29.36 23.41 -48.20
N LYS B 253 -28.47 24.39 -48.06
CA LYS B 253 -27.08 24.17 -47.68
C LYS B 253 -26.79 24.48 -46.22
N ALA B 254 -27.65 25.23 -45.54
CA ALA B 254 -27.39 25.65 -44.16
C ALA B 254 -27.14 24.44 -43.29
N VAL B 255 -25.96 24.37 -42.68
CA VAL B 255 -25.60 23.29 -41.78
C VAL B 255 -24.46 23.76 -40.90
N GLU B 256 -24.43 23.26 -39.66
CA GLU B 256 -23.36 23.56 -38.72
C GLU B 256 -22.81 22.25 -38.17
N TYR B 257 -21.49 22.10 -38.25
CA TYR B 257 -20.82 20.91 -37.75
C TYR B 257 -20.05 21.24 -36.48
N TYR B 258 -19.84 20.22 -35.64
CA TYR B 258 -19.18 20.41 -34.34
C TYR B 258 -18.28 19.19 -34.09
N PHE B 259 -17.03 19.27 -34.55
CA PHE B 259 -16.04 18.28 -34.18
C PHE B 259 -15.69 18.44 -32.71
N ALA B 260 -15.57 17.31 -32.00
CA ALA B 260 -15.28 17.36 -30.58
C ALA B 260 -14.87 15.97 -30.11
N SER B 261 -13.99 15.93 -29.12
CA SER B 261 -13.55 14.70 -28.50
C SER B 261 -14.45 14.29 -27.33
N ASP B 262 -15.52 15.03 -27.06
CA ASP B 262 -16.44 14.70 -25.99
C ASP B 262 -17.81 15.26 -26.32
N ALA B 263 -18.84 14.71 -25.68
CA ALA B 263 -20.21 15.09 -25.94
C ALA B 263 -20.66 16.31 -25.17
N SER B 264 -19.92 16.74 -24.15
CA SER B 264 -20.32 17.90 -23.37
C SER B 264 -20.16 19.19 -24.15
N ALA B 265 -19.20 19.24 -25.08
CA ALA B 265 -18.98 20.44 -25.88
C ALA B 265 -19.95 20.55 -27.06
N VAL B 266 -20.72 19.50 -27.35
CA VAL B 266 -21.66 19.52 -28.46
C VAL B 266 -23.11 19.53 -27.99
N ILE B 267 -23.40 19.03 -26.78
CA ILE B 267 -24.78 18.95 -26.32
C ILE B 267 -25.42 20.33 -26.27
N GLU B 268 -24.62 21.37 -25.99
CA GLU B 268 -25.17 22.71 -25.86
C GLU B 268 -25.75 23.22 -27.17
N HIS B 269 -25.22 22.75 -28.30
CA HIS B 269 -25.69 23.19 -29.62
C HIS B 269 -26.63 22.21 -30.28
N THR B 270 -26.42 20.90 -30.10
CA THR B 270 -27.26 19.90 -30.74
C THR B 270 -27.04 18.56 -30.05
N ASN B 271 -27.98 17.65 -30.27
CA ASN B 271 -27.90 16.29 -29.73
C ASN B 271 -27.88 15.25 -30.85
N ARG B 272 -27.29 15.61 -31.99
CA ARG B 272 -27.17 14.71 -33.14
C ARG B 272 -25.69 14.66 -33.52
N VAL B 273 -25.02 13.56 -33.17
CA VAL B 273 -23.60 13.41 -33.41
C VAL B 273 -23.36 12.10 -34.15
N ILE B 274 -22.13 11.92 -34.62
CA ILE B 274 -21.71 10.72 -35.31
C ILE B 274 -20.44 10.22 -34.61
N PHE B 275 -20.57 9.15 -33.83
CA PHE B 275 -19.43 8.58 -33.11
C PHE B 275 -18.58 7.77 -34.07
N LEU B 276 -17.45 8.34 -34.49
CA LEU B 276 -16.55 7.65 -35.40
C LEU B 276 -15.95 6.42 -34.72
N GLU B 277 -15.22 5.64 -35.51
CA GLU B 277 -14.53 4.46 -35.03
C GLU B 277 -13.08 4.53 -35.49
N ASP B 278 -12.25 3.62 -34.97
CA ASP B 278 -10.84 3.60 -35.33
C ASP B 278 -10.68 3.44 -36.83
N ASP B 279 -9.81 4.27 -37.41
CA ASP B 279 -9.47 4.25 -38.82
C ASP B 279 -10.57 4.81 -39.72
N ASP B 280 -11.57 5.48 -39.16
CA ASP B 280 -12.59 6.15 -39.94
C ASP B 280 -12.16 7.58 -40.21
N VAL B 281 -12.01 7.93 -41.48
CA VAL B 281 -11.53 9.25 -41.89
C VAL B 281 -12.75 10.03 -42.36
N ALA B 282 -13.32 10.81 -41.44
CA ALA B 282 -14.45 11.67 -41.78
C ALA B 282 -13.96 12.94 -42.46
N ALA B 283 -14.80 13.47 -43.34
CA ALA B 283 -14.45 14.67 -44.10
C ALA B 283 -15.71 15.46 -44.42
N VAL B 284 -15.64 16.76 -44.25
CA VAL B 284 -16.73 17.68 -44.57
C VAL B 284 -16.29 18.49 -45.78
N VAL B 285 -16.85 18.15 -46.95
CA VAL B 285 -16.52 18.82 -48.21
C VAL B 285 -17.79 19.45 -48.75
N ASP B 286 -17.73 20.74 -49.06
CA ASP B 286 -18.88 21.49 -49.55
C ASP B 286 -20.07 21.35 -48.60
N GLY B 287 -19.79 21.21 -47.31
CA GLY B 287 -20.84 21.05 -46.33
C GLY B 287 -21.50 19.69 -46.33
N ARG B 288 -20.81 18.66 -46.81
CA ARG B 288 -21.33 17.30 -46.84
C ARG B 288 -20.37 16.40 -46.09
N LEU B 289 -20.88 15.70 -45.07
CA LEU B 289 -20.07 14.84 -44.23
C LEU B 289 -20.03 13.44 -44.82
N SER B 290 -18.82 12.93 -45.08
CA SER B 290 -18.62 11.58 -45.57
C SER B 290 -17.51 10.91 -44.79
N ILE B 291 -17.68 9.62 -44.52
CA ILE B 291 -16.71 8.83 -43.76
C ILE B 291 -16.03 7.86 -44.70
N HIS B 292 -14.69 7.84 -44.65
CA HIS B 292 -13.88 6.97 -45.49
C HIS B 292 -13.16 5.95 -44.62
N ARG B 293 -12.44 5.03 -45.27
CA ARG B 293 -11.70 4.01 -44.55
C ARG B 293 -10.76 3.25 -45.50
N ALA B 311 -23.88 6.43 -38.46
CA ALA B 311 -24.86 6.06 -37.45
C ALA B 311 -25.81 7.22 -37.17
N VAL B 312 -25.25 8.35 -36.75
CA VAL B 312 -26.04 9.56 -36.48
C VAL B 312 -27.12 9.25 -35.46
N GLN B 313 -26.72 9.02 -34.22
CA GLN B 313 -27.66 8.68 -33.15
C GLN B 313 -27.91 9.91 -32.26
N THR B 314 -28.93 9.79 -31.42
CA THR B 314 -29.28 10.84 -30.47
C THR B 314 -28.55 10.61 -29.15
N LEU B 315 -28.19 11.72 -28.50
CA LEU B 315 -27.47 11.67 -27.24
C LEU B 315 -28.45 11.53 -26.08
N GLN B 316 -28.14 10.61 -25.16
CA GLN B 316 -28.93 10.41 -23.94
C GLN B 316 -28.48 11.30 -22.81
N MET B 317 -28.18 12.58 -23.09
CA MET B 317 -27.66 13.51 -22.11
C MET B 317 -28.44 14.82 -22.20
N GLU B 318 -28.65 15.45 -21.05
CA GLU B 318 -29.27 16.75 -20.97
C GLU B 318 -28.23 17.79 -20.57
N LEU B 319 -28.45 19.03 -21.03
CA LEU B 319 -27.51 20.11 -20.74
C LEU B 319 -27.37 20.35 -19.24
N GLN B 320 -28.46 20.19 -18.49
CA GLN B 320 -28.42 20.43 -17.04
C GLN B 320 -27.38 19.56 -16.35
N GLN B 321 -27.12 18.36 -16.88
CA GLN B 321 -26.21 17.43 -16.23
C GLN B 321 -24.77 17.90 -16.22
N ILE B 322 -24.43 18.92 -17.01
CA ILE B 322 -23.07 19.42 -17.10
C ILE B 322 -23.02 20.88 -16.67
N MET B 323 -23.93 21.26 -15.78
CA MET B 323 -24.01 22.62 -15.26
C MET B 323 -23.88 22.60 -13.75
N LYS B 324 -23.19 23.60 -13.20
CA LYS B 324 -23.02 23.66 -11.75
C LYS B 324 -24.34 23.88 -11.04
N GLY B 325 -25.27 24.59 -11.66
CA GLY B 325 -26.51 24.94 -11.00
C GLY B 325 -26.30 26.02 -9.97
N ASN B 326 -26.71 25.76 -8.73
CA ASN B 326 -26.58 26.72 -7.65
C ASN B 326 -25.28 26.58 -6.87
N PHE B 327 -24.40 25.67 -7.26
CA PHE B 327 -23.16 25.44 -6.54
C PHE B 327 -22.03 26.28 -7.14
N SER B 328 -21.04 26.57 -6.30
CA SER B 328 -19.90 27.36 -6.74
C SER B 328 -18.92 26.55 -7.59
N SER B 329 -18.94 25.23 -7.48
CA SER B 329 -18.01 24.40 -8.21
C SER B 329 -18.69 23.08 -8.58
N PHE B 330 -18.11 22.40 -9.58
CA PHE B 330 -18.65 21.11 -9.99
C PHE B 330 -18.47 20.05 -8.90
N MET B 331 -17.34 20.11 -8.19
CA MET B 331 -17.10 19.11 -7.15
C MET B 331 -18.13 19.21 -6.03
N GLN B 332 -18.45 20.44 -5.61
CA GLN B 332 -19.43 20.61 -4.54
C GLN B 332 -20.79 20.07 -4.98
N LYS B 333 -21.24 20.43 -6.18
CA LYS B 333 -22.45 19.87 -6.74
C LYS B 333 -22.40 18.34 -6.70
N GLU B 334 -21.35 17.76 -7.29
CA GLU B 334 -21.26 16.32 -7.43
C GLU B 334 -21.15 15.62 -6.08
N ILE B 335 -20.75 16.34 -5.02
CA ILE B 335 -20.77 15.76 -3.68
C ILE B 335 -22.18 15.79 -3.12
N PHE B 336 -22.84 16.95 -3.17
CA PHE B 336 -24.17 17.10 -2.60
C PHE B 336 -25.24 16.41 -3.43
N GLU B 337 -24.95 16.02 -4.66
CA GLU B 337 -25.90 15.28 -5.48
C GLU B 337 -25.73 13.78 -5.34
N GLN B 338 -24.85 13.32 -4.44
CA GLN B 338 -24.70 11.89 -4.24
C GLN B 338 -25.97 11.20 -3.76
N PRO B 339 -26.83 11.82 -2.95
CA PRO B 339 -28.13 11.19 -2.66
C PRO B 339 -28.91 10.86 -3.92
N GLU B 340 -28.78 11.67 -4.97
CA GLU B 340 -29.50 11.44 -6.21
C GLU B 340 -28.77 10.45 -7.11
N SER B 341 -27.45 10.60 -7.23
CA SER B 341 -26.69 9.70 -8.11
C SER B 341 -26.69 8.28 -7.58
N VAL B 342 -26.75 8.11 -6.26
CA VAL B 342 -26.88 6.76 -5.69
C VAL B 342 -28.21 6.15 -6.11
N VAL B 343 -29.28 6.94 -6.06
CA VAL B 343 -30.59 6.45 -6.46
C VAL B 343 -30.59 6.09 -7.94
N ASN B 344 -29.91 6.90 -8.77
CA ASN B 344 -29.85 6.61 -10.19
C ASN B 344 -29.09 5.31 -10.46
N THR B 345 -28.05 5.06 -9.67
CA THR B 345 -27.29 3.82 -9.84
C THR B 345 -28.15 2.59 -9.58
N MET B 346 -29.10 2.70 -8.66
CA MET B 346 -29.97 1.57 -8.32
C MET B 346 -31.28 1.56 -9.11
N ARG B 347 -31.53 2.59 -9.91
CA ARG B 347 -32.83 2.71 -10.58
C ARG B 347 -33.06 1.55 -11.53
N GLY B 348 -34.24 0.95 -11.43
CA GLY B 348 -34.59 -0.18 -12.28
C GLY B 348 -33.72 -1.39 -12.06
N ARG B 349 -33.03 -1.48 -10.91
CA ARG B 349 -32.12 -2.58 -10.64
C ARG B 349 -32.39 -3.20 -9.28
N VAL B 350 -32.82 -2.37 -8.32
CA VAL B 350 -33.07 -2.82 -6.95
C VAL B 350 -34.54 -2.63 -6.66
N ASN B 351 -35.23 -3.73 -6.34
CA ASN B 351 -36.64 -3.71 -5.96
C ASN B 351 -36.71 -4.04 -4.46
N PHE B 352 -37.10 -3.04 -3.66
CA PHE B 352 -37.15 -3.21 -2.21
C PHE B 352 -38.43 -3.85 -1.71
N ASP B 353 -39.48 -3.88 -2.53
CA ASP B 353 -40.71 -4.55 -2.13
C ASP B 353 -40.48 -6.06 -1.98
N ASP B 354 -39.69 -6.65 -2.86
CA ASP B 354 -39.41 -8.08 -2.83
C ASP B 354 -37.94 -8.39 -2.63
N TYR B 355 -37.10 -7.39 -2.39
CA TYR B 355 -35.68 -7.58 -2.13
C TYR B 355 -35.02 -8.33 -3.30
N THR B 356 -35.15 -7.75 -4.48
CA THR B 356 -34.60 -8.31 -5.71
C THR B 356 -33.55 -7.37 -6.28
N VAL B 357 -32.50 -7.96 -6.85
CA VAL B 357 -31.44 -7.21 -7.53
C VAL B 357 -31.27 -7.80 -8.92
N ASN B 358 -31.33 -6.95 -9.95
CA ASN B 358 -31.18 -7.38 -11.33
C ASN B 358 -30.36 -6.32 -12.07
N LEU B 359 -29.18 -6.70 -12.53
CA LEU B 359 -28.33 -5.83 -13.35
C LEU B 359 -28.42 -6.33 -14.78
N GLY B 360 -29.20 -5.62 -15.61
CA GLY B 360 -29.47 -6.09 -16.96
C GLY B 360 -28.21 -6.40 -17.75
N GLY B 361 -27.14 -5.64 -17.52
CA GLY B 361 -25.91 -5.86 -18.25
C GLY B 361 -25.29 -7.23 -18.00
N LEU B 362 -25.57 -7.81 -16.83
CA LEU B 362 -25.01 -9.10 -16.46
C LEU B 362 -26.02 -10.23 -16.55
N LYS B 363 -27.18 -9.99 -17.18
CA LYS B 363 -28.20 -11.02 -17.29
C LYS B 363 -27.67 -12.23 -18.04
N ASP B 364 -27.12 -12.01 -19.23
CA ASP B 364 -26.64 -13.10 -20.08
C ASP B 364 -25.26 -13.62 -19.68
N HIS B 365 -24.78 -13.29 -18.48
CA HIS B 365 -23.45 -13.71 -18.04
C HIS B 365 -23.38 -14.11 -16.58
N ILE B 366 -24.37 -13.77 -15.75
CA ILE B 366 -24.25 -14.03 -14.30
C ILE B 366 -24.07 -15.51 -14.03
N LYS B 367 -24.67 -16.37 -14.85
CA LYS B 367 -24.55 -17.81 -14.62
C LYS B 367 -23.12 -18.28 -14.87
N GLU B 368 -22.49 -17.77 -15.93
CA GLU B 368 -21.13 -18.20 -16.26
C GLU B 368 -20.12 -17.63 -15.26
N ILE B 369 -20.36 -16.41 -14.78
CA ILE B 369 -19.45 -15.81 -13.79
C ILE B 369 -19.38 -16.66 -12.54
N GLN B 370 -20.48 -17.31 -12.16
CA GLN B 370 -20.48 -18.10 -10.94
C GLN B 370 -19.67 -19.38 -11.08
N ARG B 371 -19.54 -19.91 -12.30
CA ARG B 371 -18.73 -21.09 -12.52
C ARG B 371 -17.23 -20.79 -12.53
N CYS B 372 -16.85 -19.52 -12.47
CA CYS B 372 -15.44 -19.17 -12.41
C CYS B 372 -14.90 -19.34 -10.99
N ARG B 373 -13.58 -19.19 -10.85
CA ARG B 373 -12.91 -19.51 -9.60
C ARG B 373 -12.20 -18.32 -8.95
N ARG B 374 -12.20 -17.14 -9.57
CA ARG B 374 -11.52 -16.01 -8.96
C ARG B 374 -12.01 -14.71 -9.58
N LEU B 375 -12.06 -13.67 -8.75
CA LEU B 375 -12.35 -12.31 -9.18
C LEU B 375 -11.09 -11.47 -9.10
N ILE B 376 -10.86 -10.65 -10.12
CA ILE B 376 -9.75 -9.70 -10.13
C ILE B 376 -10.31 -8.32 -10.46
N LEU B 377 -10.12 -7.36 -9.56
CA LEU B 377 -10.52 -5.98 -9.80
C LEU B 377 -9.29 -5.18 -10.19
N ILE B 378 -9.36 -4.47 -11.30
CA ILE B 378 -8.24 -3.73 -11.86
C ILE B 378 -8.70 -2.31 -12.14
N ALA B 379 -7.97 -1.33 -11.62
CA ALA B 379 -8.36 0.07 -11.76
C ALA B 379 -7.20 0.95 -11.29
N CYS B 380 -7.39 2.26 -11.40
CA CYS B 380 -6.43 3.25 -10.96
C CYS B 380 -7.07 4.21 -9.96
N GLY B 381 -6.22 4.79 -9.11
CA GLY B 381 -6.65 5.89 -8.26
C GLY B 381 -7.91 5.58 -7.48
N THR B 382 -8.86 6.52 -7.53
CA THR B 382 -10.09 6.38 -6.76
C THR B 382 -10.87 5.14 -7.19
N SER B 383 -10.83 4.81 -8.49
CA SER B 383 -11.51 3.61 -8.95
C SER B 383 -10.91 2.37 -8.33
N TYR B 384 -9.60 2.35 -8.11
CA TYR B 384 -8.98 1.25 -7.38
C TYR B 384 -9.48 1.20 -5.95
N HIS B 385 -9.66 2.36 -5.31
CA HIS B 385 -10.18 2.38 -3.96
C HIS B 385 -11.60 1.82 -3.89
N ALA B 386 -12.38 1.99 -4.96
CA ALA B 386 -13.72 1.41 -4.98
C ALA B 386 -13.67 -0.10 -4.83
N GLY B 387 -12.66 -0.73 -5.43
CA GLY B 387 -12.50 -2.17 -5.26
C GLY B 387 -12.05 -2.55 -3.86
N VAL B 388 -11.10 -1.79 -3.30
CA VAL B 388 -10.68 -2.01 -1.93
C VAL B 388 -11.87 -1.88 -0.99
N ALA B 389 -12.77 -0.95 -1.28
CA ALA B 389 -13.91 -0.69 -0.40
C ALA B 389 -14.95 -1.79 -0.45
N THR B 390 -14.95 -2.62 -1.50
CA THR B 390 -15.93 -3.69 -1.65
C THR B 390 -15.31 -5.08 -1.67
N ARG B 391 -13.99 -5.20 -1.51
CA ARG B 391 -13.34 -6.50 -1.56
C ARG B 391 -13.94 -7.45 -0.53
N GLN B 392 -14.11 -6.98 0.70
CA GLN B 392 -14.56 -7.86 1.78
C GLN B 392 -15.93 -8.44 1.49
N VAL B 393 -16.90 -7.60 1.10
CA VAL B 393 -18.25 -8.09 0.88
C VAL B 393 -18.30 -9.00 -0.34
N LEU B 394 -17.49 -8.72 -1.37
CA LEU B 394 -17.42 -9.62 -2.52
C LEU B 394 -16.93 -11.00 -2.09
N GLU B 395 -15.88 -11.03 -1.26
CA GLU B 395 -15.42 -12.30 -0.71
C GLU B 395 -16.52 -12.98 0.09
N GLU B 396 -17.27 -12.21 0.88
CA GLU B 396 -18.28 -12.79 1.77
C GLU B 396 -19.39 -13.44 0.96
N LEU B 397 -19.95 -12.71 -0.02
CA LEU B 397 -21.16 -13.15 -0.69
C LEU B 397 -20.90 -14.03 -1.91
N THR B 398 -19.72 -13.94 -2.52
CA THR B 398 -19.36 -14.85 -3.60
C THR B 398 -18.57 -16.05 -3.12
N GLU B 399 -17.89 -15.93 -1.97
CA GLU B 399 -17.01 -16.96 -1.44
C GLU B 399 -15.81 -17.23 -2.34
N LEU B 400 -15.60 -16.39 -3.37
CA LEU B 400 -14.48 -16.54 -4.29
C LEU B 400 -13.30 -15.70 -3.82
N PRO B 401 -12.07 -16.09 -4.17
CA PRO B 401 -10.94 -15.18 -3.98
C PRO B 401 -11.15 -13.90 -4.76
N VAL B 402 -10.77 -12.77 -4.15
CA VAL B 402 -10.94 -11.46 -4.75
C VAL B 402 -9.59 -10.75 -4.67
N MET B 403 -8.95 -10.56 -5.82
CA MET B 403 -7.67 -9.86 -5.90
C MET B 403 -7.91 -8.47 -6.47
N VAL B 404 -7.32 -7.46 -5.84
CA VAL B 404 -7.50 -6.06 -6.25
C VAL B 404 -6.14 -5.53 -6.67
N GLU B 405 -6.06 -5.02 -7.89
CA GLU B 405 -4.79 -4.67 -8.52
C GLU B 405 -4.81 -3.22 -9.01
N LEU B 406 -3.72 -2.50 -8.72
CA LEU B 406 -3.47 -1.24 -9.41
C LEU B 406 -3.02 -1.53 -10.84
N ALA B 407 -3.69 -0.89 -11.81
CA ALA B 407 -3.49 -1.25 -13.20
C ALA B 407 -2.03 -1.16 -13.61
N SER B 408 -1.37 -0.05 -13.27
CA SER B 408 0.02 0.14 -13.69
C SER B 408 0.90 -0.99 -13.16
N ASP B 409 0.73 -1.38 -11.90
CA ASP B 409 1.53 -2.46 -11.35
C ASP B 409 1.11 -3.81 -11.93
N PHE B 410 -0.20 -4.01 -12.13
CA PHE B 410 -0.69 -5.22 -12.76
C PHE B 410 0.03 -5.49 -14.07
N LEU B 411 0.29 -4.45 -14.85
CA LEU B 411 0.97 -4.62 -16.14
C LEU B 411 2.47 -4.83 -15.96
N ASP B 412 3.08 -4.11 -15.01
CA ASP B 412 4.52 -4.21 -14.82
C ASP B 412 4.94 -5.63 -14.47
N ARG B 413 4.11 -6.36 -13.72
CA ARG B 413 4.49 -7.67 -13.22
C ARG B 413 4.10 -8.81 -14.14
N ASN B 414 3.37 -8.54 -15.22
CA ASN B 414 2.83 -9.60 -16.07
C ASN B 414 2.04 -10.61 -15.23
N THR B 415 1.07 -10.09 -14.48
CA THR B 415 0.34 -10.89 -13.50
C THR B 415 -0.26 -12.12 -14.16
N PRO B 416 -0.14 -13.31 -13.54
CA PRO B 416 -0.78 -14.50 -14.11
C PRO B 416 -2.30 -14.36 -14.13
N VAL B 417 -2.88 -14.62 -15.30
CA VAL B 417 -4.33 -14.61 -15.50
C VAL B 417 -4.71 -15.88 -16.23
N PHE B 418 -5.92 -16.38 -15.97
CA PHE B 418 -6.36 -17.67 -16.48
C PHE B 418 -7.74 -17.56 -17.09
N ARG B 419 -8.17 -18.64 -17.75
CA ARG B 419 -9.44 -18.64 -18.46
C ARG B 419 -10.63 -18.58 -17.53
N ASP B 420 -10.52 -19.15 -16.33
CA ASP B 420 -11.61 -19.13 -15.36
C ASP B 420 -11.49 -17.97 -14.39
N ASP B 421 -10.75 -16.91 -14.75
CA ASP B 421 -10.73 -15.68 -13.98
C ASP B 421 -11.81 -14.74 -14.51
N VAL B 422 -12.47 -14.04 -13.58
CA VAL B 422 -13.40 -12.97 -13.92
C VAL B 422 -12.70 -11.67 -13.55
N CYS B 423 -12.41 -10.85 -14.55
CA CYS B 423 -11.64 -9.62 -14.36
C CYS B 423 -12.56 -8.42 -14.50
N PHE B 424 -12.62 -7.61 -13.46
CA PHE B 424 -13.42 -6.40 -13.45
C PHE B 424 -12.53 -5.20 -13.71
N PHE B 425 -13.05 -4.23 -14.45
CA PHE B 425 -12.28 -3.04 -14.81
C PHE B 425 -13.12 -1.81 -14.45
N LEU B 426 -12.74 -1.16 -13.35
CA LEU B 426 -13.47 -0.02 -12.81
C LEU B 426 -12.89 1.25 -13.40
N SER B 427 -13.69 1.98 -14.17
CA SER B 427 -13.21 3.18 -14.85
C SER B 427 -14.39 4.12 -15.06
N GLN B 428 -14.39 5.25 -14.35
CA GLN B 428 -15.41 6.27 -14.58
C GLN B 428 -15.41 6.72 -16.03
N SER B 429 -14.24 7.10 -16.56
CA SER B 429 -14.15 7.58 -17.93
C SER B 429 -14.16 6.45 -18.96
N GLY B 430 -13.79 5.23 -18.55
CA GLY B 430 -13.71 4.14 -19.49
C GLY B 430 -12.63 4.29 -20.54
N GLU B 431 -11.69 5.22 -20.34
CA GLU B 431 -10.62 5.46 -21.30
C GLU B 431 -9.24 5.47 -20.66
N THR B 432 -9.13 5.22 -19.35
CA THR B 432 -7.82 5.20 -18.70
C THR B 432 -6.90 4.21 -19.40
N ALA B 433 -5.72 4.68 -19.77
CA ALA B 433 -4.79 3.88 -20.57
C ALA B 433 -4.45 2.56 -19.89
N ASP B 434 -3.94 2.63 -18.65
CA ASP B 434 -3.48 1.42 -17.98
C ASP B 434 -4.63 0.46 -17.73
N THR B 435 -5.78 0.97 -17.29
CA THR B 435 -6.93 0.09 -17.08
C THR B 435 -7.35 -0.56 -18.39
N LEU B 436 -7.28 0.19 -19.49
CA LEU B 436 -7.64 -0.36 -20.79
C LEU B 436 -6.61 -1.39 -21.25
N MET B 437 -5.33 -1.15 -20.98
CA MET B 437 -4.30 -2.14 -21.31
C MET B 437 -4.50 -3.41 -20.51
N GLY B 438 -4.81 -3.29 -19.22
CA GLY B 438 -5.11 -4.47 -18.43
C GLY B 438 -6.25 -5.28 -19.02
N LEU B 439 -7.29 -4.59 -19.50
CA LEU B 439 -8.40 -5.28 -20.14
C LEU B 439 -7.91 -6.13 -21.31
N ARG B 440 -7.23 -5.49 -22.27
CA ARG B 440 -6.76 -6.23 -23.43
C ARG B 440 -5.78 -7.33 -23.03
N TYR B 441 -5.00 -7.10 -21.99
CA TYR B 441 -4.13 -8.15 -21.45
C TYR B 441 -4.95 -9.36 -21.03
N CYS B 442 -5.95 -9.14 -20.17
CA CYS B 442 -6.75 -10.25 -19.67
C CYS B 442 -7.53 -10.94 -20.79
N LYS B 443 -8.02 -10.17 -21.76
CA LYS B 443 -8.74 -10.77 -22.88
C LYS B 443 -7.84 -11.74 -23.63
N GLU B 444 -6.58 -11.37 -23.84
CA GLU B 444 -5.66 -12.24 -24.58
C GLU B 444 -5.47 -13.58 -23.88
N ARG B 445 -5.65 -13.62 -22.57
CA ARG B 445 -5.49 -14.85 -21.81
C ARG B 445 -6.82 -15.58 -21.58
N GLY B 446 -7.89 -15.13 -22.22
CA GLY B 446 -9.15 -15.85 -22.18
C GLY B 446 -9.98 -15.64 -20.94
N ALA B 447 -9.70 -14.60 -20.16
CA ALA B 447 -10.50 -14.33 -18.98
C ALA B 447 -11.85 -13.72 -19.39
N LEU B 448 -12.84 -13.92 -18.53
CA LEU B 448 -14.12 -13.24 -18.66
C LEU B 448 -13.96 -11.82 -18.11
N THR B 449 -14.24 -10.81 -18.93
CA THR B 449 -14.01 -9.43 -18.58
C THR B 449 -15.33 -8.71 -18.34
N VAL B 450 -15.39 -7.94 -17.26
CA VAL B 450 -16.58 -7.21 -16.84
C VAL B 450 -16.20 -5.76 -16.62
N GLY B 451 -17.01 -4.84 -17.14
CA GLY B 451 -16.75 -3.42 -17.03
C GLY B 451 -17.68 -2.75 -16.02
N ILE B 452 -17.12 -1.87 -15.21
CA ILE B 452 -17.90 -1.04 -14.28
C ILE B 452 -17.54 0.40 -14.63
N THR B 453 -18.30 0.98 -15.56
CA THR B 453 -17.96 2.27 -16.14
C THR B 453 -19.11 3.25 -15.97
N ASN B 454 -18.81 4.51 -16.31
CA ASN B 454 -19.76 5.60 -16.22
C ASN B 454 -19.90 6.36 -17.55
N THR B 455 -19.34 5.84 -18.63
CA THR B 455 -19.34 6.51 -19.93
C THR B 455 -19.73 5.50 -20.99
N VAL B 456 -20.98 5.59 -21.47
CA VAL B 456 -21.44 4.68 -22.50
C VAL B 456 -20.63 4.87 -23.76
N GLY B 457 -20.28 3.77 -24.41
CA GLY B 457 -19.52 3.82 -25.63
C GLY B 457 -18.04 4.05 -25.45
N SER B 458 -17.55 4.06 -24.22
CA SER B 458 -16.12 4.21 -23.99
C SER B 458 -15.37 2.94 -24.37
N SER B 459 -14.05 3.05 -24.43
CA SER B 459 -13.23 1.91 -24.83
C SER B 459 -13.45 0.72 -23.91
N ILE B 460 -13.39 0.96 -22.59
CA ILE B 460 -13.53 -0.14 -21.63
C ILE B 460 -14.94 -0.71 -21.66
N SER B 461 -15.94 0.14 -21.87
CA SER B 461 -17.32 -0.34 -21.93
C SER B 461 -17.54 -1.21 -23.16
N ARG B 462 -16.95 -0.82 -24.29
CA ARG B 462 -17.16 -1.58 -25.53
C ARG B 462 -16.43 -2.91 -25.49
N GLU B 463 -15.15 -2.91 -25.12
CA GLU B 463 -14.30 -4.08 -25.28
C GLU B 463 -14.47 -5.12 -24.17
N THR B 464 -15.16 -4.79 -23.09
CA THR B 464 -15.49 -5.78 -22.08
C THR B 464 -16.63 -6.67 -22.58
N ASP B 465 -16.61 -7.93 -22.15
CA ASP B 465 -17.65 -8.86 -22.55
C ASP B 465 -19.01 -8.39 -22.08
N CYS B 466 -19.09 -7.96 -20.82
CA CYS B 466 -20.31 -7.41 -20.24
C CYS B 466 -19.91 -6.35 -19.21
N GLY B 467 -20.89 -5.82 -18.51
CA GLY B 467 -20.59 -4.86 -17.47
C GLY B 467 -21.84 -4.11 -17.04
N VAL B 468 -21.60 -3.04 -16.28
CA VAL B 468 -22.65 -2.21 -15.71
C VAL B 468 -22.30 -0.75 -15.93
N HIS B 469 -23.26 0.02 -16.42
CA HIS B 469 -23.14 1.47 -16.47
C HIS B 469 -23.70 2.02 -15.16
N ILE B 470 -22.83 2.59 -14.33
CA ILE B 470 -23.23 3.00 -12.99
C ILE B 470 -24.28 4.09 -13.01
N ASN B 471 -24.47 4.76 -14.15
CA ASN B 471 -25.52 5.77 -14.31
C ASN B 471 -25.41 6.85 -13.24
N ALA B 472 -24.19 7.28 -12.94
CA ALA B 472 -23.98 8.34 -11.97
C ALA B 472 -24.11 9.73 -12.59
N GLY B 473 -24.17 9.83 -13.91
CA GLY B 473 -24.21 11.10 -14.58
C GLY B 473 -22.81 11.62 -14.86
N PRO B 474 -22.70 12.60 -15.75
CA PRO B 474 -21.38 13.14 -16.08
C PRO B 474 -20.68 13.69 -14.84
N GLU B 475 -19.40 13.36 -14.71
CA GLU B 475 -18.56 13.88 -13.64
C GLU B 475 -17.57 14.87 -14.23
N ILE B 476 -17.67 16.12 -13.83
CA ILE B 476 -16.86 17.19 -14.39
C ILE B 476 -15.66 17.51 -13.49
N GLY B 477 -15.85 17.50 -12.18
CA GLY B 477 -14.73 17.75 -11.29
C GLY B 477 -13.61 16.74 -11.51
N VAL B 478 -12.38 17.22 -11.45
CA VAL B 478 -11.23 16.34 -11.67
C VAL B 478 -11.21 15.23 -10.62
N ALA B 479 -11.55 15.57 -9.39
CA ALA B 479 -11.58 14.57 -8.31
C ALA B 479 -12.90 13.81 -8.35
N SER B 480 -12.83 12.49 -8.40
CA SER B 480 -14.03 11.67 -8.45
C SER B 480 -14.71 11.66 -7.09
N THR B 481 -15.98 12.04 -7.05
CA THR B 481 -16.78 11.95 -5.83
C THR B 481 -17.94 10.99 -6.02
N LYS B 482 -18.93 11.34 -6.86
CA LYS B 482 -20.08 10.46 -7.03
C LYS B 482 -19.72 9.18 -7.76
N ALA B 483 -18.71 9.23 -8.63
CA ALA B 483 -18.27 8.02 -9.31
C ALA B 483 -17.83 6.96 -8.31
N TYR B 484 -17.11 7.37 -7.26
CA TYR B 484 -16.63 6.43 -6.26
C TYR B 484 -17.80 5.74 -5.55
N THR B 485 -18.74 6.53 -5.04
CA THR B 485 -19.88 5.95 -4.32
C THR B 485 -20.78 5.14 -5.26
N SER B 486 -20.89 5.54 -6.52
CA SER B 486 -21.72 4.79 -7.46
C SER B 486 -21.06 3.47 -7.85
N GLN B 487 -19.75 3.48 -8.07
CA GLN B 487 -19.03 2.22 -8.24
C GLN B 487 -19.21 1.33 -7.03
N PHE B 488 -19.00 1.89 -5.84
CA PHE B 488 -19.24 1.18 -4.59
C PHE B 488 -20.58 0.46 -4.63
N VAL B 489 -21.66 1.20 -4.87
CA VAL B 489 -23.00 0.62 -4.87
C VAL B 489 -23.12 -0.44 -5.97
N SER B 490 -22.54 -0.18 -7.13
CA SER B 490 -22.69 -1.12 -8.25
C SER B 490 -22.06 -2.46 -7.92
N LEU B 491 -20.88 -2.46 -7.30
CA LEU B 491 -20.25 -3.73 -6.94
C LEU B 491 -21.02 -4.44 -5.84
N VAL B 492 -21.68 -3.70 -4.95
CA VAL B 492 -22.53 -4.32 -3.95
C VAL B 492 -23.71 -5.02 -4.60
N MET B 493 -24.35 -4.35 -5.57
CA MET B 493 -25.47 -4.96 -6.27
C MET B 493 -25.04 -6.24 -6.98
N PHE B 494 -23.83 -6.25 -7.53
CA PHE B 494 -23.32 -7.47 -8.15
C PHE B 494 -23.16 -8.57 -7.12
N ALA B 495 -22.59 -8.24 -5.95
CA ALA B 495 -22.46 -9.24 -4.89
C ALA B 495 -23.82 -9.78 -4.46
N LEU B 496 -24.82 -8.90 -4.40
CA LEU B 496 -26.16 -9.34 -4.03
C LEU B 496 -26.74 -10.31 -5.07
N MET B 497 -26.33 -10.18 -6.32
CA MET B 497 -26.77 -11.13 -7.35
C MET B 497 -26.08 -12.47 -7.18
N MET B 498 -24.77 -12.46 -6.85
CA MET B 498 -23.99 -13.68 -6.81
C MET B 498 -24.44 -14.64 -5.71
N CYS B 499 -25.21 -14.16 -4.74
CA CYS B 499 -25.66 -15.00 -3.63
C CYS B 499 -27.18 -15.09 -3.52
N ASP B 500 -27.89 -14.71 -4.58
CA ASP B 500 -29.35 -14.70 -4.54
C ASP B 500 -29.96 -16.09 -4.48
N ASP B 501 -29.16 -17.15 -4.53
CA ASP B 501 -29.67 -18.52 -4.47
C ASP B 501 -29.19 -19.25 -3.23
N ARG B 502 -28.64 -18.54 -2.25
CA ARG B 502 -28.15 -19.14 -1.01
C ARG B 502 -29.16 -18.90 0.10
N ILE B 503 -29.74 -19.98 0.62
CA ILE B 503 -30.68 -19.86 1.73
C ILE B 503 -29.99 -19.21 2.94
N SER B 504 -28.78 -19.66 3.24
CA SER B 504 -28.08 -19.18 4.43
C SER B 504 -27.78 -17.70 4.39
N MET B 505 -27.82 -17.07 3.21
CA MET B 505 -27.47 -15.66 3.07
C MET B 505 -28.68 -14.77 2.83
N GLN B 506 -29.90 -15.30 2.97
CA GLN B 506 -31.09 -14.51 2.65
C GLN B 506 -31.22 -13.30 3.57
N GLU B 507 -31.11 -13.53 4.89
CA GLU B 507 -31.25 -12.42 5.84
C GLU B 507 -30.16 -11.38 5.62
N ARG B 508 -28.92 -11.82 5.34
CA ARG B 508 -27.84 -10.88 5.08
C ARG B 508 -28.17 -10.00 3.88
N ARG B 509 -28.69 -10.60 2.81
CA ARG B 509 -29.07 -9.81 1.63
C ARG B 509 -30.12 -8.78 1.99
N LYS B 510 -31.17 -9.19 2.69
CA LYS B 510 -32.21 -8.24 3.10
C LYS B 510 -31.61 -7.11 3.92
N GLU B 511 -30.73 -7.45 4.87
CA GLU B 511 -30.06 -6.42 5.66
C GLU B 511 -29.39 -5.38 4.76
N ILE B 512 -28.60 -5.85 3.79
CA ILE B 512 -27.87 -4.94 2.92
C ILE B 512 -28.84 -4.11 2.08
N MET B 513 -29.88 -4.75 1.54
CA MET B 513 -30.80 -4.04 0.66
C MET B 513 -31.59 -2.99 1.42
N LEU B 514 -32.03 -3.31 2.65
CA LEU B 514 -32.60 -2.28 3.51
C LEU B 514 -31.63 -1.13 3.71
N GLY B 515 -30.35 -1.44 3.89
CA GLY B 515 -29.35 -0.39 3.98
C GLY B 515 -29.33 0.48 2.74
N LEU B 516 -29.38 -0.14 1.57
CA LEU B 516 -29.40 0.62 0.32
C LEU B 516 -30.65 1.48 0.23
N LYS B 517 -31.79 0.96 0.69
CA LYS B 517 -33.01 1.74 0.68
C LYS B 517 -32.88 2.99 1.54
N ARG B 518 -32.22 2.88 2.69
CA ARG B 518 -32.05 3.99 3.61
C ARG B 518 -30.82 4.85 3.28
N LEU B 519 -29.97 4.39 2.38
CA LEU B 519 -28.71 5.09 2.14
C LEU B 519 -28.91 6.52 1.64
N PRO B 520 -29.80 6.80 0.68
CA PRO B 520 -29.91 8.18 0.19
C PRO B 520 -30.23 9.18 1.30
N ASP B 521 -31.13 8.83 2.21
CA ASP B 521 -31.48 9.76 3.29
C ASP B 521 -30.34 9.91 4.29
N LEU B 522 -29.56 8.83 4.52
CA LEU B 522 -28.42 8.94 5.41
C LEU B 522 -27.33 9.83 4.81
N ILE B 523 -27.17 9.81 3.49
CA ILE B 523 -26.24 10.71 2.84
C ILE B 523 -26.65 12.15 3.07
N LYS B 524 -27.95 12.44 2.96
CA LYS B 524 -28.45 13.77 3.29
C LYS B 524 -28.10 14.15 4.72
N GLU B 525 -28.16 13.17 5.63
CA GLU B 525 -27.83 13.44 7.03
C GLU B 525 -26.36 13.82 7.17
N VAL B 526 -25.47 13.15 6.43
CA VAL B 526 -24.06 13.52 6.45
C VAL B 526 -23.85 14.91 5.87
N LEU B 527 -24.51 15.19 4.73
CA LEU B 527 -24.34 16.49 4.08
C LEU B 527 -24.80 17.63 4.99
N SER B 528 -25.78 17.38 5.86
CA SER B 528 -26.24 18.41 6.76
C SER B 528 -25.19 18.80 7.79
N MET B 529 -24.11 18.04 7.91
CA MET B 529 -22.99 18.40 8.79
C MET B 529 -21.91 19.18 8.08
N ASP B 530 -22.19 19.71 6.87
CA ASP B 530 -21.18 20.43 6.11
C ASP B 530 -20.54 21.53 6.93
N ASP B 531 -21.35 22.32 7.64
CA ASP B 531 -20.81 23.42 8.43
C ASP B 531 -19.86 22.90 9.51
N GLU B 532 -20.23 21.80 10.17
CA GLU B 532 -19.34 21.22 11.16
C GLU B 532 -18.03 20.76 10.55
N ILE B 533 -18.07 20.27 9.30
CA ILE B 533 -16.83 19.90 8.61
C ILE B 533 -16.02 21.15 8.31
N GLN B 534 -16.69 22.21 7.85
CA GLN B 534 -15.97 23.44 7.50
C GLN B 534 -15.23 24.01 8.71
N LYS B 535 -15.83 23.89 9.90
CA LYS B 535 -15.15 24.33 11.11
C LYS B 535 -13.87 23.53 11.34
N LEU B 536 -13.96 22.21 11.22
CA LEU B 536 -12.77 21.38 11.34
C LEU B 536 -11.70 21.82 10.35
N ALA B 537 -12.10 22.17 9.13
CA ALA B 537 -11.12 22.59 8.13
C ALA B 537 -10.35 23.82 8.60
N THR B 538 -11.04 24.77 9.25
CA THR B 538 -10.35 25.95 9.76
C THR B 538 -9.33 25.61 10.84
N GLU B 539 -9.38 24.41 11.39
CA GLU B 539 -8.42 23.97 12.41
C GLU B 539 -7.29 23.14 11.82
N LEU B 540 -7.29 22.86 10.52
CA LEU B 540 -6.27 22.04 9.89
C LEU B 540 -5.61 22.66 8.66
N TYR B 541 -6.18 23.71 8.08
CA TYR B 541 -5.72 24.18 6.78
C TYR B 541 -4.26 24.63 6.84
N HIS B 542 -3.79 25.06 8.00
CA HIS B 542 -2.42 25.54 8.15
C HIS B 542 -1.41 24.42 8.31
N GLN B 543 -1.86 23.18 8.49
CA GLN B 543 -0.96 22.06 8.74
C GLN B 543 -0.31 21.57 7.45
N LYS B 544 0.85 20.94 7.60
CA LYS B 544 1.58 20.38 6.46
C LYS B 544 1.21 18.94 6.17
N SER B 545 0.89 18.15 7.19
CA SER B 545 0.59 16.74 7.02
C SER B 545 -0.63 16.37 7.84
N VAL B 546 -1.28 15.28 7.44
CA VAL B 546 -2.37 14.70 8.19
C VAL B 546 -2.38 13.20 7.94
N LEU B 547 -2.46 12.41 9.00
CA LEU B 547 -2.55 10.96 8.91
C LEU B 547 -4.00 10.54 9.08
N ILE B 548 -4.49 9.74 8.14
CA ILE B 548 -5.86 9.24 8.15
C ILE B 548 -5.79 7.73 8.33
N MET B 549 -6.40 7.24 9.40
CA MET B 549 -6.22 5.86 9.85
C MET B 549 -7.55 5.12 9.83
N GLY B 550 -7.51 3.89 9.35
CA GLY B 550 -8.70 3.05 9.29
C GLY B 550 -8.33 1.64 8.90
N ARG B 551 -9.27 0.72 9.15
CA ARG B 551 -9.06 -0.68 8.83
C ARG B 551 -10.39 -1.30 8.43
N GLY B 552 -10.33 -2.56 8.01
CA GLY B 552 -11.54 -3.27 7.62
C GLY B 552 -12.23 -2.58 6.46
N TYR B 553 -13.54 -2.39 6.61
CA TYR B 553 -14.31 -1.72 5.56
C TYR B 553 -13.83 -0.30 5.32
N HIS B 554 -13.11 0.31 6.26
CA HIS B 554 -12.72 1.71 6.17
C HIS B 554 -11.24 1.87 5.87
N TYR B 555 -10.58 0.81 5.40
CA TYR B 555 -9.26 0.98 4.82
C TYR B 555 -9.32 1.82 3.55
N ALA B 556 -10.27 1.50 2.66
CA ALA B 556 -10.45 2.29 1.46
C ALA B 556 -10.83 3.72 1.80
N THR B 557 -11.61 3.91 2.87
CA THR B 557 -12.03 5.26 3.25
C THR B 557 -10.83 6.14 3.55
N CYS B 558 -9.87 5.64 4.34
CA CYS B 558 -8.72 6.45 4.69
C CYS B 558 -7.75 6.59 3.52
N LEU B 559 -7.75 5.62 2.60
CA LEU B 559 -6.97 5.77 1.37
C LEU B 559 -7.60 6.79 0.43
N GLU B 560 -8.93 6.72 0.26
CA GLU B 560 -9.60 7.67 -0.62
C GLU B 560 -9.54 9.08 -0.07
N GLY B 561 -9.79 9.25 1.23
CA GLY B 561 -9.73 10.57 1.83
C GLY B 561 -8.33 11.17 1.74
N ALA B 562 -7.30 10.36 1.96
CA ALA B 562 -5.93 10.84 1.82
C ALA B 562 -5.64 11.30 0.40
N LEU B 563 -6.17 10.58 -0.60
CA LEU B 563 -5.94 10.96 -1.99
C LEU B 563 -6.64 12.27 -2.32
N LYS B 564 -7.87 12.45 -1.83
CA LYS B 564 -8.61 13.68 -2.11
C LYS B 564 -7.91 14.89 -1.53
N ILE B 565 -7.46 14.79 -0.28
CA ILE B 565 -6.79 15.90 0.37
C ILE B 565 -5.46 16.19 -0.33
N LYS B 566 -4.77 15.14 -0.78
CA LYS B 566 -3.58 15.35 -1.61
C LYS B 566 -3.92 16.13 -2.87
N GLU B 567 -4.98 15.73 -3.56
CA GLU B 567 -5.19 16.15 -4.93
C GLU B 567 -5.58 17.63 -5.02
N ILE B 568 -6.49 18.08 -4.16
CA ILE B 568 -7.08 19.41 -4.31
C ILE B 568 -6.63 20.39 -3.21
N THR B 569 -6.12 19.91 -2.08
CA THR B 569 -5.61 20.79 -1.04
C THR B 569 -4.10 20.82 -0.97
N TYR B 570 -3.42 19.84 -1.55
CA TYR B 570 -1.96 19.76 -1.61
C TYR B 570 -1.33 19.59 -0.24
N MET B 571 -2.13 19.28 0.79
CA MET B 571 -1.57 18.83 2.05
C MET B 571 -0.98 17.44 1.89
N HIS B 572 0.01 17.12 2.72
CA HIS B 572 0.62 15.80 2.71
C HIS B 572 -0.23 14.88 3.58
N SER B 573 -1.32 14.41 2.98
CA SER B 573 -2.23 13.47 3.64
C SER B 573 -1.89 12.05 3.20
N GLU B 574 -1.80 11.14 4.16
CA GLU B 574 -1.45 9.76 3.90
C GLU B 574 -2.38 8.84 4.67
N GLY B 575 -2.89 7.81 3.99
CA GLY B 575 -3.73 6.81 4.63
C GLY B 575 -2.87 5.70 5.22
N ILE B 576 -3.22 5.28 6.43
CA ILE B 576 -2.45 4.28 7.16
C ILE B 576 -3.43 3.23 7.68
N LEU B 577 -3.24 1.98 7.23
CA LEU B 577 -4.00 0.87 7.76
C LEU B 577 -3.82 0.79 9.27
N ALA B 578 -4.92 0.87 10.01
CA ALA B 578 -4.83 0.98 11.46
C ALA B 578 -4.03 -0.17 12.05
N GLY B 579 -4.23 -1.38 11.55
CA GLY B 579 -3.53 -2.54 12.08
C GLY B 579 -2.02 -2.49 11.92
N GLU B 580 -1.51 -1.58 11.11
CA GLU B 580 -0.07 -1.47 10.87
C GLU B 580 0.60 -0.40 11.72
N LEU B 581 -0.16 0.32 12.55
CA LEU B 581 0.42 1.38 13.36
C LEU B 581 1.54 0.87 14.24
N LYS B 582 1.32 -0.26 14.93
CA LYS B 582 2.31 -0.78 15.86
C LYS B 582 3.57 -1.29 15.17
N HIS B 583 3.63 -1.28 13.84
CA HIS B 583 4.77 -1.82 13.11
C HIS B 583 5.64 -0.72 12.50
N GLY B 584 5.61 0.48 13.08
CA GLY B 584 6.52 1.53 12.66
C GLY B 584 5.87 2.90 12.55
N PRO B 585 4.86 3.02 11.69
CA PRO B 585 4.28 4.34 11.43
C PRO B 585 3.86 5.10 12.68
N LEU B 586 3.50 4.39 13.74
CA LEU B 586 3.04 5.06 14.96
C LEU B 586 4.12 5.98 15.55
N ALA B 587 5.39 5.74 15.22
CA ALA B 587 6.46 6.59 15.73
C ALA B 587 6.37 8.01 15.20
N LEU B 588 5.62 8.22 14.12
CA LEU B 588 5.47 9.55 13.55
C LEU B 588 4.42 10.40 14.26
N VAL B 589 3.68 9.82 15.20
CA VAL B 589 2.58 10.52 15.87
C VAL B 589 3.12 11.20 17.12
N ASP B 590 2.80 12.48 17.27
CA ASP B 590 3.01 13.22 18.51
C ASP B 590 1.86 14.21 18.65
N LYS B 591 1.97 15.10 19.65
CA LYS B 591 0.90 16.06 19.89
C LYS B 591 0.78 17.11 18.79
N LEU B 592 1.75 17.18 17.86
CA LEU B 592 1.73 18.17 16.80
C LEU B 592 1.32 17.59 15.45
N MET B 593 1.26 16.26 15.31
CA MET B 593 0.89 15.64 14.05
C MET B 593 -0.62 15.49 13.97
N PRO B 594 -1.31 16.12 13.01
CA PRO B 594 -2.76 15.91 12.88
C PRO B 594 -3.08 14.47 12.51
N VAL B 595 -4.13 13.93 13.12
CA VAL B 595 -4.55 12.56 12.91
C VAL B 595 -6.07 12.52 12.78
N ILE B 596 -6.55 11.81 11.77
CA ILE B 596 -7.98 11.52 11.62
C ILE B 596 -8.14 10.01 11.68
N MET B 597 -8.99 9.54 12.59
CA MET B 597 -9.26 8.13 12.76
C MET B 597 -10.72 7.85 12.43
N ILE B 598 -10.97 6.64 11.91
CA ILE B 598 -12.31 6.21 11.54
C ILE B 598 -12.64 5.00 12.42
N ILE B 599 -13.58 5.18 13.35
CA ILE B 599 -13.97 4.14 14.30
C ILE B 599 -15.46 3.94 14.14
N MET B 600 -15.85 2.80 13.56
CA MET B 600 -17.24 2.51 13.27
C MET B 600 -17.69 1.26 14.01
N ARG B 601 -19.02 1.11 14.12
CA ARG B 601 -19.62 0.04 14.90
C ARG B 601 -19.77 -1.22 14.05
N ASP B 602 -18.62 -1.83 13.74
CA ASP B 602 -18.59 -3.14 13.11
C ASP B 602 -17.70 -4.07 13.91
N HIS B 603 -17.34 -5.22 13.35
CA HIS B 603 -16.58 -6.21 14.10
C HIS B 603 -15.20 -5.72 14.50
N THR B 604 -14.69 -4.66 13.87
CA THR B 604 -13.37 -4.13 14.17
C THR B 604 -13.42 -2.98 15.18
N TYR B 605 -14.54 -2.79 15.87
CA TYR B 605 -14.66 -1.66 16.78
C TYR B 605 -13.65 -1.74 17.92
N ALA B 606 -13.53 -2.92 18.54
CA ALA B 606 -12.60 -3.07 19.66
C ALA B 606 -11.16 -2.85 19.21
N LYS B 607 -10.81 -3.33 18.02
CA LYS B 607 -9.46 -3.12 17.50
C LYS B 607 -9.21 -1.65 17.21
N CYS B 608 -10.20 -0.94 16.68
CA CYS B 608 -10.03 0.48 16.41
C CYS B 608 -9.95 1.29 17.70
N GLN B 609 -10.64 0.85 18.75
CA GLN B 609 -10.49 1.49 20.05
C GLN B 609 -9.08 1.29 20.60
N ASN B 610 -8.46 0.15 20.29
CA ASN B 610 -7.07 -0.06 20.69
C ASN B 610 -6.14 0.87 19.94
N ALA B 611 -6.37 1.06 18.64
CA ALA B 611 -5.58 2.00 17.86
C ALA B 611 -5.71 3.41 18.42
N LEU B 612 -6.93 3.83 18.73
CA LEU B 612 -7.13 5.16 19.30
C LEU B 612 -6.32 5.32 20.59
N GLN B 613 -6.29 4.28 21.42
CA GLN B 613 -5.51 4.35 22.66
C GLN B 613 -4.02 4.49 22.35
N GLN B 614 -3.53 3.75 21.35
CA GLN B 614 -2.14 3.90 20.94
C GLN B 614 -1.85 5.34 20.52
N VAL B 615 -2.69 5.90 19.65
CA VAL B 615 -2.48 7.26 19.18
C VAL B 615 -2.44 8.23 20.35
N VAL B 616 -3.32 8.03 21.34
CA VAL B 616 -3.37 8.92 22.48
C VAL B 616 -2.12 8.75 23.35
N ALA B 617 -1.69 7.51 23.57
CA ALA B 617 -0.48 7.27 24.35
C ALA B 617 0.71 8.01 23.74
N ARG B 618 0.74 8.16 22.42
CA ARG B 618 1.78 8.93 21.75
C ARG B 618 1.52 10.43 21.77
N GLN B 619 0.60 10.90 22.60
CA GLN B 619 0.25 12.31 22.75
C GLN B 619 -0.61 12.82 21.61
N GLY B 620 -1.07 11.96 20.71
CA GLY B 620 -1.87 12.41 19.59
C GLY B 620 -3.24 12.91 20.02
N ARG B 621 -3.74 13.91 19.28
CA ARG B 621 -5.03 14.56 19.55
C ARG B 621 -5.92 14.37 18.32
N PRO B 622 -6.44 13.17 18.11
CA PRO B 622 -7.05 12.84 16.81
C PRO B 622 -8.48 13.33 16.68
N VAL B 623 -8.85 13.63 15.43
CA VAL B 623 -10.25 13.80 15.06
C VAL B 623 -10.80 12.44 14.65
N VAL B 624 -11.98 12.11 15.14
CA VAL B 624 -12.55 10.77 14.97
C VAL B 624 -13.86 10.88 14.22
N ILE B 625 -13.94 10.19 13.09
CA ILE B 625 -15.20 9.98 12.39
C ILE B 625 -15.79 8.69 12.93
N CYS B 626 -16.91 8.79 13.64
CA CYS B 626 -17.49 7.65 14.32
C CYS B 626 -19.00 7.67 14.15
N ASP B 627 -19.65 6.67 14.72
CA ASP B 627 -21.10 6.55 14.69
C ASP B 627 -21.74 7.43 15.76
N LYS B 628 -22.94 7.92 15.46
CA LYS B 628 -23.65 8.81 16.39
C LYS B 628 -23.82 8.15 17.75
N GLU B 629 -24.32 6.92 17.77
CA GLU B 629 -24.59 6.23 19.04
C GLU B 629 -23.32 5.86 19.79
N ASP B 630 -22.14 6.03 19.18
CA ASP B 630 -20.89 5.71 19.83
C ASP B 630 -20.59 6.70 20.95
N THR B 631 -21.39 6.67 22.01
CA THR B 631 -21.20 7.62 23.11
C THR B 631 -19.84 7.45 23.78
N GLU B 632 -19.30 6.23 23.77
CA GLU B 632 -17.98 6.00 24.35
C GLU B 632 -16.94 6.89 23.68
N THR B 633 -16.82 6.81 22.36
CA THR B 633 -15.82 7.59 21.65
C THR B 633 -16.11 9.08 21.76
N ILE B 634 -17.38 9.47 21.65
CA ILE B 634 -17.74 10.90 21.64
C ILE B 634 -17.36 11.54 22.96
N LYS B 635 -17.47 10.82 24.08
CA LYS B 635 -17.16 11.40 25.38
C LYS B 635 -15.66 11.60 25.55
N ASN B 636 -14.86 10.62 25.15
CA ASN B 636 -13.43 10.64 25.38
C ASN B 636 -12.65 11.37 24.29
N THR B 637 -13.34 11.92 23.29
CA THR B 637 -12.71 12.67 22.23
C THR B 637 -13.39 14.03 22.09
N LYS B 638 -12.60 15.09 22.05
CA LYS B 638 -13.16 16.43 21.94
C LYS B 638 -13.64 16.73 20.52
N ARG B 639 -12.93 16.25 19.50
CA ARG B 639 -13.24 16.54 18.11
C ARG B 639 -13.73 15.26 17.44
N THR B 640 -15.02 15.21 17.13
CA THR B 640 -15.63 14.05 16.50
C THR B 640 -16.59 14.49 15.41
N ILE B 641 -16.66 13.68 14.35
CA ILE B 641 -17.66 13.81 13.30
C ILE B 641 -18.55 12.59 13.39
N LYS B 642 -19.82 12.81 13.73
CA LYS B 642 -20.75 11.73 14.04
C LYS B 642 -21.62 11.48 12.81
N VAL B 643 -21.39 10.34 12.15
CA VAL B 643 -22.17 9.96 10.97
C VAL B 643 -23.20 8.92 11.42
N PRO B 644 -24.32 8.79 10.70
CA PRO B 644 -25.34 7.81 11.11
C PRO B 644 -24.88 6.38 10.86
N HIS B 645 -25.54 5.45 11.56
CA HIS B 645 -25.21 4.04 11.44
C HIS B 645 -25.86 3.44 10.21
N SER B 646 -25.18 2.47 9.62
CA SER B 646 -25.70 1.73 8.48
C SER B 646 -25.13 0.32 8.54
N VAL B 647 -25.39 -0.47 7.49
CA VAL B 647 -24.82 -1.81 7.41
C VAL B 647 -23.31 -1.69 7.28
N ASP B 648 -22.59 -2.61 7.91
CA ASP B 648 -21.13 -2.53 7.94
C ASP B 648 -20.54 -2.39 6.55
N CYS B 649 -21.03 -3.18 5.59
CA CYS B 649 -20.46 -3.16 4.25
C CYS B 649 -20.95 -1.98 3.40
N LEU B 650 -21.76 -1.08 3.97
CA LEU B 650 -22.14 0.16 3.32
C LEU B 650 -21.61 1.40 4.04
N GLN B 651 -21.15 1.25 5.29
CA GLN B 651 -20.73 2.41 6.06
C GLN B 651 -19.64 3.20 5.35
N GLY B 652 -18.81 2.53 4.54
CA GLY B 652 -17.76 3.24 3.82
C GLY B 652 -18.29 4.37 2.97
N ILE B 653 -19.52 4.25 2.46
CA ILE B 653 -20.11 5.31 1.66
C ILE B 653 -20.34 6.55 2.50
N LEU B 654 -20.78 6.36 3.75
CA LEU B 654 -21.07 7.50 4.62
C LEU B 654 -19.82 8.06 5.26
N SER B 655 -18.80 7.23 5.49
CA SER B 655 -17.60 7.68 6.18
C SER B 655 -16.65 8.45 5.27
N VAL B 656 -16.74 8.25 3.97
CA VAL B 656 -15.85 8.96 3.04
C VAL B 656 -16.37 10.35 2.73
N ILE B 657 -17.69 10.54 2.80
CA ILE B 657 -18.27 11.84 2.41
C ILE B 657 -17.71 12.97 3.27
N PRO B 658 -17.59 12.83 4.59
CA PRO B 658 -16.96 13.91 5.37
C PRO B 658 -15.57 14.27 4.87
N LEU B 659 -14.80 13.27 4.43
CA LEU B 659 -13.45 13.55 3.93
C LEU B 659 -13.50 14.23 2.56
N GLN B 660 -14.49 13.90 1.73
CA GLN B 660 -14.71 14.67 0.51
C GLN B 660 -14.95 16.14 0.85
N LEU B 661 -15.88 16.41 1.77
CA LEU B 661 -16.18 17.78 2.16
C LEU B 661 -14.95 18.44 2.80
N LEU B 662 -14.24 17.70 3.66
CA LEU B 662 -13.07 18.27 4.30
C LEU B 662 -12.04 18.72 3.26
N ALA B 663 -11.76 17.86 2.28
CA ALA B 663 -10.85 18.25 1.20
C ALA B 663 -11.36 19.48 0.48
N PHE B 664 -12.67 19.57 0.27
CA PHE B 664 -13.24 20.75 -0.38
C PHE B 664 -12.98 22.00 0.45
N HIS B 665 -13.37 21.98 1.73
CA HIS B 665 -13.24 23.18 2.55
C HIS B 665 -11.78 23.55 2.78
N LEU B 666 -10.92 22.55 2.99
CA LEU B 666 -9.49 22.84 3.14
C LEU B 666 -8.94 23.57 1.92
N ALA B 667 -9.34 23.14 0.72
CA ALA B 667 -8.85 23.78 -0.49
C ALA B 667 -9.32 25.23 -0.57
N VAL B 668 -10.57 25.49 -0.18
CA VAL B 668 -11.08 26.87 -0.21
C VAL B 668 -10.31 27.73 0.77
N LEU B 669 -10.07 27.22 1.98
CA LEU B 669 -9.31 27.97 2.98
C LEU B 669 -7.90 28.27 2.49
N ARG B 670 -7.27 27.31 1.82
CA ARG B 670 -5.92 27.50 1.30
C ARG B 670 -5.89 28.29 0.00
N GLY B 671 -7.05 28.64 -0.55
CA GLY B 671 -7.11 29.48 -1.74
C GLY B 671 -6.90 28.75 -3.04
N TYR B 672 -7.42 27.53 -3.17
CA TYR B 672 -7.24 26.73 -4.36
C TYR B 672 -8.58 26.44 -5.02
N ASP B 673 -8.53 26.12 -6.31
CA ASP B 673 -9.71 25.82 -7.09
C ASP B 673 -9.97 24.31 -7.02
N VAL B 674 -11.09 23.93 -6.40
CA VAL B 674 -11.36 22.52 -6.18
C VAL B 674 -11.57 21.80 -7.50
N ASP B 675 -12.06 22.49 -8.53
CA ASP B 675 -12.35 21.84 -9.80
C ASP B 675 -11.09 21.62 -10.63
N PHE B 676 -10.13 22.55 -10.57
CA PHE B 676 -8.92 22.50 -11.41
C PHE B 676 -7.68 22.40 -10.53
N PRO B 677 -7.43 21.24 -9.94
CA PRO B 677 -6.18 21.05 -9.18
C PRO B 677 -4.97 21.13 -10.08
N ARG B 678 -3.82 21.40 -9.45
CA ARG B 678 -2.59 21.62 -10.18
C ARG B 678 -1.94 20.30 -10.58
N ASN B 679 -1.11 20.36 -11.62
CA ASN B 679 -0.22 19.30 -12.06
C ASN B 679 -0.93 18.13 -12.74
N LEU B 680 -2.23 18.20 -12.97
CA LEU B 680 -2.94 17.07 -13.57
C LEU B 680 -4.31 17.55 -14.03
N ALA B 681 -5.06 16.62 -14.62
CA ALA B 681 -6.43 16.88 -15.06
C ALA B 681 -7.22 15.58 -14.85
N LYS B 682 -8.39 15.49 -15.48
CA LYS B 682 -9.28 14.35 -15.32
C LYS B 682 -9.06 13.34 -16.43
N SER B 683 -9.15 12.06 -16.08
CA SER B 683 -9.01 10.95 -17.04
C SER B 683 -7.59 10.88 -17.59
N VAL B 684 -6.86 9.84 -17.21
CA VAL B 684 -5.50 9.63 -17.69
C VAL B 684 -5.53 8.65 -18.87
N THR B 685 -5.82 9.17 -20.06
CA THR B 685 -5.98 8.36 -21.25
C THR B 685 -4.67 8.11 -21.99
N VAL B 686 -3.53 8.56 -21.43
CA VAL B 686 -2.23 8.39 -22.05
C VAL B 686 -1.23 8.02 -20.96
N GLU B 687 -0.56 6.89 -21.12
CA GLU B 687 0.42 6.44 -20.13
C GLU B 687 1.80 7.02 -20.44
#